data_7PM4
#
_entry.id   7PM4
#
_cell.length_a   1.00
_cell.length_b   1.00
_cell.length_c   1.00
_cell.angle_alpha   90.00
_cell.angle_beta   90.00
_cell.angle_gamma   90.00
#
_symmetry.space_group_name_H-M   'P 1'
#
loop_
_entity.id
_entity.type
_entity.pdbx_description
1 polymer 'Tissue alpha-L-fucosidase'
2 non-polymer 2-acetamido-2-deoxy-beta-D-glucopyranose
3 non-polymer (2S,3R,4S,5R)-2-METHYLPIPERIDINE-3,4,5-TRIOL
4 water water
#
_entity_poly.entity_id   1
_entity_poly.type   'polypeptide(L)'
_entity_poly.pdbx_seq_one_letter_code
;GQPPRRYTPDWPSLDSRPLPAWFDEAKFGVFIHWGVFSVPAWGSEWFWWHWQGEGRPQYQRFMRDNYPPGFSYADFGPQF
TARFFHPEEWADLFQAAGAKYVVLTTKHHEGFTNWPSPVSWNWNSKDVGPHRDLVGELGTALRKRNIRYGLYHSLLEWFH
PLYLLDKKNGFKTQHFVSAKTMPELYDLVNSYKPDLIWSDGEWECPDTYWNSTNFLSWLYNDSPVKDEVVVNDRWGQNCS
CHHGGYYNCEDKFKPQSLPDHKWEMCTSIDKFSWGYRRDMALSDVTEESEIISELVQTVSLGGNYLLNIGPTKDGLIVPI
FQERLLAVGKWLSINGEAIYASKPWRVQWEKNTTSVWYTSKGSAVYAIFLHWPENGVLNLESPITTSTTKITMLGIQGDL
KWSTDPDKGLFISLPQLPPSAVPAEFAWTIKLTGVK
;
_entity_poly.pdbx_strand_id   A,B,C,D
#
# COMPACT_ATOMS: atom_id res chain seq x y z
N ARG A 6 24.78 -38.02 -32.49
CA ARG A 6 24.20 -38.49 -31.24
C ARG A 6 25.20 -38.43 -30.10
N TYR A 7 24.76 -37.95 -28.94
CA TYR A 7 25.59 -37.82 -27.76
C TYR A 7 24.99 -38.62 -26.62
N THR A 8 25.83 -39.03 -25.68
CA THR A 8 25.40 -39.85 -24.57
C THR A 8 25.58 -39.11 -23.24
N PRO A 9 24.78 -39.45 -22.23
CA PRO A 9 24.84 -38.69 -20.97
C PRO A 9 26.12 -38.93 -20.19
N ASP A 10 27.23 -38.40 -20.69
CA ASP A 10 28.50 -38.46 -19.98
C ASP A 10 29.39 -37.32 -20.47
N TRP A 11 30.21 -36.80 -19.57
CA TRP A 11 31.02 -35.63 -19.90
C TRP A 11 32.00 -35.85 -21.04
N PRO A 12 32.71 -36.98 -21.16
CA PRO A 12 33.58 -37.15 -22.35
C PRO A 12 32.82 -37.09 -23.66
N SER A 13 31.59 -37.57 -23.70
CA SER A 13 30.80 -37.46 -24.93
C SER A 13 30.27 -36.05 -25.14
N LEU A 14 29.82 -35.40 -24.06
CA LEU A 14 29.21 -34.08 -24.19
C LEU A 14 30.23 -33.02 -24.55
N ASP A 15 31.44 -33.12 -24.00
CA ASP A 15 32.48 -32.11 -24.24
C ASP A 15 33.03 -32.15 -25.65
N SER A 16 32.72 -33.19 -26.44
CA SER A 16 33.23 -33.29 -27.80
C SER A 16 32.38 -32.53 -28.81
N ARG A 17 31.27 -31.95 -28.40
CA ARG A 17 30.40 -31.23 -29.31
C ARG A 17 31.06 -29.92 -29.74
N PRO A 18 31.26 -29.68 -31.04
CA PRO A 18 31.83 -28.40 -31.47
C PRO A 18 30.86 -27.25 -31.26
N LEU A 19 31.41 -26.10 -30.90
CA LEU A 19 30.58 -24.94 -30.64
C LEU A 19 30.02 -24.37 -31.94
N PRO A 20 28.75 -23.99 -31.97
CA PRO A 20 28.24 -23.23 -33.13
C PRO A 20 29.01 -21.93 -33.31
N ALA A 21 29.24 -21.58 -34.58
CA ALA A 21 30.14 -20.47 -34.90
C ALA A 21 29.57 -19.11 -34.53
N TRP A 22 28.25 -19.00 -34.34
CA TRP A 22 27.67 -17.70 -34.05
C TRP A 22 28.18 -17.14 -32.72
N PHE A 23 28.35 -18.01 -31.72
CA PHE A 23 28.80 -17.54 -30.41
C PHE A 23 30.19 -16.94 -30.49
N ASP A 24 31.10 -17.60 -31.22
CA ASP A 24 32.43 -17.03 -31.40
C ASP A 24 32.38 -15.75 -32.22
N GLU A 25 31.52 -15.69 -33.24
CA GLU A 25 31.46 -14.50 -34.07
C GLU A 25 30.77 -13.32 -33.38
N ALA A 26 30.08 -13.56 -32.27
CA ALA A 26 29.33 -12.49 -31.60
C ALA A 26 30.27 -11.54 -30.86
N LYS A 27 31.01 -12.06 -29.88
CA LYS A 27 32.07 -11.36 -29.16
C LYS A 27 31.57 -10.31 -28.17
N PHE A 28 30.28 -10.02 -28.14
CA PHE A 28 29.74 -9.00 -27.24
C PHE A 28 28.26 -9.25 -27.00
N GLY A 29 27.89 -9.47 -25.74
CA GLY A 29 26.51 -9.66 -25.36
C GLY A 29 26.16 -8.77 -24.17
N VAL A 30 24.85 -8.67 -23.91
CA VAL A 30 24.32 -7.87 -22.82
C VAL A 30 23.64 -8.78 -21.82
N PHE A 31 24.04 -8.67 -20.56
CA PHE A 31 23.49 -9.46 -19.46
C PHE A 31 22.42 -8.64 -18.74
N ILE A 32 21.28 -9.26 -18.47
CA ILE A 32 20.18 -8.60 -17.78
C ILE A 32 19.84 -9.40 -16.52
N HIS A 33 20.00 -8.75 -15.37
CA HIS A 33 19.62 -9.31 -14.08
C HIS A 33 18.34 -8.59 -13.64
N TRP A 34 17.22 -9.30 -13.67
CA TRP A 34 15.92 -8.70 -13.41
C TRP A 34 15.05 -9.69 -12.66
N GLY A 35 14.48 -9.25 -11.54
CA GLY A 35 13.65 -10.12 -10.74
C GLY A 35 13.09 -9.40 -9.55
N VAL A 36 12.61 -10.19 -8.58
CA VAL A 36 12.02 -9.64 -7.37
C VAL A 36 13.05 -8.85 -6.57
N PHE A 37 14.34 -9.22 -6.68
CA PHE A 37 15.38 -8.49 -5.97
C PHE A 37 15.48 -7.03 -6.42
N SER A 38 14.91 -6.70 -7.57
CA SER A 38 14.87 -5.32 -8.03
C SER A 38 13.90 -4.45 -7.24
N VAL A 39 13.01 -5.05 -6.44
CA VAL A 39 12.04 -4.29 -5.66
C VAL A 39 12.73 -3.66 -4.46
N PRO A 40 13.43 -4.41 -3.60
CA PRO A 40 14.23 -3.73 -2.57
C PRO A 40 15.31 -2.84 -3.17
N ALA A 41 15.95 -3.30 -4.25
CA ALA A 41 16.98 -2.53 -4.97
C ALA A 41 18.02 -1.96 -4.02
N TRP A 42 18.51 -2.81 -3.12
CA TRP A 42 19.45 -2.38 -2.10
C TRP A 42 20.41 -3.50 -1.79
N GLY A 43 21.69 -3.15 -1.65
CA GLY A 43 22.72 -4.12 -1.34
C GLY A 43 23.22 -4.88 -2.56
N SER A 44 22.43 -5.86 -3.00
CA SER A 44 22.75 -6.66 -4.18
C SER A 44 21.54 -7.52 -4.51
N GLU A 45 21.69 -8.36 -5.54
CA GLU A 45 20.68 -9.36 -5.86
C GLU A 45 20.65 -10.50 -4.87
N TRP A 46 21.63 -10.57 -3.96
CA TRP A 46 21.65 -11.53 -2.87
C TRP A 46 20.94 -11.01 -1.62
N PHE A 47 19.98 -10.11 -1.79
CA PHE A 47 19.32 -9.48 -0.65
C PHE A 47 18.68 -10.51 0.27
N TRP A 48 17.98 -11.49 -0.29
CA TRP A 48 17.26 -12.45 0.53
C TRP A 48 18.23 -13.27 1.37
N TRP A 49 19.34 -13.72 0.79
CA TRP A 49 20.31 -14.51 1.55
C TRP A 49 21.00 -13.67 2.63
N HIS A 50 21.43 -12.46 2.28
CA HIS A 50 22.09 -11.61 3.26
C HIS A 50 21.15 -11.24 4.40
N TRP A 51 19.85 -11.11 4.11
CA TRP A 51 18.90 -10.68 5.12
C TRP A 51 18.46 -11.86 6.00
N GLN A 52 18.06 -12.97 5.40
CA GLN A 52 17.52 -14.10 6.15
C GLN A 52 18.49 -15.26 6.30
N GLY A 53 19.25 -15.59 5.24
CA GLY A 53 20.18 -16.69 5.33
C GLY A 53 21.45 -16.41 6.11
N GLU A 54 21.79 -15.13 6.27
CA GLU A 54 22.97 -14.74 7.04
C GLU A 54 22.64 -13.82 8.21
N GLY A 55 21.55 -13.07 8.15
CA GLY A 55 21.19 -12.16 9.21
C GLY A 55 22.14 -11.00 9.41
N ARG A 56 22.62 -10.41 8.32
CA ARG A 56 23.50 -9.26 8.43
C ARG A 56 22.73 -8.08 9.03
N PRO A 57 23.30 -7.38 10.01
CA PRO A 57 22.55 -6.32 10.70
C PRO A 57 22.10 -5.19 9.79
N GLN A 58 22.87 -4.87 8.74
CA GLN A 58 22.48 -3.77 7.84
C GLN A 58 21.19 -4.08 7.10
N TYR A 59 21.03 -5.32 6.62
CA TYR A 59 19.81 -5.69 5.90
C TYR A 59 18.61 -5.74 6.83
N GLN A 60 18.81 -6.25 8.06
CA GLN A 60 17.74 -6.23 9.05
C GLN A 60 17.33 -4.81 9.39
N ARG A 61 18.31 -3.91 9.50
CA ARG A 61 18.00 -2.50 9.75
C ARG A 61 17.24 -1.88 8.60
N PHE A 62 17.63 -2.20 7.36
CA PHE A 62 16.92 -1.69 6.19
C PHE A 62 15.47 -2.15 6.18
N MET A 63 15.25 -3.44 6.46
CA MET A 63 13.88 -3.96 6.50
C MET A 63 13.09 -3.37 7.65
N ARG A 64 13.74 -3.12 8.78
CA ARG A 64 13.07 -2.48 9.92
C ARG A 64 12.63 -1.07 9.58
N ASP A 65 13.50 -0.30 8.93
CA ASP A 65 13.23 1.10 8.67
C ASP A 65 12.31 1.33 7.47
N ASN A 66 12.23 0.38 6.54
CA ASN A 66 11.51 0.63 5.31
C ASN A 66 10.22 -0.16 5.16
N TYR A 67 9.95 -1.14 6.02
CA TYR A 67 8.79 -2.00 5.86
C TYR A 67 8.21 -2.34 7.23
N PRO A 68 6.92 -2.68 7.29
CA PRO A 68 6.31 -3.03 8.57
C PRO A 68 6.92 -4.30 9.15
N PRO A 69 6.83 -4.49 10.47
CA PRO A 69 7.40 -5.69 11.07
C PRO A 69 6.76 -6.96 10.52
N GLY A 70 7.56 -8.01 10.41
CA GLY A 70 7.10 -9.26 9.85
C GLY A 70 7.05 -9.31 8.34
N PHE A 71 7.45 -8.23 7.66
CA PHE A 71 7.47 -8.24 6.20
C PHE A 71 8.42 -9.34 5.71
N SER A 72 7.95 -10.14 4.77
CA SER A 72 8.71 -11.25 4.22
C SER A 72 9.10 -10.96 2.78
N TYR A 73 10.02 -11.77 2.26
CA TYR A 73 10.51 -11.55 0.91
C TYR A 73 9.43 -11.81 -0.14
N ALA A 74 8.53 -12.76 0.14
CA ALA A 74 7.44 -13.03 -0.81
C ALA A 74 6.52 -11.84 -0.95
N ASP A 75 6.39 -11.01 0.08
CA ASP A 75 5.57 -9.81 -0.02
C ASP A 75 6.12 -8.81 -1.02
N PHE A 76 7.40 -8.92 -1.38
CA PHE A 76 7.94 -8.09 -2.45
C PHE A 76 7.31 -8.40 -3.80
N GLY A 77 6.66 -9.57 -3.94
CA GLY A 77 6.15 -10.03 -5.21
C GLY A 77 5.20 -9.08 -5.90
N PRO A 78 4.11 -8.70 -5.22
CA PRO A 78 3.17 -7.75 -5.84
C PRO A 78 3.80 -6.41 -6.19
N GLN A 79 4.83 -5.98 -5.46
CA GLN A 79 5.46 -4.69 -5.72
C GLN A 79 6.29 -4.68 -6.98
N PHE A 80 6.56 -5.83 -7.58
CA PHE A 80 7.32 -5.92 -8.83
C PHE A 80 6.37 -5.63 -10.00
N THR A 81 5.97 -4.36 -10.09
CA THR A 81 4.91 -3.97 -11.03
C THR A 81 5.40 -4.02 -12.47
N ALA A 82 6.58 -3.47 -12.75
CA ALA A 82 7.17 -3.44 -14.08
C ALA A 82 6.21 -2.83 -15.10
N ARG A 83 5.60 -1.71 -14.73
CA ARG A 83 4.56 -1.10 -15.55
C ARG A 83 5.12 -0.19 -16.64
N PHE A 84 6.42 0.08 -16.65
CA PHE A 84 7.05 0.87 -17.71
C PHE A 84 7.96 0.01 -18.57
N PHE A 85 7.81 -1.31 -18.51
CA PHE A 85 8.63 -2.21 -19.31
C PHE A 85 8.19 -2.16 -20.77
N HIS A 86 9.11 -1.79 -21.65
CA HIS A 86 8.86 -1.73 -23.09
C HIS A 86 9.96 -2.51 -23.79
N PRO A 87 9.73 -3.80 -24.07
CA PRO A 87 10.80 -4.62 -24.64
C PRO A 87 11.34 -4.13 -25.98
N GLU A 88 10.52 -3.44 -26.78
CA GLU A 88 11.02 -2.91 -28.04
C GLU A 88 12.08 -1.85 -27.82
N GLU A 89 11.88 -0.99 -26.82
CA GLU A 89 12.89 0.00 -26.47
C GLU A 89 14.17 -0.66 -25.97
N TRP A 90 14.03 -1.71 -25.16
CA TRP A 90 15.19 -2.47 -24.71
C TRP A 90 15.96 -3.05 -25.90
N ALA A 91 15.24 -3.67 -26.83
CA ALA A 91 15.90 -4.27 -27.98
C ALA A 91 16.56 -3.23 -28.85
N ASP A 92 15.92 -2.06 -29.04
CA ASP A 92 16.54 -0.99 -29.80
C ASP A 92 17.81 -0.49 -29.13
N LEU A 93 17.80 -0.37 -27.80
CA LEU A 93 19.00 0.06 -27.09
C LEU A 93 20.12 -0.98 -27.22
N PHE A 94 19.77 -2.26 -27.09
CA PHE A 94 20.78 -3.32 -27.22
C PHE A 94 21.35 -3.35 -28.63
N GLN A 95 20.51 -3.14 -29.65
CA GLN A 95 21.01 -3.04 -31.02
C GLN A 95 21.94 -1.86 -31.18
N ALA A 96 21.57 -0.70 -30.63
CA ALA A 96 22.41 0.48 -30.72
C ALA A 96 23.69 0.36 -29.90
N ALA A 97 23.74 -0.60 -28.97
CA ALA A 97 24.95 -0.85 -28.20
C ALA A 97 25.91 -1.79 -28.90
N GLY A 98 25.54 -2.32 -30.06
CA GLY A 98 26.37 -3.27 -30.76
C GLY A 98 26.31 -4.68 -30.24
N ALA A 99 25.39 -4.97 -29.32
CA ALA A 99 25.29 -6.31 -28.76
C ALA A 99 24.78 -7.30 -29.80
N LYS A 100 25.42 -8.46 -29.86
CA LYS A 100 25.00 -9.52 -30.76
C LYS A 100 24.12 -10.57 -30.09
N TYR A 101 24.14 -10.66 -28.77
CA TYR A 101 23.27 -11.56 -28.04
C TYR A 101 22.92 -10.96 -26.70
N VAL A 102 21.76 -11.35 -26.17
CA VAL A 102 21.25 -10.82 -24.92
C VAL A 102 20.85 -11.99 -24.04
N VAL A 103 21.40 -12.04 -22.82
CA VAL A 103 21.11 -13.09 -21.86
C VAL A 103 20.32 -12.49 -20.71
N LEU A 104 19.08 -12.95 -20.54
CA LEU A 104 18.19 -12.47 -19.50
C LEU A 104 18.02 -13.53 -18.43
N THR A 105 18.02 -13.11 -17.16
CA THR A 105 17.80 -14.05 -16.06
C THR A 105 16.33 -14.45 -16.03
N THR A 106 16.03 -15.71 -16.38
CA THR A 106 14.67 -16.20 -16.26
C THR A 106 14.31 -16.55 -14.82
N LYS A 107 15.27 -17.04 -14.05
CA LYS A 107 15.06 -17.37 -12.64
C LYS A 107 16.40 -17.28 -11.92
N HIS A 108 16.40 -16.61 -10.77
CA HIS A 108 17.59 -16.47 -9.95
C HIS A 108 17.42 -17.31 -8.68
N HIS A 109 18.36 -17.15 -7.75
CA HIS A 109 18.36 -17.96 -6.54
C HIS A 109 17.11 -17.73 -5.69
N GLU A 110 16.41 -16.62 -5.88
CA GLU A 110 15.15 -16.39 -5.17
C GLU A 110 14.06 -17.35 -5.60
N GLY A 111 14.23 -18.03 -6.74
CA GLY A 111 13.25 -18.99 -7.21
C GLY A 111 12.07 -18.39 -7.95
N PHE A 112 12.08 -17.09 -8.19
CA PHE A 112 10.99 -16.41 -8.88
C PHE A 112 11.23 -16.47 -10.37
N THR A 113 10.37 -17.17 -11.09
CA THR A 113 10.53 -17.34 -12.53
C THR A 113 9.89 -16.19 -13.29
N ASN A 114 10.61 -15.68 -14.29
CA ASN A 114 10.14 -14.56 -15.10
C ASN A 114 9.21 -14.99 -16.22
N TRP A 115 8.74 -16.23 -16.20
CA TRP A 115 7.79 -16.75 -17.17
C TRP A 115 6.77 -17.60 -16.42
N PRO A 116 5.61 -17.87 -17.03
CA PRO A 116 4.58 -18.66 -16.32
C PRO A 116 4.97 -20.12 -16.15
N SER A 117 5.80 -20.40 -15.15
CA SER A 117 6.24 -21.75 -14.89
C SER A 117 5.13 -22.54 -14.19
N PRO A 118 4.76 -23.72 -14.71
CA PRO A 118 3.76 -24.54 -14.01
C PRO A 118 4.21 -25.01 -12.64
N VAL A 119 5.52 -25.11 -12.38
CA VAL A 119 6.03 -25.60 -11.12
C VAL A 119 6.45 -24.46 -10.19
N SER A 120 6.11 -23.23 -10.52
CA SER A 120 6.37 -22.07 -9.69
C SER A 120 5.09 -21.25 -9.52
N TRP A 121 4.00 -21.95 -9.19
CA TRP A 121 2.69 -21.32 -9.12
C TRP A 121 2.65 -20.22 -8.08
N ASN A 122 2.08 -19.08 -8.46
CA ASN A 122 1.92 -17.89 -7.63
C ASN A 122 3.26 -17.31 -7.19
N TRP A 123 4.36 -17.75 -7.77
CA TRP A 123 5.69 -17.21 -7.54
C TRP A 123 6.39 -17.01 -8.87
N ASN A 124 5.67 -16.44 -9.84
CA ASN A 124 6.18 -16.19 -11.17
C ASN A 124 5.68 -14.83 -11.65
N SER A 125 6.29 -14.33 -12.71
CA SER A 125 5.98 -12.98 -13.19
C SER A 125 4.58 -12.88 -13.75
N LYS A 126 3.94 -13.99 -14.09
CA LYS A 126 2.58 -13.95 -14.63
C LYS A 126 1.52 -13.94 -13.54
N ASP A 127 1.68 -14.76 -12.50
CA ASP A 127 0.65 -14.85 -11.47
C ASP A 127 0.70 -13.63 -10.55
N VAL A 128 1.89 -13.14 -10.22
CA VAL A 128 2.05 -12.01 -9.33
C VAL A 128 3.05 -11.04 -9.95
N GLY A 129 3.00 -9.79 -9.47
CA GLY A 129 3.94 -8.78 -9.89
C GLY A 129 3.60 -8.21 -11.26
N PRO A 130 4.47 -8.43 -12.24
CA PRO A 130 4.26 -7.83 -13.57
C PRO A 130 3.00 -8.29 -14.26
N HIS A 131 2.48 -9.47 -13.93
CA HIS A 131 1.34 -10.07 -14.63
C HIS A 131 1.62 -10.21 -16.13
N ARG A 132 2.86 -10.56 -16.45
CA ARG A 132 3.29 -10.71 -17.84
C ARG A 132 4.27 -11.86 -17.94
N ASP A 133 4.46 -12.33 -19.17
CA ASP A 133 5.54 -13.25 -19.51
C ASP A 133 6.70 -12.41 -20.01
N LEU A 134 7.59 -12.03 -19.08
CA LEU A 134 8.71 -11.17 -19.44
C LEU A 134 9.65 -11.84 -20.43
N VAL A 135 9.95 -13.13 -20.21
CA VAL A 135 10.87 -13.85 -21.08
C VAL A 135 10.34 -13.88 -22.50
N GLY A 136 9.05 -14.19 -22.66
CA GLY A 136 8.48 -14.25 -24.00
C GLY A 136 8.47 -12.92 -24.71
N GLU A 137 8.09 -11.85 -23.99
CA GLU A 137 8.04 -10.52 -24.62
C GLU A 137 9.43 -10.07 -25.05
N LEU A 138 10.42 -10.21 -24.17
CA LEU A 138 11.77 -9.83 -24.53
C LEU A 138 12.29 -10.68 -25.68
N GLY A 139 11.97 -11.98 -25.67
CA GLY A 139 12.40 -12.84 -26.76
C GLY A 139 11.81 -12.44 -28.09
N THR A 140 10.52 -12.09 -28.11
CA THR A 140 9.90 -11.63 -29.34
C THR A 140 10.57 -10.35 -29.83
N ALA A 141 10.80 -9.40 -28.92
CA ALA A 141 11.43 -8.13 -29.30
C ALA A 141 12.83 -8.36 -29.87
N LEU A 142 13.60 -9.25 -29.24
CA LEU A 142 14.97 -9.48 -29.69
C LEU A 142 15.00 -10.26 -31.00
N ARG A 143 14.12 -11.25 -31.15
CA ARG A 143 14.06 -12.02 -32.39
C ARG A 143 13.63 -11.16 -33.57
N LYS A 144 12.83 -10.12 -33.32
CA LYS A 144 12.46 -9.21 -34.39
C LYS A 144 13.67 -8.43 -34.92
N ARG A 145 14.74 -8.32 -34.13
CA ARG A 145 15.91 -7.54 -34.51
C ARG A 145 17.15 -8.41 -34.75
N ASN A 146 16.96 -9.72 -34.97
CA ASN A 146 18.05 -10.64 -35.28
C ASN A 146 19.11 -10.69 -34.18
N ILE A 147 18.69 -10.55 -32.92
CA ILE A 147 19.59 -10.64 -31.78
C ILE A 147 19.39 -11.99 -31.12
N ARG A 148 20.48 -12.69 -30.85
CA ARG A 148 20.41 -14.00 -30.24
C ARG A 148 19.93 -13.90 -28.79
N TYR A 149 19.23 -14.93 -28.35
CA TYR A 149 18.59 -14.96 -27.03
C TYR A 149 19.27 -16.00 -26.15
N GLY A 150 19.54 -15.61 -24.91
CA GLY A 150 20.10 -16.52 -23.93
C GLY A 150 19.32 -16.44 -22.65
N LEU A 151 19.06 -17.60 -22.06
CA LEU A 151 18.28 -17.72 -20.84
C LEU A 151 19.22 -18.10 -19.70
N TYR A 152 19.25 -17.26 -18.66
CA TYR A 152 20.01 -17.55 -17.45
C TYR A 152 19.09 -18.31 -16.50
N HIS A 153 19.54 -19.48 -16.06
CA HIS A 153 18.79 -20.29 -15.12
C HIS A 153 19.68 -20.66 -13.94
N SER A 154 19.21 -20.36 -12.73
CA SER A 154 19.90 -20.76 -11.52
C SER A 154 19.40 -22.12 -11.07
N LEU A 155 20.32 -23.06 -10.86
CA LEU A 155 19.92 -24.41 -10.46
C LEU A 155 19.38 -24.42 -9.03
N LEU A 156 20.04 -23.74 -8.11
CA LEU A 156 19.66 -23.79 -6.71
C LEU A 156 18.68 -22.66 -6.38
N GLU A 157 17.95 -22.86 -5.29
CA GLU A 157 17.14 -21.82 -4.66
C GLU A 157 17.45 -21.82 -3.18
N TRP A 158 17.64 -20.62 -2.61
CA TRP A 158 18.15 -20.53 -1.24
C TRP A 158 17.21 -21.20 -0.24
N PHE A 159 15.92 -20.86 -0.28
CA PHE A 159 15.00 -21.21 0.79
C PHE A 159 13.87 -22.12 0.33
N HIS A 160 13.98 -22.71 -0.85
CA HIS A 160 12.95 -23.64 -1.28
C HIS A 160 12.96 -24.86 -0.37
N PRO A 161 11.81 -25.26 0.19
CA PRO A 161 11.81 -26.36 1.16
C PRO A 161 12.33 -27.69 0.60
N LEU A 162 12.06 -27.98 -0.67
CA LEU A 162 12.52 -29.24 -1.24
C LEU A 162 14.04 -29.25 -1.41
N TYR A 163 14.62 -28.11 -1.81
CA TYR A 163 16.07 -28.02 -1.89
C TYR A 163 16.71 -28.14 -0.53
N LEU A 164 16.11 -27.51 0.48
CA LEU A 164 16.63 -27.63 1.85
C LEU A 164 16.54 -29.07 2.34
N LEU A 165 15.46 -29.77 2.00
CA LEU A 165 15.33 -31.17 2.36
C LEU A 165 16.39 -32.02 1.68
N ASP A 166 16.65 -31.78 0.39
CA ASP A 166 17.70 -32.51 -0.31
C ASP A 166 19.07 -32.23 0.32
N LYS A 167 19.33 -30.98 0.69
CA LYS A 167 20.59 -30.64 1.33
C LYS A 167 20.73 -31.32 2.68
N LYS A 168 19.63 -31.39 3.44
CA LYS A 168 19.65 -32.08 4.73
C LYS A 168 19.97 -33.55 4.57
N ASN A 169 19.53 -34.17 3.48
CA ASN A 169 19.77 -35.58 3.22
C ASN A 169 21.12 -35.83 2.56
N GLY A 170 21.96 -34.81 2.43
CA GLY A 170 23.22 -34.99 1.75
C GLY A 170 23.12 -35.13 0.25
N PHE A 171 22.02 -34.63 -0.34
CA PHE A 171 21.77 -34.71 -1.78
C PHE A 171 21.70 -36.15 -2.27
N LYS A 172 21.29 -37.07 -1.39
CA LYS A 172 20.96 -38.43 -1.79
C LYS A 172 19.53 -38.56 -2.30
N THR A 173 18.69 -37.55 -2.07
CA THR A 173 17.37 -37.46 -2.66
C THR A 173 17.36 -36.35 -3.70
N GLN A 174 16.40 -36.43 -4.62
CA GLN A 174 16.34 -35.50 -5.74
C GLN A 174 14.93 -34.93 -5.88
N HIS A 175 14.31 -34.57 -4.76
CA HIS A 175 12.97 -33.99 -4.81
C HIS A 175 12.98 -32.65 -5.52
N PHE A 176 13.95 -31.79 -5.19
CA PHE A 176 13.99 -30.45 -5.78
C PHE A 176 14.24 -30.51 -7.29
N VAL A 177 15.14 -31.40 -7.72
CA VAL A 177 15.48 -31.47 -9.14
C VAL A 177 14.29 -31.96 -9.95
N SER A 178 13.61 -33.01 -9.47
CA SER A 178 12.48 -33.55 -10.21
C SER A 178 11.26 -32.64 -10.13
N ALA A 179 11.14 -31.85 -9.06
CA ALA A 179 9.95 -31.02 -8.89
C ALA A 179 10.06 -29.72 -9.68
N LYS A 180 11.17 -29.00 -9.53
CA LYS A 180 11.27 -27.64 -10.04
C LYS A 180 12.33 -27.46 -11.12
N THR A 181 13.58 -27.85 -10.86
CA THR A 181 14.69 -27.41 -11.69
C THR A 181 14.61 -27.98 -13.10
N MET A 182 14.64 -29.31 -13.22
CA MET A 182 14.60 -29.93 -14.53
C MET A 182 13.34 -29.60 -15.32
N PRO A 183 12.13 -29.66 -14.75
CA PRO A 183 10.95 -29.22 -15.52
C PRO A 183 11.06 -27.79 -16.01
N GLU A 184 11.63 -26.90 -15.19
CA GLU A 184 11.80 -25.51 -15.62
C GLU A 184 12.77 -25.41 -16.78
N LEU A 185 13.87 -26.16 -16.73
CA LEU A 185 14.81 -26.14 -17.85
C LEU A 185 14.16 -26.68 -19.13
N TYR A 186 13.40 -27.76 -19.01
CA TYR A 186 12.73 -28.32 -20.19
C TYR A 186 11.71 -27.34 -20.77
N ASP A 187 10.95 -26.67 -19.91
CA ASP A 187 9.99 -25.69 -20.37
C ASP A 187 10.68 -24.48 -21.01
N LEU A 188 11.81 -24.05 -20.43
CA LEU A 188 12.57 -22.95 -20.99
C LEU A 188 13.18 -23.29 -22.35
N VAL A 189 13.47 -24.57 -22.58
CA VAL A 189 14.04 -24.95 -23.87
C VAL A 189 12.94 -25.15 -24.91
N ASN A 190 11.85 -25.82 -24.53
CA ASN A 190 10.81 -26.14 -25.50
C ASN A 190 10.03 -24.90 -25.93
N SER A 191 9.98 -23.87 -25.10
CA SER A 191 9.40 -22.59 -25.46
C SER A 191 10.49 -21.53 -25.40
N TYR A 192 10.31 -20.48 -26.21
CA TYR A 192 11.25 -19.35 -26.33
C TYR A 192 12.52 -19.73 -27.07
N LYS A 193 12.69 -21.03 -27.37
CA LYS A 193 13.74 -21.60 -28.21
C LYS A 193 15.08 -20.90 -28.03
N PRO A 194 15.71 -21.02 -26.87
CA PRO A 194 16.91 -20.22 -26.58
C PRO A 194 18.09 -20.58 -27.47
N ASP A 195 18.91 -19.57 -27.76
CA ASP A 195 20.19 -19.80 -28.41
C ASP A 195 21.29 -20.07 -27.42
N LEU A 196 21.18 -19.55 -26.19
CA LEU A 196 22.18 -19.74 -25.16
C LEU A 196 21.52 -20.15 -23.85
N ILE A 197 22.19 -20.99 -23.09
CA ILE A 197 21.77 -21.36 -21.75
C ILE A 197 22.89 -21.02 -20.79
N TRP A 198 22.63 -20.10 -19.86
CA TRP A 198 23.60 -19.63 -18.89
C TRP A 198 23.20 -20.24 -17.55
N SER A 199 23.83 -21.35 -17.18
CA SER A 199 23.49 -22.03 -15.94
C SER A 199 24.24 -21.41 -14.77
N ASP A 200 23.62 -21.50 -13.59
CA ASP A 200 24.21 -20.93 -12.39
C ASP A 200 23.68 -21.69 -11.17
N GLY A 201 24.16 -21.30 -10.00
CA GLY A 201 23.71 -21.91 -8.76
C GLY A 201 24.05 -23.38 -8.63
N GLU A 202 25.30 -23.74 -8.93
CA GLU A 202 25.70 -25.14 -9.01
C GLU A 202 26.81 -25.52 -8.03
N TRP A 203 27.31 -24.58 -7.24
CA TRP A 203 28.50 -24.85 -6.43
C TRP A 203 28.25 -25.74 -5.23
N GLU A 204 26.99 -26.04 -4.91
CA GLU A 204 26.67 -26.80 -3.70
C GLU A 204 26.50 -28.29 -3.94
N CYS A 205 26.25 -28.71 -5.18
CA CYS A 205 25.90 -30.10 -5.45
C CYS A 205 26.69 -30.63 -6.63
N PRO A 206 26.90 -31.95 -6.69
CA PRO A 206 27.54 -32.54 -7.87
C PRO A 206 26.61 -32.54 -9.07
N ASP A 207 27.20 -32.77 -10.24
CA ASP A 207 26.42 -32.81 -11.47
C ASP A 207 25.47 -34.01 -11.50
N THR A 208 25.81 -35.08 -10.78
CA THR A 208 24.93 -36.25 -10.72
C THR A 208 23.60 -35.90 -10.05
N TYR A 209 23.65 -35.10 -8.98
CA TYR A 209 22.43 -34.66 -8.32
C TYR A 209 21.58 -33.81 -9.26
N TRP A 210 22.21 -32.89 -9.98
CA TRP A 210 21.49 -31.96 -10.84
C TRP A 210 20.97 -32.59 -12.12
N ASN A 211 21.35 -33.83 -12.43
CA ASN A 211 20.94 -34.52 -13.66
C ASN A 211 21.42 -33.77 -14.90
N SER A 212 22.59 -33.13 -14.79
CA SER A 212 23.06 -32.25 -15.87
C SER A 212 23.37 -33.02 -17.14
N THR A 213 23.99 -34.20 -17.02
CA THR A 213 24.38 -34.94 -18.21
C THR A 213 23.18 -35.39 -19.02
N ASN A 214 22.13 -35.87 -18.34
CA ASN A 214 20.92 -36.29 -19.06
C ASN A 214 20.27 -35.11 -19.76
N PHE A 215 20.15 -33.97 -19.09
CA PHE A 215 19.55 -32.81 -19.71
C PHE A 215 20.36 -32.33 -20.91
N LEU A 216 21.69 -32.33 -20.77
CA LEU A 216 22.54 -31.87 -21.87
C LEU A 216 22.49 -32.83 -23.05
N SER A 217 22.42 -34.14 -22.79
CA SER A 217 22.27 -35.09 -23.87
C SER A 217 20.94 -34.90 -24.59
N TRP A 218 19.86 -34.69 -23.83
CA TRP A 218 18.57 -34.42 -24.46
C TRP A 218 18.61 -33.14 -25.26
N LEU A 219 19.26 -32.10 -24.73
CA LEU A 219 19.35 -30.82 -25.43
C LEU A 219 20.12 -30.96 -26.73
N TYR A 220 21.20 -31.73 -26.72
CA TYR A 220 22.01 -31.91 -27.92
C TYR A 220 21.39 -32.88 -28.92
N ASN A 221 20.47 -33.75 -28.48
CA ASN A 221 19.94 -34.77 -29.36
C ASN A 221 18.54 -34.47 -29.88
N ASP A 222 17.59 -34.15 -29.00
CA ASP A 222 16.18 -34.08 -29.39
C ASP A 222 15.53 -32.73 -29.10
N SER A 223 16.28 -31.75 -28.63
CA SER A 223 15.68 -30.46 -28.36
C SER A 223 15.49 -29.67 -29.65
N PRO A 224 14.53 -28.73 -29.67
CA PRO A 224 14.34 -27.91 -30.88
C PRO A 224 15.53 -27.02 -31.20
N VAL A 225 16.41 -26.77 -30.24
CA VAL A 225 17.55 -25.87 -30.44
C VAL A 225 18.85 -26.66 -30.54
N LYS A 226 18.77 -27.96 -30.81
CA LYS A 226 19.96 -28.82 -30.78
C LYS A 226 21.05 -28.35 -31.73
N ASP A 227 20.67 -27.68 -32.82
CA ASP A 227 21.65 -27.35 -33.85
C ASP A 227 22.58 -26.21 -33.43
N GLU A 228 22.03 -25.17 -32.79
CA GLU A 228 22.79 -23.95 -32.59
C GLU A 228 22.71 -23.43 -31.15
N VAL A 229 22.60 -24.32 -30.17
CA VAL A 229 22.55 -23.92 -28.76
C VAL A 229 23.93 -24.06 -28.15
N VAL A 230 24.28 -23.13 -27.27
CA VAL A 230 25.55 -23.15 -26.54
C VAL A 230 25.24 -23.02 -25.05
N VAL A 231 26.02 -23.71 -24.22
CA VAL A 231 25.85 -23.67 -22.78
C VAL A 231 27.18 -23.33 -22.13
N ASN A 232 27.09 -22.85 -20.90
CA ASN A 232 28.27 -22.49 -20.11
C ASN A 232 28.72 -23.70 -19.29
N ASP A 233 29.60 -23.48 -18.32
CA ASP A 233 30.28 -24.56 -17.60
C ASP A 233 29.78 -24.73 -16.17
N ARG A 234 28.67 -24.11 -15.80
CA ARG A 234 28.17 -24.16 -14.42
C ARG A 234 27.08 -25.22 -14.32
N TRP A 235 27.51 -26.49 -14.32
CA TRP A 235 26.58 -27.60 -14.29
C TRP A 235 26.79 -28.52 -13.09
N GLY A 236 27.55 -28.09 -12.10
CA GLY A 236 27.77 -28.89 -10.91
C GLY A 236 29.04 -28.49 -10.22
N GLN A 237 29.31 -29.17 -9.11
CA GLN A 237 30.55 -28.94 -8.38
C GLN A 237 31.75 -29.35 -9.23
N ASN A 238 32.79 -28.51 -9.20
CA ASN A 238 34.04 -28.77 -9.93
C ASN A 238 33.80 -28.95 -11.42
N CYS A 239 32.81 -28.26 -11.96
CA CYS A 239 32.53 -28.29 -13.39
C CYS A 239 33.02 -27.05 -14.12
N SER A 240 33.28 -25.96 -13.40
CA SER A 240 33.78 -24.74 -14.03
C SER A 240 35.14 -24.99 -14.66
N CYS A 241 35.32 -24.49 -15.88
CA CYS A 241 36.53 -24.63 -16.67
C CYS A 241 36.89 -26.08 -16.98
N HIS A 242 35.95 -27.01 -16.78
CA HIS A 242 36.21 -28.42 -17.07
C HIS A 242 35.17 -29.06 -17.96
N HIS A 243 33.89 -28.72 -17.78
CA HIS A 243 32.80 -29.35 -18.49
C HIS A 243 31.81 -28.30 -18.98
N GLY A 244 31.35 -28.46 -20.21
CA GLY A 244 30.38 -27.56 -20.80
C GLY A 244 30.84 -27.03 -22.14
N GLY A 245 29.95 -26.28 -22.78
CA GLY A 245 30.23 -25.72 -24.08
C GLY A 245 31.37 -24.73 -24.07
N TYR A 246 31.16 -23.59 -23.43
CA TYR A 246 32.22 -22.61 -23.21
C TYR A 246 32.42 -22.41 -21.71
N TYR A 247 33.57 -21.89 -21.35
CA TYR A 247 33.99 -21.79 -19.95
C TYR A 247 33.77 -20.36 -19.47
N ASN A 248 32.84 -20.19 -18.52
CA ASN A 248 32.74 -18.92 -17.82
C ASN A 248 33.75 -18.81 -16.69
N CYS A 249 34.21 -19.94 -16.16
CA CYS A 249 35.18 -20.01 -15.06
C CYS A 249 34.61 -19.21 -13.89
N GLU A 250 35.35 -18.25 -13.34
CA GLU A 250 34.82 -17.42 -12.26
C GLU A 250 34.20 -16.14 -12.82
N ASP A 251 33.39 -15.49 -12.00
CA ASP A 251 32.83 -14.20 -12.36
C ASP A 251 33.96 -13.18 -12.53
N LYS A 252 33.84 -12.34 -13.56
CA LYS A 252 34.84 -11.34 -13.90
C LYS A 252 36.20 -12.00 -14.13
N PHE A 253 36.22 -13.01 -14.99
CA PHE A 253 37.42 -13.77 -15.26
C PHE A 253 38.36 -12.99 -16.17
N LYS A 254 39.62 -12.84 -15.75
CA LYS A 254 40.62 -12.09 -16.48
C LYS A 254 41.88 -12.95 -16.64
N PRO A 255 41.91 -13.81 -17.66
CA PRO A 255 43.10 -14.63 -17.89
C PRO A 255 44.30 -13.78 -18.29
N GLN A 256 45.48 -14.26 -17.90
CA GLN A 256 46.72 -13.57 -18.23
C GLN A 256 47.29 -14.00 -19.57
N SER A 257 46.98 -15.23 -20.01
CA SER A 257 47.43 -15.76 -21.28
C SER A 257 46.23 -16.27 -22.06
N LEU A 258 46.50 -16.77 -23.26
CA LEU A 258 45.43 -17.28 -24.11
C LEU A 258 44.91 -18.60 -23.57
N PRO A 259 43.63 -18.71 -23.22
CA PRO A 259 43.09 -20.01 -22.81
C PRO A 259 42.97 -20.96 -24.00
N ASP A 260 42.99 -22.26 -23.69
CA ASP A 260 42.90 -23.29 -24.70
C ASP A 260 41.46 -23.68 -25.05
N HIS A 261 40.48 -23.10 -24.36
CA HIS A 261 39.07 -23.37 -24.63
C HIS A 261 38.33 -22.03 -24.73
N LYS A 262 37.28 -22.02 -25.55
CA LYS A 262 36.49 -20.80 -25.71
C LYS A 262 35.88 -20.41 -24.38
N TRP A 263 36.00 -19.12 -24.03
CA TRP A 263 35.60 -18.63 -22.73
C TRP A 263 34.81 -17.33 -22.89
N GLU A 264 34.30 -16.83 -21.77
CA GLU A 264 33.52 -15.61 -21.76
C GLU A 264 33.71 -14.91 -20.42
N MET A 265 33.99 -13.61 -20.48
CA MET A 265 34.12 -12.79 -19.28
C MET A 265 32.83 -12.03 -19.07
N CYS A 266 32.17 -12.27 -17.94
CA CYS A 266 30.97 -11.56 -17.56
C CYS A 266 31.31 -10.55 -16.48
N THR A 267 30.90 -9.30 -16.70
CA THR A 267 31.18 -8.22 -15.78
C THR A 267 29.98 -7.29 -15.72
N SER A 268 29.87 -6.55 -14.62
CA SER A 268 28.72 -5.70 -14.36
C SER A 268 29.15 -4.23 -14.35
N ILE A 269 28.32 -3.38 -14.96
CA ILE A 269 28.58 -1.94 -14.94
C ILE A 269 28.59 -1.42 -13.51
N ASP A 270 27.65 -1.88 -12.69
CA ASP A 270 27.71 -1.65 -11.25
C ASP A 270 28.77 -2.55 -10.65
N LYS A 271 29.73 -1.96 -9.94
CA LYS A 271 30.85 -2.73 -9.39
C LYS A 271 30.48 -3.56 -8.18
N PHE A 272 29.32 -3.32 -7.56
CA PHE A 272 28.98 -3.97 -6.30
C PHE A 272 27.68 -4.76 -6.36
N SER A 273 27.08 -4.89 -7.53
CA SER A 273 25.83 -5.64 -7.64
C SER A 273 25.56 -5.97 -9.10
N TRP A 274 24.93 -7.12 -9.31
CA TRP A 274 24.39 -7.45 -10.63
C TRP A 274 22.97 -6.95 -10.81
N GLY A 275 22.18 -6.95 -9.75
CA GLY A 275 20.87 -6.35 -9.79
C GLY A 275 20.92 -4.84 -9.58
N TYR A 276 19.80 -4.20 -9.87
CA TYR A 276 19.73 -2.75 -9.78
C TYR A 276 19.76 -2.29 -8.33
N ARG A 277 20.50 -1.21 -8.08
CA ARG A 277 20.55 -0.56 -6.78
C ARG A 277 20.08 0.88 -6.95
N ARG A 278 19.12 1.29 -6.12
CA ARG A 278 18.57 2.64 -6.25
C ARG A 278 19.50 3.70 -5.67
N ASP A 279 20.33 3.33 -4.68
CA ASP A 279 21.27 4.25 -4.07
C ASP A 279 22.69 4.10 -4.62
N MET A 280 22.82 3.57 -5.84
CA MET A 280 24.13 3.39 -6.44
C MET A 280 24.76 4.75 -6.73
N ALA A 281 26.02 4.91 -6.33
CA ALA A 281 26.74 6.16 -6.52
C ALA A 281 27.44 6.16 -7.87
N LEU A 282 27.84 7.37 -8.31
CA LEU A 282 28.54 7.50 -9.58
C LEU A 282 29.88 6.77 -9.55
N SER A 283 30.54 6.74 -8.39
CA SER A 283 31.79 6.01 -8.27
C SER A 283 31.58 4.51 -8.44
N ASP A 284 30.42 3.99 -8.01
CA ASP A 284 30.12 2.57 -8.18
C ASP A 284 29.95 2.18 -9.64
N VAL A 285 29.74 3.15 -10.52
CA VAL A 285 29.51 2.87 -11.94
C VAL A 285 30.85 2.75 -12.63
N THR A 286 31.03 1.65 -13.38
CA THR A 286 32.28 1.42 -14.09
C THR A 286 32.51 2.49 -15.15
N GLU A 287 33.73 3.01 -15.22
CA GLU A 287 34.06 4.01 -16.22
C GLU A 287 34.04 3.39 -17.61
N GLU A 288 33.77 4.24 -18.61
CA GLU A 288 33.60 3.74 -19.96
C GLU A 288 34.93 3.29 -20.56
N SER A 289 36.02 3.98 -20.23
CA SER A 289 37.34 3.53 -20.67
C SER A 289 37.65 2.14 -20.12
N GLU A 290 37.26 1.88 -18.87
CA GLU A 290 37.46 0.55 -18.30
C GLU A 290 36.65 -0.51 -19.06
N ILE A 291 35.42 -0.18 -19.42
CA ILE A 291 34.58 -1.13 -20.16
C ILE A 291 35.20 -1.45 -21.50
N ILE A 292 35.65 -0.42 -22.23
CA ILE A 292 36.22 -0.65 -23.56
C ILE A 292 37.54 -1.39 -23.46
N SER A 293 38.35 -1.08 -22.43
CA SER A 293 39.60 -1.80 -22.23
C SER A 293 39.34 -3.27 -21.93
N GLU A 294 38.36 -3.56 -21.07
CA GLU A 294 38.02 -4.94 -20.77
C GLU A 294 37.54 -5.67 -22.01
N LEU A 295 36.70 -5.03 -22.82
CA LEU A 295 36.24 -5.65 -24.05
C LEU A 295 37.40 -5.95 -24.99
N VAL A 296 38.33 -5.01 -25.13
CA VAL A 296 39.47 -5.20 -26.04
C VAL A 296 40.35 -6.35 -25.54
N GLN A 297 40.65 -6.37 -24.24
CA GLN A 297 41.49 -7.42 -23.69
C GLN A 297 40.82 -8.79 -23.80
N THR A 298 39.51 -8.84 -23.59
CA THR A 298 38.80 -10.11 -23.69
C THR A 298 38.78 -10.62 -25.12
N VAL A 299 38.42 -9.76 -26.08
CA VAL A 299 38.34 -10.19 -27.46
C VAL A 299 39.72 -10.57 -28.00
N SER A 300 40.75 -9.84 -27.59
CA SER A 300 42.11 -10.17 -28.01
C SER A 300 42.54 -11.55 -27.52
N LEU A 301 42.06 -11.97 -26.35
CA LEU A 301 42.38 -13.27 -25.79
C LEU A 301 41.42 -14.37 -26.20
N GLY A 302 40.56 -14.10 -27.18
CA GLY A 302 39.69 -15.13 -27.71
C GLY A 302 38.39 -15.35 -26.98
N GLY A 303 38.05 -14.48 -26.01
CA GLY A 303 36.84 -14.64 -25.24
C GLY A 303 35.72 -13.72 -25.70
N ASN A 304 34.53 -14.03 -25.20
CA ASN A 304 33.37 -13.17 -25.39
C ASN A 304 33.21 -12.24 -24.20
N TYR A 305 32.51 -11.13 -24.41
CA TYR A 305 32.34 -10.10 -23.39
C TYR A 305 30.85 -9.98 -23.09
N LEU A 306 30.50 -10.12 -21.81
CA LEU A 306 29.11 -10.09 -21.36
C LEU A 306 28.95 -8.99 -20.32
N LEU A 307 28.37 -7.87 -20.74
CA LEU A 307 28.19 -6.70 -19.88
C LEU A 307 26.80 -6.71 -19.28
N ASN A 308 26.72 -6.53 -17.97
CA ASN A 308 25.48 -6.69 -17.22
C ASN A 308 24.89 -5.35 -16.83
N ILE A 309 23.56 -5.25 -16.95
CA ILE A 309 22.80 -4.10 -16.48
C ILE A 309 21.67 -4.60 -15.60
N GLY A 310 21.21 -3.75 -14.70
CA GLY A 310 20.10 -4.08 -13.84
C GLY A 310 18.94 -3.13 -13.99
N PRO A 311 17.83 -3.61 -14.54
CA PRO A 311 16.64 -2.76 -14.65
C PRO A 311 15.97 -2.54 -13.31
N THR A 312 15.24 -1.44 -13.23
CA THR A 312 14.47 -1.10 -12.03
C THR A 312 13.23 -1.98 -11.95
N LYS A 313 12.54 -1.89 -10.80
CA LYS A 313 11.32 -2.66 -10.61
C LYS A 313 10.20 -2.22 -11.55
N ASP A 314 10.28 -1.03 -12.12
CA ASP A 314 9.31 -0.55 -13.10
C ASP A 314 9.64 -0.98 -14.51
N GLY A 315 10.75 -1.69 -14.72
CA GLY A 315 11.12 -2.12 -16.05
C GLY A 315 11.87 -1.10 -16.88
N LEU A 316 12.57 -0.17 -16.23
CA LEU A 316 13.30 0.87 -16.92
C LEU A 316 14.80 0.67 -16.75
N ILE A 317 15.55 1.03 -17.79
CA ILE A 317 17.01 1.06 -17.74
C ILE A 317 17.43 2.50 -17.50
N VAL A 318 18.19 2.72 -16.42
CA VAL A 318 18.51 4.07 -15.96
C VAL A 318 19.41 4.77 -16.96
N PRO A 319 19.41 6.11 -17.00
CA PRO A 319 20.19 6.81 -18.03
C PRO A 319 21.68 6.55 -18.00
N ILE A 320 22.27 6.25 -16.84
CA ILE A 320 23.71 6.03 -16.79
C ILE A 320 24.09 4.72 -17.48
N PHE A 321 23.30 3.66 -17.28
CA PHE A 321 23.53 2.41 -17.99
C PHE A 321 23.34 2.60 -19.49
N GLN A 322 22.32 3.38 -19.87
CA GLN A 322 22.09 3.67 -21.29
C GLN A 322 23.28 4.42 -21.88
N GLU A 323 23.83 5.39 -21.14
CA GLU A 323 24.98 6.12 -21.64
C GLU A 323 26.19 5.22 -21.83
N ARG A 324 26.45 4.34 -20.85
CA ARG A 324 27.57 3.41 -20.98
C ARG A 324 27.40 2.50 -22.19
N LEU A 325 26.21 1.92 -22.34
CA LEU A 325 25.96 0.99 -23.45
C LEU A 325 26.03 1.72 -24.79
N LEU A 326 25.47 2.93 -24.87
CA LEU A 326 25.47 3.66 -26.13
C LEU A 326 26.87 4.12 -26.51
N ALA A 327 27.72 4.44 -25.54
CA ALA A 327 29.09 4.77 -25.88
C ALA A 327 29.89 3.54 -26.30
N VAL A 328 29.60 2.39 -25.69
CA VAL A 328 30.17 1.14 -26.20
C VAL A 328 29.78 0.93 -27.66
N GLY A 329 28.50 1.14 -27.96
CA GLY A 329 28.03 0.96 -29.33
C GLY A 329 28.63 1.97 -30.29
N LYS A 330 28.83 3.20 -29.83
CA LYS A 330 29.48 4.21 -30.67
C LYS A 330 30.93 3.83 -30.98
N TRP A 331 31.65 3.32 -29.99
CA TRP A 331 33.02 2.85 -30.24
C TRP A 331 33.01 1.66 -31.19
N LEU A 332 32.03 0.76 -31.03
CA LEU A 332 31.97 -0.41 -31.90
C LEU A 332 31.64 -0.02 -33.33
N SER A 333 30.81 1.00 -33.52
CA SER A 333 30.46 1.45 -34.87
C SER A 333 31.68 1.86 -35.67
N ILE A 334 32.78 2.20 -35.00
CA ILE A 334 34.02 2.56 -35.67
C ILE A 334 35.02 1.40 -35.69
N ASN A 335 35.11 0.66 -34.58
CA ASN A 335 36.16 -0.35 -34.44
C ASN A 335 35.63 -1.78 -34.45
N GLY A 336 34.49 -2.03 -35.08
CA GLY A 336 33.95 -3.37 -35.11
C GLY A 336 34.61 -4.30 -36.09
N GLU A 337 35.31 -3.77 -37.09
CA GLU A 337 36.04 -4.62 -38.01
C GLU A 337 37.14 -5.40 -37.31
N ALA A 338 37.63 -4.90 -36.18
CA ALA A 338 38.65 -5.56 -35.38
C ALA A 338 38.07 -6.45 -34.29
N ILE A 339 36.76 -6.48 -34.12
CA ILE A 339 36.15 -7.19 -33.01
C ILE A 339 35.26 -8.32 -33.51
N TYR A 340 34.23 -7.98 -34.27
CA TYR A 340 33.26 -8.98 -34.73
C TYR A 340 33.92 -9.97 -35.67
N ALA A 341 33.66 -11.26 -35.44
CA ALA A 341 34.18 -12.35 -36.27
C ALA A 341 35.70 -12.27 -36.41
N SER A 342 36.38 -11.99 -35.31
CA SER A 342 37.83 -11.90 -35.28
C SER A 342 38.41 -13.08 -34.53
N LYS A 343 39.72 -13.25 -34.67
CA LYS A 343 40.44 -14.33 -34.03
C LYS A 343 41.67 -13.80 -33.30
N PRO A 344 42.07 -14.45 -32.21
CA PRO A 344 43.32 -14.05 -31.56
C PRO A 344 44.51 -14.27 -32.48
N TRP A 345 45.48 -13.37 -32.40
CA TRP A 345 46.69 -13.43 -33.19
C TRP A 345 47.71 -14.34 -32.49
N ARG A 346 48.94 -14.35 -32.97
CA ARG A 346 49.99 -15.16 -32.38
C ARG A 346 50.67 -14.50 -31.20
N VAL A 347 50.35 -13.23 -30.90
CA VAL A 347 51.00 -12.48 -29.85
C VAL A 347 49.97 -11.91 -28.85
N GLN A 348 48.97 -11.19 -29.36
CA GLN A 348 47.79 -10.72 -28.65
C GLN A 348 48.07 -9.57 -27.69
N TRP A 349 49.35 -9.27 -27.42
CA TRP A 349 49.74 -8.12 -26.63
C TRP A 349 51.26 -8.02 -26.65
N GLU A 350 51.76 -6.79 -26.68
CA GLU A 350 53.21 -6.58 -26.75
C GLU A 350 53.77 -6.51 -25.33
N LYS A 351 54.98 -7.06 -25.15
CA LYS A 351 55.56 -7.14 -23.81
C LYS A 351 55.92 -5.75 -23.27
N ASN A 352 56.63 -4.95 -24.07
CA ASN A 352 57.08 -3.63 -23.68
C ASN A 352 56.42 -2.61 -24.61
N THR A 353 55.26 -2.11 -24.20
CA THR A 353 54.49 -1.21 -25.05
C THR A 353 53.66 -0.24 -24.22
N THR A 354 52.65 0.34 -24.85
CA THR A 354 51.68 1.19 -24.18
C THR A 354 50.33 0.48 -24.18
N SER A 355 50.34 -0.81 -23.85
CA SER A 355 49.14 -1.66 -23.81
C SER A 355 48.47 -1.74 -25.19
N VAL A 356 49.19 -2.34 -26.12
CA VAL A 356 48.67 -2.65 -27.45
C VAL A 356 48.22 -4.11 -27.47
N TRP A 357 47.03 -4.35 -28.01
CA TRP A 357 46.45 -5.68 -28.09
C TRP A 357 46.15 -6.04 -29.53
N TYR A 358 46.27 -7.31 -29.87
CA TYR A 358 46.22 -7.76 -31.25
C TYR A 358 45.01 -8.64 -31.51
N THR A 359 44.33 -8.38 -32.62
CA THR A 359 43.31 -9.27 -33.16
C THR A 359 43.63 -9.54 -34.63
N SER A 360 43.00 -10.56 -35.19
CA SER A 360 43.24 -10.94 -36.57
C SER A 360 41.93 -11.26 -37.25
N LYS A 361 41.88 -10.99 -38.56
CA LYS A 361 40.73 -11.36 -39.39
C LYS A 361 41.25 -11.59 -40.80
N GLY A 362 41.25 -12.83 -41.24
CA GLY A 362 41.77 -13.14 -42.56
C GLY A 362 43.23 -12.76 -42.67
N SER A 363 43.55 -11.93 -43.65
CA SER A 363 44.91 -11.44 -43.84
C SER A 363 45.16 -10.11 -43.15
N ALA A 364 44.18 -9.59 -42.42
CA ALA A 364 44.31 -8.29 -41.75
C ALA A 364 44.61 -8.49 -40.27
N VAL A 365 45.48 -7.65 -39.74
CA VAL A 365 45.84 -7.64 -38.32
C VAL A 365 45.43 -6.29 -37.75
N TYR A 366 44.90 -6.30 -36.53
CA TYR A 366 44.41 -5.08 -35.90
C TYR A 366 45.11 -4.91 -34.56
N ALA A 367 45.75 -3.75 -34.38
CA ALA A 367 46.41 -3.39 -33.13
C ALA A 367 45.61 -2.29 -32.46
N ILE A 368 44.98 -2.61 -31.34
CA ILE A 368 44.19 -1.66 -30.57
C ILE A 368 45.07 -1.16 -29.44
N PHE A 369 45.29 0.15 -29.39
CA PHE A 369 46.04 0.78 -28.32
C PHE A 369 45.13 1.71 -27.54
N LEU A 370 45.29 1.68 -26.22
CA LEU A 370 44.44 2.41 -25.30
C LEU A 370 45.10 3.67 -24.76
N HIS A 371 46.30 3.99 -25.23
CA HIS A 371 47.04 5.15 -24.74
C HIS A 371 47.78 5.77 -25.92
N TRP A 372 47.41 7.00 -26.27
CA TRP A 372 48.10 7.72 -27.32
C TRP A 372 49.54 7.99 -26.90
N PRO A 373 50.54 7.55 -27.68
CA PRO A 373 51.93 7.81 -27.29
C PRO A 373 52.24 9.30 -27.27
N GLU A 374 53.09 9.70 -26.31
CA GLU A 374 53.46 11.11 -26.20
C GLU A 374 54.27 11.57 -27.39
N ASN A 375 55.18 10.72 -27.89
CA ASN A 375 55.99 11.08 -29.04
C ASN A 375 55.20 11.15 -30.34
N GLY A 376 53.95 10.68 -30.35
CA GLY A 376 53.15 10.68 -31.55
C GLY A 376 53.43 9.53 -32.49
N VAL A 377 54.31 8.60 -32.12
CA VAL A 377 54.67 7.47 -32.96
C VAL A 377 54.35 6.18 -32.20
N LEU A 378 53.62 5.29 -32.86
CA LEU A 378 53.25 4.00 -32.28
C LEU A 378 54.30 2.96 -32.66
N ASN A 379 54.74 2.19 -31.66
CA ASN A 379 55.77 1.17 -31.85
C ASN A 379 55.13 -0.20 -31.81
N LEU A 380 55.30 -0.96 -32.89
CA LEU A 380 54.76 -2.31 -33.03
C LEU A 380 55.93 -3.23 -33.35
N GLU A 381 56.46 -3.92 -32.34
CA GLU A 381 57.62 -4.78 -32.49
C GLU A 381 57.26 -6.21 -32.87
N SER A 382 55.98 -6.57 -32.82
CA SER A 382 55.54 -7.90 -33.23
C SER A 382 55.39 -8.07 -34.75
N PRO A 383 54.71 -7.17 -35.46
CA PRO A 383 54.42 -7.43 -36.88
C PRO A 383 55.68 -7.43 -37.74
N ILE A 384 55.61 -8.16 -38.85
CA ILE A 384 56.69 -8.23 -39.84
C ILE A 384 56.11 -7.81 -41.18
N THR A 385 56.67 -6.74 -41.75
CA THR A 385 56.24 -6.23 -43.05
C THR A 385 57.18 -6.72 -44.14
N THR A 386 56.60 -7.11 -45.28
CA THR A 386 57.46 -7.63 -46.34
C THR A 386 57.51 -6.76 -47.60
N SER A 387 56.39 -6.63 -48.31
CA SER A 387 56.41 -5.82 -49.53
C SER A 387 55.23 -4.87 -49.66
N THR A 388 54.03 -5.34 -49.30
CA THR A 388 52.79 -4.63 -49.59
C THR A 388 52.03 -4.23 -48.33
N THR A 389 52.75 -3.89 -47.27
CA THR A 389 52.10 -3.52 -46.01
C THR A 389 51.42 -2.17 -46.16
N LYS A 390 50.17 -2.09 -45.72
CA LYS A 390 49.40 -0.86 -45.73
C LYS A 390 48.76 -0.64 -44.36
N ILE A 391 48.64 0.62 -43.96
CA ILE A 391 48.09 1.00 -42.67
C ILE A 391 46.80 1.76 -42.91
N THR A 392 45.77 1.45 -42.11
CA THR A 392 44.45 2.02 -42.31
C THR A 392 44.04 3.01 -41.21
N MET A 393 44.16 2.63 -39.94
CA MET A 393 43.70 3.45 -38.81
C MET A 393 42.20 3.75 -38.95
N LEU A 394 41.42 2.68 -38.73
CA LEU A 394 39.96 2.71 -38.81
C LEU A 394 39.40 4.02 -38.26
N GLY A 395 38.58 4.68 -39.08
CA GLY A 395 38.00 5.96 -38.75
C GLY A 395 38.74 7.15 -39.33
N ILE A 396 39.98 6.97 -39.76
CA ILE A 396 40.80 8.03 -40.34
C ILE A 396 41.16 7.64 -41.76
N GLN A 397 40.92 8.53 -42.71
CA GLN A 397 41.20 8.27 -44.11
C GLN A 397 42.69 8.44 -44.41
N GLY A 398 43.21 7.59 -45.29
CA GLY A 398 44.58 7.71 -45.75
C GLY A 398 45.55 6.80 -45.05
N ASP A 399 46.46 6.21 -45.81
CA ASP A 399 47.46 5.32 -45.24
C ASP A 399 48.51 6.10 -44.48
N LEU A 400 48.80 5.68 -43.25
CA LEU A 400 49.78 6.35 -42.43
C LEU A 400 51.20 6.00 -42.89
N LYS A 401 52.16 6.79 -42.42
CA LYS A 401 53.57 6.57 -42.72
C LYS A 401 54.17 5.61 -41.70
N TRP A 402 54.99 4.69 -42.17
CA TRP A 402 55.61 3.68 -41.31
C TRP A 402 57.05 3.44 -41.72
N SER A 403 57.86 3.06 -40.74
CA SER A 403 59.28 2.82 -40.94
C SER A 403 59.71 1.57 -40.18
N THR A 404 60.63 0.82 -40.76
CA THR A 404 61.17 -0.38 -40.13
C THR A 404 62.53 -0.10 -39.51
N ASP A 405 62.89 -0.94 -38.54
CA ASP A 405 64.16 -0.83 -37.84
C ASP A 405 64.82 -2.20 -37.74
N PRO A 406 66.16 -2.26 -37.86
CA PRO A 406 66.84 -3.57 -37.79
C PRO A 406 66.85 -4.16 -36.39
N ASP A 407 67.03 -3.32 -35.38
CA ASP A 407 67.01 -3.77 -33.99
C ASP A 407 65.67 -3.55 -33.30
N LYS A 408 64.96 -2.49 -33.66
CA LYS A 408 63.62 -2.24 -33.13
C LYS A 408 62.59 -2.88 -34.06
N GLY A 409 61.32 -2.52 -33.88
CA GLY A 409 60.28 -3.07 -34.72
C GLY A 409 59.78 -2.11 -35.78
N LEU A 410 58.48 -1.79 -35.73
CA LEU A 410 57.86 -0.90 -36.71
C LEU A 410 57.42 0.36 -36.00
N PHE A 411 57.61 1.52 -36.65
CA PHE A 411 57.17 2.80 -36.13
C PHE A 411 56.16 3.41 -37.09
N ILE A 412 54.99 3.75 -36.57
CA ILE A 412 53.91 4.31 -37.38
C ILE A 412 53.61 5.72 -36.87
N SER A 413 53.57 6.68 -37.78
CA SER A 413 53.29 8.07 -37.44
C SER A 413 51.77 8.26 -37.40
N LEU A 414 51.23 8.39 -36.19
CA LEU A 414 49.80 8.58 -36.04
C LEU A 414 49.39 9.97 -36.55
N PRO A 415 48.18 10.08 -37.10
CA PRO A 415 47.74 11.38 -37.61
C PRO A 415 47.35 12.33 -36.48
N GLN A 416 48.18 13.36 -36.26
CA GLN A 416 47.91 14.32 -35.21
C GLN A 416 46.58 15.03 -35.47
N LEU A 417 45.75 15.13 -34.44
CA LEU A 417 44.41 15.67 -34.57
C LEU A 417 44.11 16.62 -33.42
N PRO A 418 43.25 17.62 -33.66
CA PRO A 418 42.87 18.56 -32.59
C PRO A 418 42.07 17.85 -31.51
N PRO A 419 42.05 18.39 -30.29
CA PRO A 419 41.23 17.80 -29.24
C PRO A 419 39.76 17.78 -29.62
N SER A 420 39.06 16.76 -29.11
CA SER A 420 37.63 16.56 -29.38
C SER A 420 37.37 16.45 -30.87
N ALA A 421 38.29 15.76 -31.58
CA ALA A 421 38.12 15.56 -33.01
C ALA A 421 38.49 14.15 -33.45
N VAL A 422 38.69 13.22 -32.52
CA VAL A 422 39.04 11.84 -32.86
C VAL A 422 37.76 11.00 -32.82
N PRO A 423 37.57 10.07 -33.78
CA PRO A 423 36.33 9.27 -33.80
C PRO A 423 36.10 8.51 -32.50
N ALA A 424 37.17 7.93 -31.96
CA ALA A 424 37.11 7.30 -30.65
C ALA A 424 37.86 8.14 -29.62
N GLU A 425 37.58 7.88 -28.35
CA GLU A 425 38.19 8.67 -27.28
C GLU A 425 38.91 7.84 -26.24
N PHE A 426 38.75 6.51 -26.22
CA PHE A 426 39.39 5.66 -25.24
C PHE A 426 40.29 4.58 -25.84
N ALA A 427 40.16 4.27 -27.13
CA ALA A 427 40.97 3.25 -27.76
C ALA A 427 40.97 3.48 -29.26
N TRP A 428 42.08 3.13 -29.92
CA TRP A 428 42.20 3.33 -31.36
C TRP A 428 42.78 2.08 -32.00
N THR A 429 42.34 1.80 -33.22
CA THR A 429 42.69 0.58 -33.94
C THR A 429 43.52 0.92 -35.17
N ILE A 430 44.65 0.22 -35.33
CA ILE A 430 45.49 0.29 -36.51
C ILE A 430 45.32 -1.00 -37.29
N LYS A 431 44.98 -0.89 -38.57
CA LYS A 431 44.78 -2.06 -39.42
C LYS A 431 45.97 -2.21 -40.36
N LEU A 432 46.61 -3.37 -40.28
CA LEU A 432 47.77 -3.70 -41.12
C LEU A 432 47.40 -4.85 -42.03
N THR A 433 47.60 -4.65 -43.34
CA THR A 433 47.45 -5.69 -44.33
C THR A 433 48.81 -6.06 -44.88
N GLY A 434 48.90 -7.25 -45.48
CA GLY A 434 50.17 -7.74 -45.98
C GLY A 434 51.21 -7.88 -44.88
N VAL A 435 50.80 -8.31 -43.70
CA VAL A 435 51.67 -8.45 -42.55
C VAL A 435 51.55 -9.87 -42.02
N LYS A 436 52.68 -10.53 -41.83
CA LYS A 436 52.69 -11.91 -41.36
C LYS A 436 52.86 -11.98 -39.84
N ARG B 6 -35.27 39.56 17.49
CA ARG B 6 -33.85 39.90 17.43
C ARG B 6 -33.16 39.58 18.75
N TYR B 7 -31.96 39.00 18.65
CA TYR B 7 -31.16 38.64 19.80
C TYR B 7 -29.81 39.33 19.73
N THR B 8 -29.19 39.52 20.89
CA THR B 8 -27.93 40.22 20.97
C THR B 8 -26.81 39.30 21.47
N PRO B 9 -25.56 39.56 21.11
CA PRO B 9 -24.48 38.64 21.48
C PRO B 9 -24.17 38.64 22.97
N ASP B 10 -25.08 38.08 23.77
CA ASP B 10 -24.86 37.91 25.20
C ASP B 10 -25.72 36.78 25.70
N TRP B 11 -25.22 36.07 26.70
CA TRP B 11 -25.92 34.89 27.19
C TRP B 11 -27.31 35.16 27.75
N PRO B 12 -27.55 36.22 28.53
CA PRO B 12 -28.94 36.47 28.97
C PRO B 12 -29.92 36.66 27.82
N SER B 13 -29.48 37.27 26.72
CA SER B 13 -30.36 37.40 25.56
C SER B 13 -30.51 36.09 24.81
N LEU B 14 -29.41 35.34 24.66
CA LEU B 14 -29.44 34.12 23.86
C LEU B 14 -30.23 33.01 24.54
N ASP B 15 -30.14 32.93 25.88
CA ASP B 15 -30.81 31.87 26.62
C ASP B 15 -32.33 32.04 26.68
N SER B 16 -32.85 33.19 26.27
CA SER B 16 -34.29 33.44 26.30
C SER B 16 -35.00 32.92 25.06
N ARG B 17 -34.29 32.40 24.08
CA ARG B 17 -34.91 31.89 22.87
C ARG B 17 -35.66 30.60 23.17
N PRO B 18 -36.96 30.52 22.88
CA PRO B 18 -37.69 29.26 23.10
C PRO B 18 -37.26 28.20 22.11
N LEU B 19 -37.23 26.96 22.58
CA LEU B 19 -36.82 25.85 21.74
C LEU B 19 -37.90 25.53 20.71
N PRO B 20 -37.51 25.27 19.45
CA PRO B 20 -38.48 24.73 18.49
C PRO B 20 -39.05 23.40 18.97
N ALA B 21 -40.35 23.20 18.72
CA ALA B 21 -41.06 22.07 19.30
C ALA B 21 -40.66 20.73 18.71
N TRP B 22 -40.03 20.73 17.52
CA TRP B 22 -39.67 19.46 16.89
C TRP B 22 -38.67 18.68 17.74
N PHE B 23 -37.71 19.37 18.35
CA PHE B 23 -36.69 18.69 19.14
C PHE B 23 -37.31 17.98 20.33
N ASP B 24 -38.23 18.64 21.02
CA ASP B 24 -38.93 17.99 22.13
C ASP B 24 -39.78 16.84 21.63
N GLU B 25 -40.45 17.00 20.48
CA GLU B 25 -41.32 15.94 19.99
C GLU B 25 -40.54 14.76 19.41
N ALA B 26 -39.24 14.90 19.16
CA ALA B 26 -38.47 13.83 18.55
C ALA B 26 -38.19 12.70 19.54
N LYS B 27 -37.48 13.01 20.63
CA LYS B 27 -37.25 12.12 21.76
C LYS B 27 -36.26 10.99 21.49
N PHE B 28 -35.81 10.83 20.25
CA PHE B 28 -34.87 9.75 19.90
C PHE B 28 -34.11 10.11 18.63
N GLY B 29 -32.78 10.19 18.74
CA GLY B 29 -31.93 10.45 17.61
C GLY B 29 -30.79 9.45 17.55
N VAL B 30 -30.10 9.44 16.41
CA VAL B 30 -28.98 8.54 16.17
C VAL B 30 -27.72 9.38 15.98
N PHE B 31 -26.69 9.05 16.76
CA PHE B 31 -25.40 9.73 16.72
C PHE B 31 -24.44 8.92 15.86
N ILE B 32 -23.73 9.62 14.97
CA ILE B 32 -22.76 8.98 14.08
C ILE B 32 -21.40 9.63 14.29
N HIS B 33 -20.45 8.82 14.74
CA HIS B 33 -19.05 9.23 14.88
C HIS B 33 -18.27 8.58 13.75
N TRP B 34 -17.84 9.39 12.78
CA TRP B 34 -17.21 8.89 11.58
C TRP B 34 -16.11 9.84 11.15
N GLY B 35 -14.92 9.31 10.94
CA GLY B 35 -13.80 10.14 10.54
C GLY B 35 -12.55 9.32 10.32
N VAL B 36 -11.41 10.02 10.30
CA VAL B 36 -10.12 9.35 10.07
C VAL B 36 -9.81 8.38 11.20
N PHE B 37 -10.33 8.63 12.41
CA PHE B 37 -10.10 7.72 13.52
C PHE B 37 -10.69 6.33 13.26
N SER B 38 -11.60 6.21 12.30
CA SER B 38 -12.14 4.92 11.93
C SER B 38 -11.15 4.05 11.16
N VAL B 39 -10.04 4.62 10.68
CA VAL B 39 -9.06 3.85 9.94
C VAL B 39 -8.23 3.00 10.89
N PRO B 40 -7.59 3.56 11.93
CA PRO B 40 -6.98 2.66 12.93
C PRO B 40 -8.00 1.77 13.61
N ALA B 41 -9.18 2.31 13.92
CA ALA B 41 -10.28 1.56 14.53
C ALA B 41 -9.82 0.76 15.74
N TRP B 42 -9.08 1.43 16.62
CA TRP B 42 -8.48 0.76 17.77
C TRP B 42 -8.42 1.74 18.92
N GLY B 43 -8.78 1.26 20.12
CA GLY B 43 -8.74 2.08 21.32
C GLY B 43 -9.97 2.94 21.47
N SER B 44 -10.03 4.05 20.73
CA SER B 44 -11.16 4.96 20.75
C SER B 44 -10.96 5.97 19.62
N GLU B 45 -11.89 6.92 19.54
CA GLU B 45 -11.75 8.05 18.62
C GLU B 45 -10.70 9.05 19.08
N TRP B 46 -10.18 8.90 20.31
CA TRP B 46 -9.08 9.69 20.82
C TRP B 46 -7.73 9.08 20.51
N PHE B 47 -7.63 8.30 19.43
CA PHE B 47 -6.41 7.58 19.11
C PHE B 47 -5.22 8.52 18.95
N TRP B 48 -5.41 9.63 18.25
CA TRP B 48 -4.31 10.55 17.99
C TRP B 48 -3.78 11.16 19.28
N TRP B 49 -4.67 11.55 20.19
CA TRP B 49 -4.21 12.15 21.45
C TRP B 49 -3.53 11.12 22.33
N HIS B 50 -4.12 9.92 22.45
CA HIS B 50 -3.51 8.88 23.28
C HIS B 50 -2.16 8.46 22.73
N TRP B 51 -1.99 8.49 21.41
CA TRP B 51 -0.75 8.03 20.80
C TRP B 51 0.32 9.10 20.85
N GLN B 52 0.00 10.32 20.43
CA GLN B 52 1.01 11.38 20.33
C GLN B 52 0.91 12.42 21.44
N GLY B 53 -0.30 12.80 21.84
CA GLY B 53 -0.43 13.80 22.89
C GLY B 53 -0.17 13.28 24.28
N GLU B 54 -0.28 11.97 24.49
CA GLU B 54 0.01 11.36 25.78
C GLU B 54 1.12 10.33 25.75
N GLY B 55 1.37 9.71 24.60
CA GLY B 55 2.41 8.70 24.50
C GLY B 55 2.15 7.44 25.30
N ARG B 56 0.91 6.96 25.30
CA ARG B 56 0.59 5.72 26.00
C ARG B 56 1.30 4.55 25.32
N PRO B 57 1.96 3.68 26.08
CA PRO B 57 2.76 2.61 25.46
C PRO B 57 1.95 1.66 24.60
N GLN B 58 0.68 1.42 24.91
CA GLN B 58 -0.12 0.50 24.10
C GLN B 58 -0.34 1.03 22.69
N TYR B 59 -0.61 2.33 22.55
CA TYR B 59 -0.83 2.91 21.23
C TYR B 59 0.47 2.94 20.43
N GLN B 60 1.58 3.25 21.09
CA GLN B 60 2.88 3.20 20.42
C GLN B 60 3.20 1.80 19.95
N ARG B 61 2.88 0.80 20.78
CA ARG B 61 3.08 -0.60 20.39
C ARG B 61 2.22 -0.97 19.20
N PHE B 62 0.95 -0.52 19.20
CA PHE B 62 0.06 -0.80 18.09
C PHE B 62 0.61 -0.20 16.78
N MET B 63 1.07 1.05 16.85
CA MET B 63 1.62 1.69 15.65
C MET B 63 2.92 1.02 15.22
N ARG B 64 3.73 0.56 16.17
CA ARG B 64 4.95 -0.16 15.84
C ARG B 64 4.66 -1.46 15.12
N ASP B 65 3.66 -2.22 15.61
CA ASP B 65 3.40 -3.53 15.08
C ASP B 65 2.57 -3.51 13.79
N ASN B 66 1.82 -2.44 13.54
CA ASN B 66 0.90 -2.44 12.42
C ASN B 66 1.29 -1.53 11.27
N TYR B 67 2.27 -0.66 11.45
CA TYR B 67 2.62 0.33 10.42
C TYR B 67 4.12 0.53 10.38
N PRO B 68 4.65 0.99 9.25
CA PRO B 68 6.10 1.22 9.15
C PRO B 68 6.54 2.32 10.10
N PRO B 69 7.83 2.34 10.47
CA PRO B 69 8.31 3.39 11.37
C PRO B 69 8.14 4.78 10.76
N GLY B 70 7.85 5.75 11.61
CA GLY B 70 7.61 7.10 11.17
C GLY B 70 6.23 7.36 10.62
N PHE B 71 5.35 6.36 10.62
CA PHE B 71 3.98 6.56 10.17
C PHE B 71 3.30 7.62 11.03
N SER B 72 2.67 8.59 10.39
CA SER B 72 2.00 9.68 11.07
C SER B 72 0.49 9.55 10.91
N TYR B 73 -0.24 10.33 11.71
CA TYR B 73 -1.70 10.26 11.69
C TYR B 73 -2.26 10.75 10.36
N ALA B 74 -1.60 11.75 9.75
CA ALA B 74 -2.09 12.25 8.46
C ALA B 74 -2.02 11.18 7.38
N ASP B 75 -1.09 10.24 7.49
CA ASP B 75 -1.01 9.15 6.53
C ASP B 75 -2.23 8.23 6.58
N PHE B 76 -3.00 8.27 7.66
CA PHE B 76 -4.27 7.55 7.70
C PHE B 76 -5.28 8.11 6.70
N GLY B 77 -5.07 9.33 6.21
CA GLY B 77 -6.03 10.02 5.38
C GLY B 77 -6.44 9.26 4.13
N PRO B 78 -5.46 8.90 3.28
CA PRO B 78 -5.80 8.14 2.07
C PRO B 78 -6.47 6.80 2.36
N GLN B 79 -6.19 6.17 3.50
CA GLN B 79 -6.77 4.88 3.83
C GLN B 79 -8.26 4.96 4.19
N PHE B 80 -8.79 6.16 4.39
CA PHE B 80 -10.21 6.35 4.69
C PHE B 80 -11.00 6.30 3.38
N THR B 81 -11.07 5.11 2.80
CA THR B 81 -11.62 4.96 1.46
C THR B 81 -13.12 5.16 1.44
N ALA B 82 -13.84 4.53 2.37
CA ALA B 82 -15.30 4.63 2.47
C ALA B 82 -15.97 4.26 1.15
N ARG B 83 -15.52 3.16 0.55
CA ARG B 83 -15.98 2.77 -0.77
C ARG B 83 -17.28 1.97 -0.74
N PHE B 84 -17.76 1.58 0.43
CA PHE B 84 -19.05 0.90 0.56
C PHE B 84 -20.10 1.77 1.24
N PHE B 85 -19.85 3.08 1.31
CA PHE B 85 -20.80 4.00 1.93
C PHE B 85 -22.01 4.19 1.02
N HIS B 86 -23.19 3.86 1.53
CA HIS B 86 -24.45 4.01 0.81
C HIS B 86 -25.41 4.77 1.71
N PRO B 87 -25.47 6.10 1.58
CA PRO B 87 -26.30 6.89 2.51
C PRO B 87 -27.77 6.54 2.49
N GLU B 88 -28.30 6.05 1.37
CA GLU B 88 -29.71 5.66 1.34
C GLU B 88 -29.96 4.46 2.25
N GLU B 89 -29.05 3.51 2.29
CA GLU B 89 -29.18 2.38 3.22
C GLU B 89 -29.09 2.85 4.66
N TRP B 90 -28.18 3.79 4.94
CA TRP B 90 -28.09 4.36 6.29
C TRP B 90 -29.41 5.02 6.69
N ALA B 91 -29.97 5.83 5.79
CA ALA B 91 -31.21 6.52 6.10
C ALA B 91 -32.36 5.54 6.29
N ASP B 92 -32.42 4.49 5.47
CA ASP B 92 -33.45 3.47 5.64
C ASP B 92 -33.31 2.77 6.98
N LEU B 93 -32.08 2.45 7.40
CA LEU B 93 -31.87 1.83 8.70
C LEU B 93 -32.28 2.76 9.84
N PHE B 94 -31.92 4.04 9.73
CA PHE B 94 -32.29 5.00 10.77
C PHE B 94 -33.81 5.18 10.85
N GLN B 95 -34.48 5.18 9.69
CA GLN B 95 -35.94 5.24 9.69
C GLN B 95 -36.53 3.99 10.34
N ALA B 96 -35.99 2.82 10.01
CA ALA B 96 -36.48 1.58 10.61
C ALA B 96 -36.14 1.47 12.09
N ALA B 97 -35.21 2.28 12.58
CA ALA B 97 -34.88 2.31 14.00
C ALA B 97 -35.78 3.23 14.79
N GLY B 98 -36.69 3.96 14.13
CA GLY B 98 -37.55 4.91 14.81
C GLY B 98 -36.89 6.24 15.11
N ALA B 99 -35.69 6.48 14.60
CA ALA B 99 -35.00 7.74 14.87
C ALA B 99 -35.70 8.90 14.18
N LYS B 100 -35.87 10.00 14.93
CA LYS B 100 -36.46 11.20 14.38
C LYS B 100 -35.43 12.23 13.92
N TYR B 101 -34.20 12.13 14.40
CA TYR B 101 -33.13 13.01 13.95
C TYR B 101 -31.82 12.27 13.99
N VAL B 102 -30.88 12.69 13.14
CA VAL B 102 -29.58 12.04 13.01
C VAL B 102 -28.51 13.11 13.09
N VAL B 103 -27.56 12.94 14.01
CA VAL B 103 -26.47 13.88 14.21
C VAL B 103 -25.18 13.20 13.76
N LEU B 104 -24.55 13.76 12.73
CA LEU B 104 -23.32 13.22 12.18
C LEU B 104 -22.15 14.14 12.53
N THR B 105 -21.01 13.54 12.89
CA THR B 105 -19.81 14.34 13.18
C THR B 105 -19.23 14.88 11.87
N THR B 106 -19.34 16.19 11.65
CA THR B 106 -18.71 16.80 10.49
C THR B 106 -17.21 16.97 10.68
N LYS B 107 -16.77 17.26 11.90
CA LYS B 107 -15.36 17.41 12.21
C LYS B 107 -15.16 17.10 13.69
N HIS B 108 -14.15 16.28 13.98
CA HIS B 108 -13.81 15.91 15.34
C HIS B 108 -12.49 16.59 15.73
N HIS B 109 -11.96 16.21 16.90
CA HIS B 109 -10.75 16.83 17.40
C HIS B 109 -9.55 16.62 16.49
N GLU B 110 -9.59 15.62 15.62
CA GLU B 110 -8.52 15.42 14.66
C GLU B 110 -8.44 16.53 13.63
N GLY B 111 -9.50 17.34 13.49
CA GLY B 111 -9.51 18.43 12.56
C GLY B 111 -9.85 18.07 11.13
N PHE B 112 -10.19 16.81 10.87
CA PHE B 112 -10.52 16.34 9.54
C PHE B 112 -12.01 16.58 9.28
N THR B 113 -12.30 17.45 8.32
CA THR B 113 -13.69 17.80 8.02
C THR B 113 -14.28 16.83 7.02
N ASN B 114 -15.51 16.40 7.28
CA ASN B 114 -16.22 15.45 6.43
C ASN B 114 -16.89 16.12 5.24
N TRP B 115 -16.59 17.39 4.98
CA TRP B 115 -17.12 18.12 3.84
C TRP B 115 -15.99 18.95 3.26
N PRO B 116 -16.12 19.42 2.00
CA PRO B 116 -15.03 20.19 1.39
C PRO B 116 -14.86 21.56 2.01
N SER B 117 -14.19 21.62 3.16
CA SER B 117 -13.97 22.89 3.84
C SER B 117 -12.86 23.68 3.15
N PRO B 118 -13.11 24.94 2.79
CA PRO B 118 -12.03 25.75 2.20
C PRO B 118 -10.85 25.99 3.14
N VAL B 119 -11.06 25.91 4.45
CA VAL B 119 -10.01 26.19 5.43
C VAL B 119 -9.40 24.90 5.97
N SER B 120 -9.72 23.75 5.38
CA SER B 120 -9.14 22.46 5.73
C SER B 120 -8.62 21.77 4.49
N TRP B 121 -7.86 22.51 3.68
CA TRP B 121 -7.40 22.01 2.39
C TRP B 121 -6.53 20.78 2.55
N ASN B 122 -6.79 19.77 1.73
CA ASN B 122 -6.07 18.50 1.70
C ASN B 122 -6.18 17.74 3.02
N TRP B 123 -7.06 18.15 3.91
CA TRP B 123 -7.37 17.45 5.15
C TRP B 123 -8.87 17.37 5.34
N ASN B 124 -9.57 17.01 4.26
CA ASN B 124 -11.02 16.90 4.26
C ASN B 124 -11.42 15.68 3.44
N SER B 125 -12.67 15.27 3.59
CA SER B 125 -13.14 14.03 2.97
C SER B 125 -13.18 14.13 1.45
N LYS B 126 -13.18 15.35 0.89
CA LYS B 126 -13.21 15.51 -0.56
C LYS B 126 -11.83 15.45 -1.19
N ASP B 127 -10.83 16.11 -0.58
CA ASP B 127 -9.50 16.14 -1.18
C ASP B 127 -8.78 14.82 -1.00
N VAL B 128 -8.93 14.18 0.16
CA VAL B 128 -8.26 12.92 0.45
C VAL B 128 -9.28 11.95 1.04
N GLY B 129 -8.94 10.67 0.99
CA GLY B 129 -9.75 9.64 1.58
C GLY B 129 -10.96 9.28 0.73
N PRO B 130 -12.16 9.56 1.25
CA PRO B 130 -13.38 9.16 0.53
C PRO B 130 -13.55 9.84 -0.82
N HIS B 131 -12.95 11.01 -1.03
CA HIS B 131 -13.15 11.80 -2.24
C HIS B 131 -14.63 12.12 -2.46
N ARG B 132 -15.33 12.40 -1.37
CA ARG B 132 -16.76 12.68 -1.40
C ARG B 132 -17.09 13.74 -0.37
N ASP B 133 -18.25 14.36 -0.54
CA ASP B 133 -18.86 15.21 0.48
C ASP B 133 -19.81 14.33 1.28
N LEU B 134 -19.29 13.75 2.37
CA LEU B 134 -20.09 12.84 3.18
C LEU B 134 -21.27 13.55 3.82
N VAL B 135 -21.05 14.76 4.34
CA VAL B 135 -22.11 15.49 5.02
C VAL B 135 -23.26 15.77 4.05
N GLY B 136 -22.93 16.23 2.84
CA GLY B 136 -23.96 16.53 1.87
C GLY B 136 -24.75 15.31 1.43
N GLU B 137 -24.06 14.19 1.18
CA GLU B 137 -24.75 12.97 0.74
C GLU B 137 -25.68 12.44 1.83
N LEU B 138 -25.18 12.38 3.07
CA LEU B 138 -26.03 11.92 4.16
C LEU B 138 -27.20 12.87 4.38
N GLY B 139 -26.96 14.18 4.26
CA GLY B 139 -28.04 15.14 4.42
C GLY B 139 -29.12 14.98 3.36
N THR B 140 -28.72 14.76 2.11
CA THR B 140 -29.70 14.53 1.05
C THR B 140 -30.51 13.27 1.34
N ALA B 141 -29.83 12.19 1.73
CA ALA B 141 -30.52 10.94 2.01
C ALA B 141 -31.51 11.10 3.16
N LEU B 142 -31.12 11.82 4.22
CA LEU B 142 -31.99 11.98 5.37
C LEU B 142 -33.15 12.92 5.07
N ARG B 143 -32.88 14.00 4.33
CA ARG B 143 -33.95 14.94 3.98
C ARG B 143 -34.98 14.29 3.06
N LYS B 144 -34.56 13.31 2.25
CA LYS B 144 -35.52 12.59 1.43
C LYS B 144 -36.52 11.79 2.28
N ARG B 145 -36.16 11.46 3.52
CA ARG B 145 -37.00 10.64 4.38
C ARG B 145 -37.56 11.41 5.58
N ASN B 146 -37.58 12.73 5.50
CA ASN B 146 -38.16 13.59 6.55
C ASN B 146 -37.50 13.38 7.90
N ILE B 147 -36.20 13.11 7.92
CA ILE B 147 -35.43 12.96 9.14
C ILE B 147 -34.61 14.21 9.36
N ARG B 148 -34.68 14.77 10.57
CA ARG B 148 -33.95 15.99 10.88
C ARG B 148 -32.45 15.74 10.91
N TYR B 149 -31.69 16.76 10.54
CA TYR B 149 -30.25 16.67 10.39
C TYR B 149 -29.54 17.50 11.46
N GLY B 150 -28.53 16.93 12.07
CA GLY B 150 -27.72 17.64 13.05
C GLY B 150 -26.26 17.46 12.73
N LEU B 151 -25.51 18.55 12.84
CA LEU B 151 -24.09 18.56 12.53
C LEU B 151 -23.32 18.69 13.85
N TYR B 152 -22.44 17.73 14.11
CA TYR B 152 -21.54 17.77 15.25
C TYR B 152 -20.26 18.49 14.82
N HIS B 153 -19.90 19.53 15.54
CA HIS B 153 -18.68 20.27 15.27
C HIS B 153 -17.86 20.39 16.54
N SER B 154 -16.59 19.98 16.46
CA SER B 154 -15.67 20.14 17.57
C SER B 154 -14.95 21.47 17.44
N LEU B 155 -14.97 22.28 18.49
CA LEU B 155 -14.34 23.58 18.44
C LEU B 155 -12.81 23.46 18.41
N LEU B 156 -12.25 22.60 19.24
CA LEU B 156 -10.80 22.48 19.36
C LEU B 156 -10.27 21.42 18.41
N GLU B 157 -8.97 21.54 18.11
CA GLU B 157 -8.22 20.51 17.43
C GLU B 157 -6.93 20.28 18.21
N TRP B 158 -6.58 19.00 18.41
CA TRP B 158 -5.49 18.67 19.32
C TRP B 158 -4.16 19.29 18.88
N PHE B 159 -3.79 19.08 17.62
CA PHE B 159 -2.43 19.37 17.16
C PHE B 159 -2.39 20.43 16.07
N HIS B 160 -3.47 21.16 15.86
CA HIS B 160 -3.42 22.24 14.89
C HIS B 160 -2.46 23.33 15.37
N PRO B 161 -1.51 23.75 14.53
CA PRO B 161 -0.49 24.71 15.01
C PRO B 161 -1.07 26.03 15.49
N LEU B 162 -2.13 26.52 14.85
CA LEU B 162 -2.71 27.80 15.27
C LEU B 162 -3.38 27.68 16.63
N TYR B 163 -4.07 26.57 16.88
CA TYR B 163 -4.66 26.35 18.20
C TYR B 163 -3.59 26.21 19.26
N LEU B 164 -2.50 25.51 18.95
CA LEU B 164 -1.40 25.40 19.91
C LEU B 164 -0.78 26.76 20.19
N LEU B 165 -0.66 27.60 19.16
CA LEU B 165 -0.13 28.95 19.35
C LEU B 165 -1.05 29.78 20.23
N ASP B 166 -2.37 29.68 20.01
CA ASP B 166 -3.31 30.39 20.85
C ASP B 166 -3.23 29.91 22.30
N LYS B 167 -3.09 28.60 22.50
CA LYS B 167 -2.97 28.06 23.84
C LYS B 167 -1.69 28.53 24.51
N LYS B 168 -0.60 28.61 23.76
CA LYS B 168 0.66 29.09 24.30
C LYS B 168 0.55 30.54 24.74
N ASN B 169 -0.26 31.35 24.06
CA ASN B 169 -0.45 32.75 24.39
C ASN B 169 -1.51 32.96 25.45
N GLY B 170 -2.03 31.89 26.06
CA GLY B 170 -3.09 32.03 27.04
C GLY B 170 -4.43 32.39 26.46
N PHE B 171 -4.65 32.09 25.17
CA PHE B 171 -5.89 32.39 24.47
C PHE B 171 -6.19 33.88 24.44
N LYS B 172 -5.13 34.70 24.47
CA LYS B 172 -5.27 36.12 24.22
C LYS B 172 -5.24 36.46 22.74
N THR B 173 -4.82 35.52 21.89
CA THR B 173 -4.92 35.64 20.45
C THR B 173 -6.00 34.68 19.94
N GLN B 174 -6.51 34.97 18.75
CA GLN B 174 -7.62 34.22 18.19
C GLN B 174 -7.34 33.81 16.76
N HIS B 175 -6.10 33.37 16.49
CA HIS B 175 -5.73 32.94 15.15
C HIS B 175 -6.53 31.70 14.74
N PHE B 176 -6.64 30.72 15.63
CA PHE B 176 -7.33 29.48 15.29
C PHE B 176 -8.82 29.72 15.04
N VAL B 177 -9.45 30.57 15.85
CA VAL B 177 -10.89 30.80 15.70
C VAL B 177 -11.18 31.51 14.39
N SER B 178 -10.40 32.54 14.05
CA SER B 178 -10.64 33.28 12.83
C SER B 178 -10.24 32.48 11.60
N ALA B 179 -9.26 31.58 11.73
CA ALA B 179 -8.78 30.85 10.57
C ALA B 179 -9.68 29.65 10.23
N LYS B 180 -9.99 28.83 11.22
CA LYS B 180 -10.63 27.55 10.95
C LYS B 180 -12.03 27.42 11.56
N THR B 181 -12.17 27.64 12.86
CA THR B 181 -13.38 27.22 13.56
C THR B 181 -14.62 27.98 13.10
N MET B 182 -14.61 29.30 13.26
CA MET B 182 -15.76 30.10 12.88
C MET B 182 -16.09 30.01 11.39
N PRO B 183 -15.13 30.10 10.46
CA PRO B 183 -15.49 29.89 9.05
C PRO B 183 -16.12 28.53 8.79
N GLU B 184 -15.63 27.49 9.47
CA GLU B 184 -16.22 26.16 9.29
C GLU B 184 -17.66 26.12 9.80
N LEU B 185 -17.92 26.76 10.95
CA LEU B 185 -19.29 26.80 11.45
C LEU B 185 -20.21 27.56 10.49
N TYR B 186 -19.73 28.69 9.96
CA TYR B 186 -20.54 29.46 9.03
C TYR B 186 -20.82 28.68 7.75
N ASP B 187 -19.82 27.97 7.23
CA ASP B 187 -20.02 27.15 6.05
C ASP B 187 -20.97 25.99 6.33
N LEU B 188 -20.86 25.38 7.51
CA LEU B 188 -21.76 24.29 7.88
C LEU B 188 -23.19 24.76 8.04
N VAL B 189 -23.38 26.03 8.41
CA VAL B 189 -24.75 26.53 8.56
C VAL B 189 -25.32 26.96 7.22
N ASN B 190 -24.52 27.68 6.41
CA ASN B 190 -25.04 28.23 5.16
C ASN B 190 -25.29 27.14 4.13
N SER B 191 -24.59 26.02 4.22
CA SER B 191 -24.85 24.85 3.38
C SER B 191 -25.28 23.69 4.27
N TYR B 192 -26.07 22.79 3.69
CA TYR B 192 -26.61 21.61 4.37
C TYR B 192 -27.71 21.96 5.36
N LYS B 193 -27.92 23.27 5.60
CA LYS B 193 -29.02 23.85 6.38
C LYS B 193 -29.38 23.00 7.60
N PRO B 194 -28.50 22.90 8.59
CA PRO B 194 -28.72 21.95 9.69
C PRO B 194 -29.93 22.32 10.54
N ASP B 195 -30.59 21.29 11.07
CA ASP B 195 -31.62 21.48 12.08
C ASP B 195 -31.05 21.49 13.48
N LEU B 196 -29.92 20.82 13.71
CA LEU B 196 -29.29 20.78 15.02
C LEU B 196 -27.80 21.07 14.89
N ILE B 197 -27.24 21.73 15.89
CA ILE B 197 -25.80 21.95 15.98
C ILE B 197 -25.33 21.38 17.31
N TRP B 198 -24.46 20.37 17.25
CA TRP B 198 -23.93 19.69 18.41
C TRP B 198 -22.48 20.13 18.57
N SER B 199 -22.25 21.11 19.43
CA SER B 199 -20.92 21.66 19.63
C SER B 199 -20.14 20.81 20.62
N ASP B 200 -18.82 20.79 20.46
CA ASP B 200 -17.95 20.01 21.33
C ASP B 200 -16.57 20.64 21.34
N GLY B 201 -15.67 20.05 22.12
CA GLY B 201 -14.30 20.53 22.20
C GLY B 201 -14.16 21.93 22.76
N GLU B 202 -14.84 22.21 23.88
CA GLU B 202 -14.92 23.56 24.41
C GLU B 202 -14.36 23.69 25.83
N TRP B 203 -13.88 22.62 26.43
CA TRP B 203 -13.52 22.65 27.85
C TRP B 203 -12.22 23.40 28.13
N GLU B 204 -11.45 23.77 27.11
CA GLU B 204 -10.15 24.37 27.32
C GLU B 204 -10.16 25.90 27.28
N CYS B 205 -11.19 26.51 26.69
CA CYS B 205 -11.19 27.94 26.47
C CYS B 205 -12.51 28.56 26.88
N PRO B 206 -12.52 29.84 27.24
CA PRO B 206 -13.79 30.52 27.53
C PRO B 206 -14.58 30.78 26.25
N ASP B 207 -15.86 31.11 26.45
CA ASP B 207 -16.73 31.39 25.31
C ASP B 207 -16.31 32.67 24.59
N THR B 208 -15.66 33.60 25.29
CA THR B 208 -15.18 34.81 24.64
C THR B 208 -14.13 34.51 23.58
N TYR B 209 -13.22 33.57 23.88
CA TYR B 209 -12.23 33.17 22.90
C TYR B 209 -12.88 32.53 21.67
N TRP B 210 -13.88 31.67 21.90
CA TRP B 210 -14.51 30.94 20.81
C TRP B 210 -15.46 31.79 19.98
N ASN B 211 -15.77 33.02 20.41
CA ASN B 211 -16.70 33.89 19.71
C ASN B 211 -18.10 33.28 19.64
N SER B 212 -18.47 32.53 20.68
CA SER B 212 -19.72 31.75 20.64
C SER B 212 -20.94 32.66 20.61
N THR B 213 -20.93 33.75 21.39
CA THR B 213 -22.11 34.61 21.47
C THR B 213 -22.40 35.27 20.12
N ASN B 214 -21.36 35.76 19.45
CA ASN B 214 -21.57 36.38 18.14
C ASN B 214 -22.12 35.38 17.13
N PHE B 215 -21.55 34.18 17.09
CA PHE B 215 -22.04 33.17 16.17
C PHE B 215 -23.47 32.78 16.46
N LEU B 216 -23.82 32.64 17.75
CA LEU B 216 -25.17 32.26 18.10
C LEU B 216 -26.17 33.37 17.79
N SER B 217 -25.78 34.62 18.00
CA SER B 217 -26.64 35.74 17.63
C SER B 217 -26.86 35.77 16.12
N TRP B 218 -25.81 35.57 15.34
CA TRP B 218 -25.97 35.51 13.89
C TRP B 218 -26.86 34.35 13.48
N LEU B 219 -26.68 33.19 14.12
CA LEU B 219 -27.49 32.02 13.80
C LEU B 219 -28.95 32.26 14.10
N TYR B 220 -29.26 32.91 15.23
CA TYR B 220 -30.63 33.18 15.60
C TYR B 220 -31.25 34.33 14.82
N ASN B 221 -30.44 35.21 14.23
CA ASN B 221 -30.98 36.40 13.58
C ASN B 221 -31.01 36.30 12.06
N ASP B 222 -29.89 35.95 11.42
CA ASP B 222 -29.77 36.07 9.97
C ASP B 222 -29.41 34.76 9.27
N SER B 223 -29.32 33.66 10.00
CA SER B 223 -28.99 32.41 9.35
C SER B 223 -30.20 31.83 8.63
N PRO B 224 -29.98 31.00 7.61
CA PRO B 224 -31.11 30.37 6.92
C PRO B 224 -31.90 29.42 7.79
N VAL B 225 -31.34 28.95 8.89
CA VAL B 225 -32.01 28.00 9.77
C VAL B 225 -32.48 28.66 11.06
N LYS B 226 -32.58 29.99 11.08
CA LYS B 226 -32.88 30.72 12.31
C LYS B 226 -34.19 30.27 12.94
N ASP B 227 -35.14 29.80 12.14
CA ASP B 227 -36.48 29.53 12.67
C ASP B 227 -36.51 28.26 13.51
N GLU B 228 -35.83 27.20 13.08
CA GLU B 228 -36.02 25.89 13.69
C GLU B 228 -34.71 25.19 14.02
N VAL B 229 -33.66 25.95 14.37
CA VAL B 229 -32.37 25.36 14.73
C VAL B 229 -32.27 25.28 16.25
N VAL B 230 -31.65 24.21 16.73
CA VAL B 230 -31.41 24.01 18.16
C VAL B 230 -29.92 23.70 18.35
N VAL B 231 -29.36 24.20 19.45
CA VAL B 231 -27.96 23.98 19.77
C VAL B 231 -27.85 23.43 21.18
N ASN B 232 -26.71 22.80 21.44
CA ASN B 232 -26.42 22.22 22.75
C ASN B 232 -25.69 23.26 23.61
N ASP B 233 -25.12 22.82 24.73
CA ASP B 233 -24.58 23.71 25.75
C ASP B 233 -23.06 23.74 25.78
N ARG B 234 -22.38 23.19 24.78
CA ARG B 234 -20.93 23.09 24.79
C ARG B 234 -20.34 24.24 23.95
N TRP B 235 -20.37 25.43 24.52
CA TRP B 235 -19.91 26.63 23.82
C TRP B 235 -18.78 27.35 24.53
N GLY B 236 -18.16 26.71 25.52
CA GLY B 236 -17.05 27.32 26.22
C GLY B 236 -16.89 26.70 27.59
N GLN B 237 -15.88 27.19 28.31
CA GLN B 237 -15.65 26.76 29.67
C GLN B 237 -16.82 27.16 30.56
N ASN B 238 -17.24 26.23 31.43
CA ASN B 238 -18.32 26.46 32.39
C ASN B 238 -19.61 26.88 31.69
N CYS B 239 -19.85 26.36 30.49
CA CYS B 239 -21.08 26.61 29.76
C CYS B 239 -22.05 25.43 29.81
N SER B 240 -21.58 24.24 30.14
CA SER B 240 -22.44 23.08 30.22
C SER B 240 -23.48 23.28 31.32
N CYS B 241 -24.73 22.94 31.01
CA CYS B 241 -25.88 23.07 31.91
C CYS B 241 -26.15 24.51 32.32
N HIS B 242 -25.55 25.48 31.65
CA HIS B 242 -25.78 26.89 31.99
C HIS B 242 -26.18 27.74 30.80
N HIS B 243 -25.60 27.51 29.62
CA HIS B 243 -25.82 28.33 28.45
C HIS B 243 -26.04 27.45 27.23
N GLY B 244 -27.01 27.82 26.41
CA GLY B 244 -27.31 27.11 25.18
C GLY B 244 -28.77 26.73 25.10
N GLY B 245 -29.14 26.16 23.95
CA GLY B 245 -30.51 25.76 23.71
C GLY B 245 -30.98 24.67 24.63
N TYR B 246 -30.42 23.47 24.50
CA TYR B 246 -30.67 22.38 25.42
C TYR B 246 -29.36 21.97 26.08
N TYR B 247 -29.48 21.29 27.21
CA TYR B 247 -28.32 20.95 28.04
C TYR B 247 -27.93 19.51 27.80
N ASN B 248 -26.74 19.29 27.23
CA ASN B 248 -26.17 17.96 27.20
C ASN B 248 -25.48 17.59 28.50
N CYS B 249 -25.04 18.60 29.27
CA CYS B 249 -24.34 18.43 30.54
C CYS B 249 -23.13 17.52 30.29
N GLU B 250 -22.96 16.44 31.03
CA GLU B 250 -21.85 15.52 30.79
C GLU B 250 -22.29 14.39 29.84
N ASP B 251 -21.30 13.72 29.27
CA ASP B 251 -21.57 12.54 28.46
C ASP B 251 -22.21 11.46 29.31
N LYS B 252 -23.21 10.79 28.74
CA LYS B 252 -23.98 9.75 29.42
C LYS B 252 -24.60 10.30 30.71
N PHE B 253 -25.31 11.41 30.58
CA PHE B 253 -25.91 12.09 31.71
C PHE B 253 -27.16 11.35 32.18
N LYS B 254 -27.21 11.03 33.47
CA LYS B 254 -28.33 10.28 34.07
C LYS B 254 -28.82 11.04 35.30
N PRO B 255 -29.69 12.02 35.10
CA PRO B 255 -30.25 12.74 36.25
C PRO B 255 -31.11 11.85 37.12
N GLN B 256 -31.12 12.15 38.42
CA GLN B 256 -31.93 11.40 39.37
C GLN B 256 -33.33 11.96 39.52
N SER B 257 -33.51 13.25 39.25
CA SER B 257 -34.81 13.90 39.32
C SER B 257 -35.07 14.63 38.01
N LEU B 258 -36.23 15.27 37.93
CA LEU B 258 -36.61 15.99 36.71
C LEU B 258 -35.79 17.27 36.59
N PRO B 259 -35.02 17.45 35.53
CA PRO B 259 -34.32 18.73 35.34
C PRO B 259 -35.30 19.84 34.97
N ASP B 260 -34.90 21.06 35.26
CA ASP B 260 -35.70 22.24 34.98
C ASP B 260 -35.50 22.80 33.58
N HIS B 261 -34.57 22.23 32.82
CA HIS B 261 -34.30 22.66 31.45
C HIS B 261 -34.28 21.44 30.54
N LYS B 262 -34.67 21.63 29.28
CA LYS B 262 -34.66 20.53 28.33
C LYS B 262 -33.24 20.02 28.14
N TRP B 263 -33.09 18.70 28.21
CA TRP B 263 -31.78 18.07 28.19
C TRP B 263 -31.78 16.89 27.23
N GLU B 264 -30.61 16.29 27.06
CA GLU B 264 -30.44 15.16 26.16
C GLU B 264 -29.33 14.27 26.69
N MET B 265 -29.60 12.97 26.76
CA MET B 265 -28.61 11.98 27.16
C MET B 265 -28.03 11.32 25.92
N CYS B 266 -26.73 11.48 25.73
CA CYS B 266 -26.02 10.84 24.62
C CYS B 266 -25.23 9.65 25.16
N THR B 267 -25.41 8.50 24.53
CA THR B 267 -24.75 7.28 24.96
C THR B 267 -24.38 6.47 23.73
N SER B 268 -23.38 5.60 23.89
CA SER B 268 -22.82 4.83 22.79
C SER B 268 -23.09 3.35 22.99
N ILE B 269 -23.46 2.67 21.90
CA ILE B 269 -23.68 1.22 21.96
C ILE B 269 -22.39 0.50 22.37
N ASP B 270 -21.26 0.94 21.83
CA ASP B 270 -19.95 0.51 22.33
C ASP B 270 -19.68 1.22 23.64
N LYS B 271 -19.41 0.45 24.70
CA LYS B 271 -19.21 1.02 26.03
C LYS B 271 -17.87 1.71 26.20
N PHE B 272 -16.92 1.50 25.29
CA PHE B 272 -15.56 2.00 25.48
C PHE B 272 -15.09 2.90 24.36
N SER B 273 -15.95 3.26 23.42
CA SER B 273 -15.55 4.13 22.33
C SER B 273 -16.79 4.68 21.63
N TRP B 274 -16.66 5.90 21.13
CA TRP B 274 -17.67 6.47 20.24
C TRP B 274 -17.39 6.13 18.78
N GLY B 275 -16.12 6.07 18.39
CA GLY B 275 -15.76 5.60 17.08
C GLY B 275 -15.74 4.09 16.99
N TYR B 276 -15.68 3.59 15.76
CA TYR B 276 -15.71 2.15 15.52
C TYR B 276 -14.41 1.51 15.98
N ARG B 277 -14.54 0.33 16.60
CA ARG B 277 -13.40 -0.49 16.99
C ARG B 277 -13.54 -1.84 16.30
N ARG B 278 -12.47 -2.27 15.62
CA ARG B 278 -12.54 -3.53 14.89
C ARG B 278 -12.41 -4.74 15.80
N ASP B 279 -11.75 -4.60 16.96
CA ASP B 279 -11.59 -5.68 17.91
C ASP B 279 -12.58 -5.58 19.07
N MET B 280 -13.71 -4.91 18.86
CA MET B 280 -14.70 -4.78 19.90
C MET B 280 -15.33 -6.13 20.21
N ALA B 281 -15.41 -6.46 21.49
CA ALA B 281 -15.95 -7.74 21.93
C ALA B 281 -17.46 -7.63 22.14
N LEU B 282 -18.12 -8.79 22.20
CA LEU B 282 -19.56 -8.81 22.41
C LEU B 282 -19.93 -8.24 23.76
N SER B 283 -19.07 -8.42 24.77
CA SER B 283 -19.33 -7.83 26.08
C SER B 283 -19.27 -6.31 26.04
N ASP B 284 -18.42 -5.75 25.17
CA ASP B 284 -18.33 -4.31 25.02
C ASP B 284 -19.59 -3.70 24.43
N VAL B 285 -20.44 -4.51 23.81
CA VAL B 285 -21.65 -4.03 23.16
C VAL B 285 -22.76 -3.93 24.21
N THR B 286 -23.41 -2.78 24.27
CA THR B 286 -24.49 -2.56 25.22
C THR B 286 -25.65 -3.49 24.94
N GLU B 287 -26.19 -4.11 25.99
CA GLU B 287 -27.33 -5.00 25.83
C GLU B 287 -28.56 -4.19 25.42
N GLU B 288 -29.49 -4.86 24.73
CA GLU B 288 -30.65 -4.18 24.19
C GLU B 288 -31.62 -3.77 25.29
N SER B 289 -31.75 -4.60 26.32
CA SER B 289 -32.58 -4.23 27.47
C SER B 289 -32.04 -2.97 28.13
N GLU B 290 -30.73 -2.84 28.23
CA GLU B 290 -30.13 -1.63 28.78
C GLU B 290 -30.45 -0.41 27.92
N ILE B 291 -30.40 -0.55 26.60
CA ILE B 291 -30.70 0.57 25.71
C ILE B 291 -32.15 1.00 25.88
N ILE B 292 -33.07 0.04 25.91
CA ILE B 292 -34.48 0.39 26.03
C ILE B 292 -34.78 0.99 27.40
N SER B 293 -34.14 0.45 28.45
CA SER B 293 -34.31 1.02 29.78
C SER B 293 -33.80 2.46 29.84
N GLU B 294 -32.63 2.72 29.26
CA GLU B 294 -32.09 4.08 29.23
C GLU B 294 -33.01 5.01 28.47
N LEU B 295 -33.55 4.56 27.34
CA LEU B 295 -34.48 5.39 26.58
C LEU B 295 -35.72 5.71 27.38
N VAL B 296 -36.27 4.71 28.08
CA VAL B 296 -37.49 4.92 28.86
C VAL B 296 -37.22 5.90 30.01
N GLN B 297 -36.12 5.70 30.72
CA GLN B 297 -35.79 6.59 31.83
C GLN B 297 -35.53 8.01 31.36
N THR B 298 -34.87 8.16 30.21
CA THR B 298 -34.59 9.50 29.69
C THR B 298 -35.88 10.20 29.26
N VAL B 299 -36.73 9.52 28.49
CA VAL B 299 -37.96 10.13 28.02
C VAL B 299 -38.90 10.45 29.17
N SER B 300 -38.94 9.57 30.18
CA SER B 300 -39.77 9.83 31.35
C SER B 300 -39.33 11.08 32.10
N LEU B 301 -38.03 11.37 32.09
CA LEU B 301 -37.50 12.55 32.77
C LEU B 301 -37.44 13.78 31.87
N GLY B 302 -38.08 13.74 30.72
CA GLY B 302 -38.19 14.90 29.87
C GLY B 302 -37.03 15.15 28.93
N GLY B 303 -36.09 14.20 28.81
CA GLY B 303 -34.93 14.36 27.96
C GLY B 303 -35.06 13.62 26.64
N ASN B 304 -34.15 13.97 25.73
CA ASN B 304 -34.01 13.26 24.47
C ASN B 304 -32.93 12.20 24.60
N TYR B 305 -32.99 11.21 23.72
CA TYR B 305 -32.08 10.07 23.76
C TYR B 305 -31.29 10.04 22.46
N LEU B 306 -29.96 10.04 22.57
CA LEU B 306 -29.06 10.08 21.42
C LEU B 306 -28.14 8.87 21.47
N LEU B 307 -28.44 7.87 20.63
CA LEU B 307 -27.69 6.63 20.59
C LEU B 307 -26.64 6.69 19.50
N ASN B 308 -25.41 6.34 19.84
CA ASN B 308 -24.26 6.51 18.96
C ASN B 308 -23.83 5.19 18.34
N ILE B 309 -23.49 5.24 17.06
CA ILE B 309 -22.90 4.11 16.35
C ILE B 309 -21.64 4.60 15.65
N GLY B 310 -20.72 3.68 15.40
CA GLY B 310 -19.50 3.99 14.70
C GLY B 310 -19.32 3.18 13.44
N PRO B 311 -19.41 3.83 12.28
CA PRO B 311 -19.19 3.13 11.03
C PRO B 311 -17.72 2.80 10.81
N THR B 312 -17.49 1.76 10.00
CA THR B 312 -16.14 1.35 9.64
C THR B 312 -15.55 2.31 8.63
N LYS B 313 -14.25 2.14 8.36
CA LYS B 313 -13.57 3.00 7.39
C LYS B 313 -14.10 2.79 5.97
N ASP B 314 -14.78 1.69 5.70
CA ASP B 314 -15.39 1.45 4.40
C ASP B 314 -16.80 2.03 4.30
N GLY B 315 -17.31 2.65 5.36
CA GLY B 315 -18.63 3.22 5.32
C GLY B 315 -19.76 2.26 5.60
N LEU B 316 -19.49 1.19 6.34
CA LEU B 316 -20.49 0.18 6.66
C LEU B 316 -20.83 0.22 8.14
N ILE B 317 -22.09 -0.07 8.44
CA ILE B 317 -22.56 -0.24 9.82
C ILE B 317 -22.61 -1.73 10.09
N VAL B 318 -21.90 -2.18 11.13
CA VAL B 318 -21.70 -3.60 11.40
C VAL B 318 -23.02 -4.25 11.81
N PRO B 319 -23.19 -5.56 11.61
CA PRO B 319 -24.48 -6.19 11.90
C PRO B 319 -24.94 -6.07 13.34
N ILE B 320 -24.03 -5.99 14.31
CA ILE B 320 -24.47 -5.92 15.70
C ILE B 320 -25.12 -4.57 16.00
N PHE B 321 -24.56 -3.48 15.48
CA PHE B 321 -25.18 -2.17 15.63
C PHE B 321 -26.53 -2.14 14.92
N GLN B 322 -26.61 -2.75 13.74
CA GLN B 322 -27.88 -2.83 13.02
C GLN B 322 -28.92 -3.59 13.83
N GLU B 323 -28.51 -4.70 14.46
CA GLU B 323 -29.45 -5.47 15.27
C GLU B 323 -29.95 -4.66 16.45
N ARG B 324 -29.05 -3.96 17.14
CA ARG B 324 -29.48 -3.13 18.27
C ARG B 324 -30.45 -2.05 17.83
N LEU B 325 -30.12 -1.34 16.75
CA LEU B 325 -30.98 -0.27 16.27
C LEU B 325 -32.33 -0.79 15.79
N LEU B 326 -32.32 -1.92 15.08
CA LEU B 326 -33.57 -2.47 14.56
C LEU B 326 -34.45 -3.00 15.68
N ALA B 327 -33.87 -3.54 16.75
CA ALA B 327 -34.71 -3.95 17.88
C ALA B 327 -35.25 -2.76 18.63
N VAL B 328 -34.47 -1.67 18.73
CA VAL B 328 -35.02 -0.42 19.27
C VAL B 328 -36.22 0.02 18.44
N GLY B 329 -36.08 -0.03 17.11
CA GLY B 329 -37.18 0.37 16.24
C GLY B 329 -38.38 -0.53 16.35
N LYS B 330 -38.15 -1.84 16.53
CA LYS B 330 -39.24 -2.77 16.71
C LYS B 330 -40.00 -2.49 18.01
N TRP B 331 -39.28 -2.20 19.09
CA TRP B 331 -39.95 -1.83 20.34
C TRP B 331 -40.71 -0.53 20.18
N LEU B 332 -40.15 0.43 19.45
CA LEU B 332 -40.81 1.71 19.25
C LEU B 332 -42.08 1.55 18.42
N SER B 333 -42.06 0.64 17.44
CA SER B 333 -43.24 0.43 16.60
C SER B 333 -44.45 0.00 17.42
N ILE B 334 -44.25 -0.52 18.62
CA ILE B 334 -45.33 -0.90 19.51
C ILE B 334 -45.58 0.14 20.59
N ASN B 335 -44.51 0.72 21.15
CA ASN B 335 -44.64 1.59 22.31
C ASN B 335 -44.34 3.05 22.02
N GLY B 336 -44.51 3.50 20.77
CA GLY B 336 -44.21 4.87 20.44
C GLY B 336 -45.27 5.87 20.85
N GLU B 337 -46.50 5.41 21.10
CA GLU B 337 -47.53 6.31 21.60
C GLU B 337 -47.18 6.88 22.96
N ALA B 338 -46.34 6.18 23.73
CA ALA B 338 -45.90 6.62 25.04
C ALA B 338 -44.59 7.41 24.98
N ILE B 339 -43.97 7.54 23.81
CA ILE B 339 -42.65 8.15 23.71
C ILE B 339 -42.70 9.41 22.87
N TYR B 340 -43.09 9.29 21.61
CA TYR B 340 -43.08 10.41 20.69
C TYR B 340 -44.09 11.47 21.13
N ALA B 341 -43.66 12.72 21.14
CA ALA B 341 -44.51 13.86 21.50
C ALA B 341 -45.18 13.66 22.85
N SER B 342 -44.41 13.16 23.82
CA SER B 342 -44.90 12.93 25.16
C SER B 342 -44.29 13.95 26.13
N LYS B 343 -44.86 14.01 27.33
CA LYS B 343 -44.41 14.92 28.35
C LYS B 343 -44.21 14.18 29.67
N PRO B 344 -43.26 14.62 30.50
CA PRO B 344 -43.13 14.02 31.83
C PRO B 344 -44.38 14.26 32.66
N TRP B 345 -44.73 13.26 33.47
CA TRP B 345 -45.88 13.32 34.34
C TRP B 345 -45.49 14.01 35.65
N ARG B 346 -46.38 13.96 36.64
CA ARG B 346 -46.11 14.60 37.93
C ARG B 346 -45.31 13.71 38.87
N VAL B 347 -45.04 12.45 38.49
CA VAL B 347 -44.35 11.49 39.34
C VAL B 347 -43.12 10.91 38.64
N GLN B 348 -43.32 10.37 37.44
CA GLN B 348 -42.28 9.92 36.51
C GLN B 348 -41.60 8.62 36.94
N TRP B 349 -41.82 8.17 38.17
CA TRP B 349 -41.33 6.89 38.64
C TRP B 349 -41.88 6.65 40.05
N GLU B 350 -42.21 5.39 40.34
CA GLU B 350 -42.79 5.05 41.63
C GLU B 350 -41.68 4.73 42.62
N LYS B 351 -41.86 5.13 43.88
CA LYS B 351 -40.82 4.97 44.88
C LYS B 351 -40.57 3.50 45.21
N ASN B 352 -41.64 2.76 45.49
CA ASN B 352 -41.56 1.35 45.86
C ASN B 352 -42.29 0.54 44.80
N THR B 353 -41.55 0.10 43.78
CA THR B 353 -42.16 -0.59 42.66
C THR B 353 -41.20 -1.59 42.03
N THR B 354 -41.49 -1.98 40.80
CA THR B 354 -40.61 -2.81 39.99
C THR B 354 -40.07 -1.98 38.83
N SER B 355 -39.65 -0.76 39.13
CA SER B 355 -39.11 0.18 38.14
C SER B 355 -40.15 0.51 37.06
N VAL B 356 -41.22 1.17 37.51
CA VAL B 356 -42.26 1.71 36.63
C VAL B 356 -41.98 3.18 36.40
N TRP B 357 -42.04 3.62 35.14
CA TRP B 357 -41.78 5.00 34.76
C TRP B 357 -42.99 5.56 34.05
N TYR B 358 -43.23 6.87 34.22
CA TYR B 358 -44.45 7.50 33.77
C TYR B 358 -44.19 8.53 32.68
N THR B 359 -45.01 8.49 31.64
CA THR B 359 -45.08 9.54 30.64
C THR B 359 -46.53 9.97 30.47
N SER B 360 -46.74 11.12 29.84
CA SER B 360 -48.08 11.65 29.66
C SER B 360 -48.23 12.18 28.25
N LYS B 361 -49.46 12.10 27.73
CA LYS B 361 -49.79 12.70 26.43
C LYS B 361 -51.27 13.05 26.47
N GLY B 362 -51.56 14.35 26.51
CA GLY B 362 -52.94 14.79 26.59
C GLY B 362 -53.59 14.27 27.87
N SER B 363 -54.70 13.56 27.72
CA SER B 363 -55.40 12.98 28.86
C SER B 363 -54.96 11.54 29.14
N ALA B 364 -53.99 11.02 28.40
CA ALA B 364 -53.54 9.65 28.57
C ALA B 364 -52.23 9.61 29.37
N VAL B 365 -52.12 8.61 30.24
CA VAL B 365 -50.93 8.38 31.05
C VAL B 365 -50.39 7.02 30.67
N TYR B 366 -49.06 6.91 30.58
CA TYR B 366 -48.42 5.67 30.18
C TYR B 366 -47.44 5.24 31.24
N ALA B 367 -47.59 4.02 31.74
CA ALA B 367 -46.70 3.43 32.74
C ALA B 367 -45.89 2.32 32.05
N ILE B 368 -44.60 2.56 31.88
CA ILE B 368 -43.70 1.59 31.27
C ILE B 368 -42.99 0.85 32.40
N PHE B 369 -43.15 -0.46 32.44
CA PHE B 369 -42.48 -1.30 33.41
C PHE B 369 -41.52 -2.23 32.69
N LEU B 370 -40.34 -2.40 33.29
CA LEU B 370 -39.25 -3.17 32.70
C LEU B 370 -39.10 -4.55 33.33
N HIS B 371 -40.00 -4.92 34.26
CA HIS B 371 -39.90 -6.19 34.94
C HIS B 371 -41.32 -6.73 35.15
N TRP B 372 -41.63 -7.84 34.52
CA TRP B 372 -42.93 -8.47 34.72
C TRP B 372 -43.06 -8.93 36.17
N PRO B 373 -44.08 -8.50 36.90
CA PRO B 373 -44.23 -8.94 38.29
C PRO B 373 -44.46 -10.44 38.38
N GLU B 374 -43.90 -11.05 39.43
CA GLU B 374 -44.06 -12.49 39.63
C GLU B 374 -45.50 -12.86 39.93
N ASN B 375 -46.20 -12.04 40.72
CA ASN B 375 -47.59 -12.31 41.05
C ASN B 375 -48.52 -12.13 39.86
N GLY B 376 -48.06 -11.55 38.77
CA GLY B 376 -48.90 -11.30 37.62
C GLY B 376 -49.76 -10.06 37.72
N VAL B 377 -49.63 -9.29 38.79
CA VAL B 377 -50.44 -8.08 39.01
C VAL B 377 -49.49 -6.89 39.13
N LEU B 378 -49.77 -5.85 38.35
CA LEU B 378 -48.98 -4.62 38.38
C LEU B 378 -49.60 -3.65 39.38
N ASN B 379 -48.74 -3.06 40.22
CA ASN B 379 -49.18 -2.15 41.26
C ASN B 379 -48.79 -0.72 40.86
N LEU B 380 -49.78 0.15 40.76
CA LEU B 380 -49.60 1.55 40.40
C LEU B 380 -50.22 2.40 41.51
N GLU B 381 -49.39 2.87 42.44
CA GLU B 381 -49.86 3.64 43.59
C GLU B 381 -49.94 5.14 43.32
N SER B 382 -49.43 5.61 42.19
CA SER B 382 -49.53 7.02 41.83
C SER B 382 -50.87 7.40 41.21
N PRO B 383 -51.38 6.67 40.20
CA PRO B 383 -52.59 7.16 39.50
C PRO B 383 -53.82 7.16 40.39
N ILE B 384 -54.76 8.04 40.06
CA ILE B 384 -56.05 8.14 40.74
C ILE B 384 -57.15 7.96 39.71
N THR B 385 -57.98 6.94 39.89
CA THR B 385 -59.08 6.65 38.99
C THR B 385 -60.39 7.19 39.56
N THR B 386 -61.21 7.78 38.69
CA THR B 386 -62.45 8.37 39.22
C THR B 386 -63.72 7.68 38.73
N SER B 387 -64.01 7.75 37.43
CA SER B 387 -65.22 7.12 36.93
C SER B 387 -65.03 6.32 35.65
N THR B 388 -64.24 6.84 34.71
CA THR B 388 -64.14 6.29 33.37
C THR B 388 -62.74 5.80 33.02
N THR B 389 -62.03 5.26 34.00
CA THR B 389 -60.68 4.78 33.77
C THR B 389 -60.71 3.53 32.90
N LYS B 390 -59.86 3.52 31.86
CA LYS B 390 -59.72 2.37 30.98
C LYS B 390 -58.25 2.04 30.80
N ILE B 391 -57.96 0.75 30.65
CA ILE B 391 -56.60 0.25 30.52
C ILE B 391 -56.44 -0.35 29.12
N THR B 392 -55.30 -0.06 28.48
CA THR B 392 -55.09 -0.46 27.10
C THR B 392 -54.02 -1.54 26.95
N MET B 393 -52.83 -1.35 27.54
CA MET B 393 -51.70 -2.27 27.37
C MET B 393 -51.35 -2.41 25.88
N LEU B 394 -50.76 -1.31 25.38
CA LEU B 394 -50.34 -1.20 23.98
C LEU B 394 -49.75 -2.50 23.46
N GLY B 395 -50.29 -2.96 22.33
CA GLY B 395 -49.91 -4.22 21.73
C GLY B 395 -50.82 -5.38 22.06
N ILE B 396 -51.64 -5.26 23.10
CA ILE B 396 -52.56 -6.31 23.53
C ILE B 396 -53.97 -5.76 23.45
N GLN B 397 -54.86 -6.50 22.78
CA GLN B 397 -56.24 -6.06 22.62
C GLN B 397 -57.06 -6.34 23.88
N GLY B 398 -57.97 -5.42 24.19
CA GLY B 398 -58.89 -5.61 25.30
C GLY B 398 -58.49 -4.90 26.56
N ASP B 399 -59.47 -4.30 27.25
CA ASP B 399 -59.19 -3.59 28.48
C ASP B 399 -58.91 -4.59 29.61
N LEU B 400 -57.83 -4.35 30.35
CA LEU B 400 -57.47 -5.22 31.44
C LEU B 400 -58.35 -4.95 32.66
N LYS B 401 -58.33 -5.89 33.61
CA LYS B 401 -59.08 -5.76 34.85
C LYS B 401 -58.24 -5.01 35.88
N TRP B 402 -58.88 -4.11 36.61
CA TRP B 402 -58.19 -3.31 37.61
C TRP B 402 -59.05 -3.14 38.86
N SER B 403 -58.38 -2.98 40.00
CA SER B 403 -59.04 -2.87 41.29
C SER B 403 -58.35 -1.78 42.11
N THR B 404 -59.15 -1.03 42.88
CA THR B 404 -58.63 0.01 43.75
C THR B 404 -58.56 -0.48 45.19
N ASP B 405 -57.69 0.17 45.96
CA ASP B 405 -57.49 -0.14 47.37
C ASP B 405 -57.51 1.13 48.21
N PRO B 406 -58.07 1.08 49.42
CA PRO B 406 -58.11 2.29 50.26
C PRO B 406 -56.75 2.68 50.82
N ASP B 407 -55.95 1.70 51.21
CA ASP B 407 -54.61 1.96 51.71
C ASP B 407 -53.52 1.77 50.66
N LYS B 408 -53.70 0.85 49.73
CA LYS B 408 -52.78 0.65 48.64
C LYS B 408 -53.23 1.50 47.44
N GLY B 409 -52.65 1.25 46.27
CA GLY B 409 -53.01 2.00 45.09
C GLY B 409 -53.92 1.25 44.14
N LEU B 410 -53.47 1.06 42.91
CA LEU B 410 -54.24 0.38 41.88
C LEU B 410 -53.55 -0.93 41.53
N PHE B 411 -54.33 -1.99 41.33
CA PHE B 411 -53.81 -3.29 40.92
C PHE B 411 -54.42 -3.66 39.58
N ILE B 412 -53.56 -3.96 38.61
CA ILE B 412 -53.99 -4.29 37.25
C ILE B 412 -53.55 -5.72 36.95
N SER B 413 -54.49 -6.54 36.49
CA SER B 413 -54.19 -7.93 36.14
C SER B 413 -53.66 -7.98 34.72
N LEU B 414 -52.35 -8.23 34.60
CA LEU B 414 -51.72 -8.30 33.28
C LEU B 414 -52.19 -9.55 32.54
N PRO B 415 -52.31 -9.47 31.22
CA PRO B 415 -52.74 -10.64 30.45
C PRO B 415 -51.65 -11.70 30.34
N GLN B 416 -51.83 -12.82 31.05
CA GLN B 416 -50.84 -13.90 31.00
C GLN B 416 -50.70 -14.43 29.59
N LEU B 417 -49.46 -14.59 29.15
CA LEU B 417 -49.17 -14.97 27.77
C LEU B 417 -48.08 -16.04 27.75
N PRO B 418 -48.10 -16.91 26.73
CA PRO B 418 -47.07 -17.94 26.61
C PRO B 418 -45.71 -17.32 26.31
N PRO B 419 -44.61 -18.02 26.62
CA PRO B 419 -43.29 -17.49 26.29
C PRO B 419 -43.13 -17.28 24.80
N SER B 420 -42.32 -16.28 24.45
CA SER B 420 -42.06 -15.91 23.06
C SER B 420 -43.35 -15.57 22.33
N ALA B 421 -44.26 -14.88 23.05
CA ALA B 421 -45.52 -14.48 22.44
C ALA B 421 -45.93 -13.06 22.84
N VAL B 422 -45.03 -12.29 23.45
CA VAL B 422 -45.34 -10.91 23.85
C VAL B 422 -44.78 -9.97 22.79
N PRO B 423 -45.52 -8.91 22.42
CA PRO B 423 -45.04 -8.00 21.37
C PRO B 423 -43.67 -7.40 21.69
N ALA B 424 -43.47 -7.01 22.94
CA ALA B 424 -42.17 -6.55 23.41
C ALA B 424 -41.56 -7.60 24.34
N GLU B 425 -40.26 -7.50 24.54
CA GLU B 425 -39.53 -8.47 25.36
C GLU B 425 -38.74 -7.86 26.50
N PHE B 426 -38.54 -6.54 26.53
CA PHE B 426 -37.76 -5.89 27.57
C PHE B 426 -38.53 -4.83 28.35
N ALA B 427 -39.66 -4.34 27.84
CA ALA B 427 -40.44 -3.33 28.54
C ALA B 427 -41.86 -3.36 28.00
N TRP B 428 -42.81 -3.02 28.86
CA TRP B 428 -44.22 -3.03 28.48
C TRP B 428 -44.90 -1.76 28.97
N THR B 429 -45.86 -1.28 28.19
CA THR B 429 -46.54 -0.02 28.44
C THR B 429 -48.01 -0.26 28.76
N ILE B 430 -48.48 0.34 29.85
CA ILE B 430 -49.88 0.34 30.23
C ILE B 430 -50.42 1.75 30.00
N LYS B 431 -51.50 1.84 29.24
CA LYS B 431 -52.12 3.14 28.93
C LYS B 431 -53.39 3.30 29.75
N LEU B 432 -53.44 4.37 30.53
CA LEU B 432 -54.58 4.70 31.38
C LEU B 432 -55.21 6.00 30.89
N THR B 433 -56.51 5.95 30.61
CA THR B 433 -57.28 7.14 30.28
C THR B 433 -58.23 7.45 31.42
N GLY B 434 -58.70 8.68 31.46
CA GLY B 434 -59.56 9.11 32.55
C GLY B 434 -58.90 9.01 33.91
N VAL B 435 -57.60 9.30 33.97
CA VAL B 435 -56.82 9.20 35.19
C VAL B 435 -56.14 10.55 35.45
N LYS B 436 -56.30 11.05 36.66
CA LYS B 436 -55.74 12.35 37.01
C LYS B 436 -54.37 12.20 37.68
N ARG C 6 16.83 52.99 4.91
CA ARG C 6 15.40 52.73 4.99
C ARG C 6 14.74 52.79 3.61
N TYR C 7 13.86 51.83 3.34
CA TYR C 7 13.15 51.76 2.08
C TYR C 7 11.65 51.81 2.33
N THR C 8 10.90 52.25 1.33
CA THR C 8 9.47 52.40 1.46
C THR C 8 8.73 51.46 0.50
N PRO C 9 7.50 51.06 0.83
CA PRO C 9 6.80 50.08 -0.01
C PRO C 9 6.38 50.62 -1.36
N ASP C 10 7.36 50.84 -2.24
CA ASP C 10 7.08 51.25 -3.61
C ASP C 10 8.26 50.86 -4.49
N TRP C 11 7.96 50.53 -5.74
CA TRP C 11 9.00 50.03 -6.64
C TRP C 11 10.14 51.01 -6.89
N PRO C 12 9.91 52.31 -7.10
CA PRO C 12 11.07 53.22 -7.26
C PRO C 12 12.01 53.22 -6.06
N SER C 13 11.48 53.07 -4.85
CA SER C 13 12.35 52.99 -3.68
C SER C 13 13.03 51.63 -3.57
N LEU C 14 12.29 50.55 -3.86
CA LEU C 14 12.84 49.21 -3.68
C LEU C 14 13.92 48.89 -4.71
N ASP C 15 13.74 49.37 -5.95
CA ASP C 15 14.68 49.08 -7.02
C ASP C 15 16.01 49.80 -6.86
N SER C 16 16.12 50.75 -5.94
CA SER C 16 17.36 51.49 -5.74
C SER C 16 18.33 50.78 -4.80
N ARG C 17 17.93 49.66 -4.23
CA ARG C 17 18.81 48.93 -3.31
C ARG C 17 19.95 48.27 -4.08
N PRO C 18 21.21 48.56 -3.74
CA PRO C 18 22.31 47.88 -4.43
C PRO C 18 22.40 46.42 -4.05
N LEU C 19 22.78 45.59 -5.02
CA LEU C 19 22.86 44.16 -4.78
C LEU C 19 24.07 43.83 -3.91
N PRO C 20 23.92 42.93 -2.95
CA PRO C 20 25.10 42.42 -2.23
C PRO C 20 26.07 41.74 -3.20
N ALA C 21 27.36 41.94 -2.94
CA ALA C 21 28.39 41.53 -3.90
C ALA C 21 28.54 40.02 -3.99
N TRP C 22 28.07 39.26 -3.00
CA TRP C 22 28.26 37.82 -3.03
C TRP C 22 27.54 37.19 -4.22
N PHE C 23 26.33 37.68 -4.54
CA PHE C 23 25.57 37.10 -5.63
C PHE C 23 26.30 37.26 -6.95
N ASP C 24 26.86 38.45 -7.20
CA ASP C 24 27.64 38.64 -8.41
C ASP C 24 28.90 37.79 -8.40
N GLU C 25 29.56 37.67 -7.25
CA GLU C 25 30.79 36.89 -7.20
C GLU C 25 30.55 35.39 -7.27
N ALA C 26 29.32 34.92 -7.10
CA ALA C 26 29.04 33.49 -7.09
C ALA C 26 29.11 32.90 -8.50
N LYS C 27 28.24 33.38 -9.40
CA LYS C 27 28.24 33.06 -10.83
C LYS C 27 27.76 31.65 -11.16
N PHE C 28 27.50 30.80 -10.16
CA PHE C 28 27.07 29.44 -10.42
C PHE C 28 26.34 28.89 -9.19
N GLY C 29 25.07 28.52 -9.37
CA GLY C 29 24.29 27.93 -8.32
C GLY C 29 23.59 26.67 -8.81
N VAL C 30 23.06 25.91 -7.85
CA VAL C 30 22.36 24.65 -8.13
C VAL C 30 20.91 24.81 -7.71
N PHE C 31 20.01 24.51 -8.64
CA PHE C 31 18.57 24.58 -8.42
C PHE C 31 18.04 23.18 -8.08
N ILE C 32 17.21 23.10 -7.05
CA ILE C 32 16.62 21.84 -6.62
C ILE C 32 15.11 21.97 -6.64
N HIS C 33 14.46 21.15 -7.49
CA HIS C 33 13.02 21.05 -7.55
C HIS C 33 12.62 19.73 -6.90
N TRP C 34 12.02 19.82 -5.71
CA TRP C 34 11.73 18.64 -4.91
C TRP C 34 10.39 18.84 -4.21
N GLY C 35 9.49 17.88 -4.36
CA GLY C 35 8.19 17.98 -3.73
C GLY C 35 7.35 16.76 -4.01
N VAL C 36 6.04 16.90 -3.78
CA VAL C 36 5.11 15.79 -3.99
C VAL C 36 5.08 15.37 -5.45
N PHE C 37 5.36 16.30 -6.37
CA PHE C 37 5.37 15.96 -7.79
C PHE C 37 6.45 14.92 -8.12
N SER C 38 7.43 14.73 -7.23
CA SER C 38 8.44 13.70 -7.42
C SER C 38 7.89 12.29 -7.21
N VAL C 39 6.70 12.15 -6.62
CA VAL C 39 6.13 10.83 -6.38
C VAL C 39 5.59 10.25 -7.69
N PRO C 40 4.71 10.94 -8.42
CA PRO C 40 4.37 10.42 -9.76
C PRO C 40 5.59 10.36 -10.68
N ALA C 41 6.46 11.37 -10.61
CA ALA C 41 7.70 11.41 -11.39
C ALA C 41 7.46 11.12 -12.86
N TRP C 42 6.44 11.79 -13.42
CA TRP C 42 6.03 11.54 -14.79
C TRP C 42 5.51 12.83 -15.40
N GLY C 43 5.91 13.08 -16.64
CA GLY C 43 5.49 14.27 -17.36
C GLY C 43 6.30 15.50 -17.02
N SER C 44 6.02 16.10 -15.85
CA SER C 44 6.73 17.27 -15.37
C SER C 44 6.28 17.53 -13.93
N GLU C 45 6.81 18.61 -13.36
CA GLU C 45 6.35 19.08 -12.05
C GLU C 45 4.97 19.72 -12.12
N TRP C 46 4.44 19.95 -13.32
CA TRP C 46 3.08 20.43 -13.53
C TRP C 46 2.08 19.29 -13.64
N PHE C 47 2.37 18.15 -13.03
CA PHE C 47 1.51 16.97 -13.16
C PHE C 47 0.09 17.25 -12.71
N TRP C 48 -0.08 17.91 -11.57
CA TRP C 48 -1.42 18.16 -11.04
C TRP C 48 -2.24 19.03 -11.98
N TRP C 49 -1.64 20.08 -12.52
CA TRP C 49 -2.38 20.96 -13.43
C TRP C 49 -2.72 20.25 -14.74
N HIS C 50 -1.75 19.54 -15.32
CA HIS C 50 -2.01 18.82 -16.57
C HIS C 50 -3.06 17.75 -16.39
N TRP C 51 -3.11 17.13 -15.21
CA TRP C 51 -4.04 16.03 -14.97
C TRP C 51 -5.44 16.54 -14.65
N GLN C 52 -5.55 17.47 -13.69
CA GLN C 52 -6.85 17.94 -13.23
C GLN C 52 -7.24 19.31 -13.75
N GLY C 53 -6.29 20.24 -13.84
CA GLY C 53 -6.62 21.58 -14.33
C GLY C 53 -6.80 21.67 -15.83
N GLU C 54 -6.25 20.73 -16.58
CA GLU C 54 -6.40 20.69 -18.03
C GLU C 54 -7.05 19.43 -18.54
N GLY C 55 -6.96 18.32 -17.82
CA GLY C 55 -7.55 17.07 -18.27
C GLY C 55 -6.91 16.48 -19.50
N ARG C 56 -5.59 16.54 -19.61
CA ARG C 56 -4.91 15.95 -20.75
C ARG C 56 -5.09 14.43 -20.72
N PRO C 57 -5.44 13.81 -21.85
CA PRO C 57 -5.74 12.37 -21.84
C PRO C 57 -4.58 11.50 -21.41
N GLN C 58 -3.33 11.90 -21.69
CA GLN C 58 -2.18 11.08 -21.30
C GLN C 58 -2.05 10.97 -19.79
N TYR C 59 -2.26 12.07 -19.07
CA TYR C 59 -2.16 12.04 -17.61
C TYR C 59 -3.29 11.25 -16.99
N GLN C 60 -4.51 11.39 -17.54
CA GLN C 60 -5.63 10.59 -17.08
C GLN C 60 -5.38 9.11 -17.32
N ARG C 61 -4.79 8.77 -18.46
CA ARG C 61 -4.44 7.38 -18.74
C ARG C 61 -3.39 6.86 -17.78
N PHE C 62 -2.39 7.69 -17.46
CA PHE C 62 -1.36 7.29 -16.51
C PHE C 62 -1.97 7.01 -15.14
N MET C 63 -2.85 7.90 -14.68
CA MET C 63 -3.49 7.70 -13.38
C MET C 63 -4.41 6.49 -13.40
N ARG C 64 -5.08 6.24 -14.53
CA ARG C 64 -5.93 5.06 -14.66
C ARG C 64 -5.12 3.78 -14.56
N ASP C 65 -3.98 3.73 -15.25
CA ASP C 65 -3.19 2.51 -15.32
C ASP C 65 -2.33 2.26 -14.10
N ASN C 66 -2.00 3.30 -13.32
CA ASN C 66 -1.04 3.14 -12.25
C ASN C 66 -1.63 3.24 -10.85
N TYR C 67 -2.88 3.68 -10.71
CA TYR C 67 -3.46 3.92 -9.39
C TYR C 67 -4.92 3.52 -9.40
N PRO C 68 -5.49 3.20 -8.24
CA PRO C 68 -6.90 2.82 -8.17
C PRO C 68 -7.80 3.98 -8.56
N PRO C 69 -9.03 3.70 -9.01
CA PRO C 69 -9.93 4.79 -9.39
C PRO C 69 -10.23 5.71 -8.22
N GLY C 70 -10.39 6.99 -8.53
CA GLY C 70 -10.62 7.99 -7.52
C GLY C 70 -9.38 8.47 -6.79
N PHE C 71 -8.20 7.96 -7.15
CA PHE C 71 -6.97 8.43 -6.54
C PHE C 71 -6.80 9.93 -6.79
N SER C 72 -6.50 10.66 -5.73
CA SER C 72 -6.33 12.10 -5.79
C SER C 72 -4.87 12.47 -5.58
N TYR C 73 -4.55 13.73 -5.89
CA TYR C 73 -3.17 14.20 -5.77
C TYR C 73 -2.71 14.22 -4.32
N ALA C 74 -3.63 14.52 -3.39
CA ALA C 74 -3.25 14.54 -1.98
C ALA C 74 -2.83 13.16 -1.49
N ASP C 75 -3.36 12.10 -2.08
CA ASP C 75 -2.96 10.75 -1.72
C ASP C 75 -1.50 10.46 -2.05
N PHE C 76 -0.89 11.26 -2.93
CA PHE C 76 0.55 11.14 -3.17
C PHE C 76 1.37 11.52 -1.95
N GLY C 77 0.77 12.24 -0.99
CA GLY C 77 1.48 12.78 0.13
C GLY C 77 2.25 11.76 0.96
N PRO C 78 1.55 10.73 1.47
CA PRO C 78 2.25 9.70 2.24
C PRO C 78 3.33 8.97 1.46
N GLN C 79 3.20 8.86 0.14
CA GLN C 79 4.18 8.15 -0.67
C GLN C 79 5.49 8.91 -0.82
N PHE C 80 5.54 10.19 -0.43
CA PHE C 80 6.76 10.99 -0.50
C PHE C 80 7.63 10.66 0.72
N THR C 81 8.17 9.45 0.71
CA THR C 81 8.84 8.93 1.90
C THR C 81 10.18 9.63 2.14
N ALA C 82 10.99 9.79 1.09
CA ALA C 82 12.29 10.44 1.18
C ALA C 82 13.17 9.80 2.26
N ARG C 83 13.20 8.47 2.26
CA ARG C 83 13.89 7.74 3.32
C ARG C 83 15.38 7.56 3.05
N PHE C 84 15.87 7.93 1.88
CA PHE C 84 17.29 7.89 1.56
C PHE C 84 17.89 9.29 1.44
N PHE C 85 17.19 10.31 1.94
CA PHE C 85 17.67 11.68 1.87
C PHE C 85 18.81 11.87 2.87
N HIS C 86 19.97 12.26 2.36
CA HIS C 86 21.16 12.52 3.19
C HIS C 86 21.70 13.89 2.81
N PRO C 87 21.28 14.94 3.52
CA PRO C 87 21.67 16.30 3.11
C PRO C 87 23.18 16.54 3.10
N GLU C 88 23.95 15.84 3.93
CA GLU C 88 25.39 16.02 3.91
C GLU C 88 25.98 15.53 2.59
N GLU C 89 25.48 14.43 2.05
CA GLU C 89 25.92 13.96 0.74
C GLU C 89 25.54 14.95 -0.35
N TRP C 90 24.34 15.52 -0.27
CA TRP C 90 23.92 16.54 -1.22
C TRP C 90 24.87 17.74 -1.18
N ALA C 91 25.18 18.21 0.03
CA ALA C 91 26.06 19.37 0.17
C ALA C 91 27.46 19.06 -0.32
N ASP C 92 27.96 17.86 -0.07
CA ASP C 92 29.27 17.47 -0.57
C ASP C 92 29.28 17.44 -2.10
N LEU C 93 28.22 16.91 -2.71
CA LEU C 93 28.14 16.90 -4.16
C LEU C 93 28.08 18.32 -4.73
N PHE C 94 27.29 19.19 -4.10
CA PHE C 94 27.20 20.57 -4.58
C PHE C 94 28.53 21.30 -4.43
N GLN C 95 29.25 21.03 -3.35
CA GLN C 95 30.59 21.61 -3.20
C GLN C 95 31.53 21.09 -4.26
N ALA C 96 31.49 19.79 -4.54
CA ALA C 96 32.34 19.21 -5.57
C ALA C 96 31.94 19.65 -6.98
N ALA C 97 30.73 20.19 -7.14
CA ALA C 97 30.29 20.72 -8.42
C ALA C 97 30.72 22.16 -8.65
N GLY C 98 31.36 22.79 -7.66
CA GLY C 98 31.74 24.18 -7.76
C GLY C 98 30.64 25.17 -7.51
N ALA C 99 29.47 24.71 -7.05
CA ALA C 99 28.36 25.61 -6.80
C ALA C 99 28.65 26.51 -5.61
N LYS C 100 28.34 27.80 -5.78
CA LYS C 100 28.50 28.77 -4.70
C LYS C 100 27.21 29.04 -3.93
N TYR C 101 26.05 28.72 -4.51
CA TYR C 101 24.79 28.85 -3.81
C TYR C 101 23.83 27.78 -4.29
N VAL C 102 22.89 27.42 -3.43
CA VAL C 102 21.94 26.35 -3.71
C VAL C 102 20.55 26.88 -3.41
N VAL C 103 19.65 26.80 -4.39
CA VAL C 103 18.27 27.26 -4.26
C VAL C 103 17.36 26.04 -4.26
N LEU C 104 16.66 25.81 -3.15
CA LEU C 104 15.76 24.69 -3.00
C LEU C 104 14.32 25.17 -3.01
N THR C 105 13.44 24.43 -3.70
CA THR C 105 12.02 24.77 -3.71
C THR C 105 11.40 24.43 -2.36
N THR C 106 11.04 25.44 -1.57
CA THR C 106 10.34 25.20 -0.32
C THR C 106 8.87 24.89 -0.55
N LYS C 107 8.26 25.50 -1.55
CA LYS C 107 6.86 25.25 -1.88
C LYS C 107 6.65 25.58 -3.36
N HIS C 108 6.00 24.67 -4.07
CA HIS C 108 5.69 24.83 -5.48
C HIS C 108 4.19 25.08 -5.64
N HIS C 109 3.73 25.10 -6.90
CA HIS C 109 2.33 25.39 -7.19
C HIS C 109 1.38 24.38 -6.56
N GLU C 110 1.86 23.19 -6.22
CA GLU C 110 1.01 22.21 -5.55
C GLU C 110 0.64 22.64 -4.14
N GLY C 111 1.34 23.63 -3.57
CA GLY C 111 1.03 24.12 -2.26
C GLY C 111 1.60 23.32 -1.11
N PHE C 112 2.40 22.29 -1.41
CA PHE C 112 3.00 21.44 -0.39
C PHE C 112 4.30 22.06 0.08
N THR C 113 4.35 22.46 1.34
CA THR C 113 5.53 23.12 1.89
C THR C 113 6.52 22.09 2.41
N ASN C 114 7.80 22.30 2.09
CA ASN C 114 8.87 21.41 2.50
C ASN C 114 9.36 21.67 3.91
N TRP C 115 8.65 22.49 4.68
CA TRP C 115 8.97 22.78 6.06
C TRP C 115 7.66 22.79 6.86
N PRO C 116 7.74 22.67 8.19
CA PRO C 116 6.50 22.64 8.98
C PRO C 116 5.79 23.98 9.01
N SER C 117 5.04 24.29 7.96
CA SER C 117 4.32 25.56 7.89
C SER C 117 3.07 25.49 8.76
N PRO C 118 2.86 26.46 9.65
CA PRO C 118 1.62 26.47 10.45
C PRO C 118 0.37 26.66 9.60
N VAL C 119 0.47 27.25 8.42
CA VAL C 119 -0.69 27.53 7.58
C VAL C 119 -0.84 26.49 6.46
N SER C 120 -0.08 25.40 6.53
CA SER C 120 -0.18 24.28 5.58
C SER C 120 -0.31 22.97 6.34
N TRP C 121 -1.20 22.96 7.33
CA TRP C 121 -1.33 21.81 8.22
C TRP C 121 -1.72 20.55 7.46
N ASN C 122 -1.03 19.46 7.77
CA ASN C 122 -1.23 18.14 7.16
C ASN C 122 -0.97 18.13 5.66
N TRP C 123 -0.38 19.19 5.13
CA TRP C 123 0.05 19.27 3.74
C TRP C 123 1.46 19.83 3.67
N ASN C 124 2.34 19.32 4.53
CA ASN C 124 3.72 19.75 4.62
C ASN C 124 4.60 18.53 4.84
N SER C 125 5.90 18.72 4.63
CA SER C 125 6.84 17.60 4.70
C SER C 125 6.98 17.03 6.09
N LYS C 126 6.58 17.78 7.12
CA LYS C 126 6.68 17.28 8.50
C LYS C 126 5.47 16.45 8.91
N ASP C 127 4.26 16.90 8.57
CA ASP C 127 3.06 16.18 9.00
C ASP C 127 2.86 14.91 8.20
N VAL C 128 3.13 14.95 6.90
CA VAL C 128 2.94 13.81 6.02
C VAL C 128 4.18 13.63 5.16
N GLY C 129 4.34 12.44 4.61
CA GLY C 129 5.42 12.15 3.70
C GLY C 129 6.74 11.92 4.40
N PRO C 130 7.71 12.81 4.17
CA PRO C 130 9.05 12.61 4.74
C PRO C 130 9.08 12.64 6.26
N HIS C 131 8.12 13.28 6.91
CA HIS C 131 8.11 13.47 8.37
C HIS C 131 9.39 14.17 8.82
N ARG C 132 9.85 15.14 8.03
CA ARG C 132 11.07 15.88 8.32
C ARG C 132 10.90 17.32 7.89
N ASP C 133 11.78 18.17 8.42
CA ASP C 133 11.94 19.54 7.93
C ASP C 133 13.06 19.52 6.91
N LEU C 134 12.70 19.33 5.64
CA LEU C 134 13.70 19.23 4.58
C LEU C 134 14.49 20.53 4.43
N VAL C 135 13.79 21.67 4.47
CA VAL C 135 14.45 22.95 4.29
C VAL C 135 15.49 23.17 5.38
N GLY C 136 15.13 22.89 6.63
CA GLY C 136 16.07 23.09 7.72
C GLY C 136 17.28 22.18 7.64
N GLU C 137 17.07 20.90 7.32
CA GLU C 137 18.19 19.96 7.23
C GLU C 137 19.15 20.34 6.11
N LEU C 138 18.61 20.65 4.93
CA LEU C 138 19.45 21.07 3.83
C LEU C 138 20.18 22.37 4.15
N GLY C 139 19.49 23.30 4.81
CA GLY C 139 20.13 24.55 5.19
C GLY C 139 21.28 24.35 6.16
N THR C 140 21.10 23.47 7.15
CA THR C 140 22.19 23.17 8.07
C THR C 140 23.37 22.56 7.33
N ALA C 141 23.09 21.60 6.45
CA ALA C 141 24.17 20.94 5.71
C ALA C 141 24.93 21.94 4.83
N LEU C 142 24.20 22.85 4.17
CA LEU C 142 24.86 23.81 3.29
C LEU C 142 25.62 24.87 4.08
N ARG C 143 25.05 25.34 5.19
CA ARG C 143 25.73 26.33 6.02
C ARG C 143 26.99 25.78 6.63
N LYS C 144 27.04 24.47 6.89
CA LYS C 144 28.27 23.86 7.39
C LYS C 144 29.40 23.93 6.37
N ARG C 145 29.08 24.09 5.08
CA ARG C 145 30.08 24.09 4.02
C ARG C 145 30.22 25.45 3.35
N ASN C 146 29.76 26.51 4.00
CA ASN C 146 29.89 27.89 3.49
C ASN C 146 29.23 28.08 2.13
N ILE C 147 28.12 27.38 1.89
CA ILE C 147 27.37 27.53 0.66
C ILE C 147 26.13 28.36 0.94
N ARG C 148 25.88 29.37 0.12
CA ARG C 148 24.74 30.25 0.30
C ARG C 148 23.43 29.50 0.04
N TYR C 149 22.39 29.91 0.76
CA TYR C 149 21.09 29.24 0.72
C TYR C 149 20.05 30.14 0.08
N GLY C 150 19.27 29.57 -0.81
CA GLY C 150 18.17 30.29 -1.44
C GLY C 150 16.90 29.48 -1.37
N LEU C 151 15.81 30.15 -1.05
CA LEU C 151 14.51 29.51 -0.91
C LEU C 151 13.63 29.91 -2.08
N TYR C 152 13.14 28.92 -2.82
CA TYR C 152 12.20 29.13 -3.90
C TYR C 152 10.79 29.06 -3.31
N HIS C 153 10.00 30.10 -3.54
CA HIS C 153 8.63 30.16 -3.06
C HIS C 153 7.71 30.52 -4.22
N SER C 154 6.70 29.69 -4.44
CA SER C 154 5.69 29.97 -5.44
C SER C 154 4.55 30.74 -4.80
N LEU C 155 4.18 31.88 -5.39
CA LEU C 155 3.13 32.69 -4.82
C LEU C 155 1.76 32.03 -4.98
N LEU C 156 1.48 31.48 -6.15
CA LEU C 156 0.17 30.91 -6.43
C LEU C 156 0.14 29.43 -6.10
N GLU C 157 -1.08 28.93 -5.90
CA GLU C 157 -1.36 27.50 -5.80
C GLU C 157 -2.53 27.19 -6.71
N TRP C 158 -2.41 26.10 -7.49
CA TRP C 158 -3.38 25.84 -8.55
C TRP C 158 -4.79 25.67 -7.99
N PHE C 159 -4.96 24.80 -7.00
CA PHE C 159 -6.27 24.35 -6.58
C PHE C 159 -6.61 24.72 -5.14
N HIS C 160 -5.85 25.62 -4.54
CA HIS C 160 -6.20 26.07 -3.19
C HIS C 160 -7.53 26.82 -3.23
N PRO C 161 -8.49 26.45 -2.38
CA PRO C 161 -9.83 27.08 -2.49
C PRO C 161 -9.81 28.58 -2.27
N LEU C 162 -8.96 29.10 -1.40
CA LEU C 162 -8.92 30.53 -1.15
C LEU C 162 -8.36 31.28 -2.36
N TYR C 163 -7.34 30.73 -3.01
CA TYR C 163 -6.83 31.35 -4.23
C TYR C 163 -7.87 31.32 -5.34
N LEU C 164 -8.60 30.21 -5.47
CA LEU C 164 -9.66 30.14 -6.47
C LEU C 164 -10.76 31.15 -6.17
N LEU C 165 -11.09 31.34 -4.89
CA LEU C 165 -12.08 32.34 -4.51
C LEU C 165 -11.60 33.75 -4.85
N ASP C 166 -10.33 34.05 -4.58
CA ASP C 166 -9.79 35.35 -4.95
C ASP C 166 -9.81 35.56 -6.45
N LYS C 167 -9.48 34.52 -7.22
CA LYS C 167 -9.51 34.63 -8.67
C LYS C 167 -10.93 34.84 -9.17
N LYS C 168 -11.91 34.17 -8.56
CA LYS C 168 -13.31 34.36 -8.94
C LYS C 168 -13.76 35.78 -8.69
N ASN C 169 -13.25 36.43 -7.65
CA ASN C 169 -13.60 37.80 -7.31
C ASN C 169 -12.79 38.83 -8.08
N GLY C 170 -11.98 38.40 -9.04
CA GLY C 170 -11.15 39.33 -9.76
C GLY C 170 -9.97 39.86 -8.97
N PHE C 171 -9.54 39.13 -7.93
CA PHE C 171 -8.43 39.51 -7.06
C PHE C 171 -8.70 40.83 -6.35
N LYS C 172 -9.97 41.14 -6.11
CA LYS C 172 -10.35 42.24 -5.24
C LYS C 172 -10.37 41.85 -3.77
N THR C 173 -10.34 40.56 -3.48
CA THR C 173 -10.16 40.06 -2.12
C THR C 173 -8.77 39.43 -1.99
N GLN C 174 -8.30 39.34 -0.77
CA GLN C 174 -6.94 38.88 -0.49
C GLN C 174 -6.95 37.80 0.58
N HIS C 175 -7.90 36.88 0.50
CA HIS C 175 -7.97 35.80 1.48
C HIS C 175 -6.74 34.89 1.39
N PHE C 176 -6.36 34.52 0.16
CA PHE C 176 -5.23 33.61 -0.02
C PHE C 176 -3.92 34.23 0.44
N VAL C 177 -3.71 35.51 0.15
CA VAL C 177 -2.45 36.16 0.51
C VAL C 177 -2.32 36.27 2.02
N SER C 178 -3.39 36.69 2.70
CA SER C 178 -3.33 36.84 4.15
C SER C 178 -3.31 35.49 4.86
N ALA C 179 -3.89 34.46 4.26
CA ALA C 179 -3.97 33.17 4.93
C ALA C 179 -2.68 32.36 4.79
N LYS C 180 -2.17 32.24 3.56
CA LYS C 180 -1.09 31.30 3.30
C LYS C 180 0.20 31.97 2.82
N THR C 181 0.14 32.77 1.77
CA THR C 181 1.35 33.18 1.06
C THR C 181 2.25 34.05 1.91
N MET C 182 1.76 35.20 2.35
CA MET C 182 2.57 36.11 3.15
C MET C 182 3.04 35.50 4.47
N PRO C 183 2.20 34.82 5.25
CA PRO C 183 2.72 34.15 6.46
C PRO C 183 3.83 33.14 6.14
N GLU C 184 3.70 32.41 5.03
CA GLU C 184 4.74 31.46 4.66
C GLU C 184 6.04 32.17 4.31
N LEU C 185 5.96 33.29 3.59
CA LEU C 185 7.17 34.05 3.28
C LEU C 185 7.82 34.58 4.56
N TYR C 186 7.02 35.10 5.48
CA TYR C 186 7.57 35.62 6.73
C TYR C 186 8.23 34.52 7.55
N ASP C 187 7.60 33.34 7.60
CA ASP C 187 8.18 32.21 8.33
C ASP C 187 9.46 31.73 7.65
N LEU C 188 9.48 31.71 6.31
CA LEU C 188 10.67 31.31 5.59
C LEU C 188 11.82 32.29 5.78
N VAL C 189 11.51 33.56 6.02
CA VAL C 189 12.59 34.53 6.22
C VAL C 189 13.07 34.50 7.67
N ASN C 190 12.15 34.45 8.63
CA ASN C 190 12.53 34.53 10.03
C ASN C 190 13.26 33.28 10.50
N SER C 191 13.00 32.14 9.86
CA SER C 191 13.75 30.91 10.12
C SER C 191 14.48 30.50 8.85
N TYR C 192 15.60 29.80 9.04
CA TYR C 192 16.47 29.32 7.96
C TYR C 192 17.27 30.45 7.33
N LYS C 193 16.97 31.70 7.71
CA LYS C 193 17.71 32.92 7.36
C LYS C 193 18.25 32.89 5.93
N PRO C 194 17.38 32.93 4.92
CA PRO C 194 17.83 32.72 3.55
C PRO C 194 18.74 33.83 3.05
N ASP C 195 19.68 33.46 2.18
CA ASP C 195 20.48 34.43 1.46
C ASP C 195 19.81 34.85 0.15
N LEU C 196 18.99 33.99 -0.44
CA LEU C 196 18.31 34.31 -1.68
C LEU C 196 16.83 33.94 -1.57
N ILE C 197 15.98 34.73 -2.21
CA ILE C 197 14.56 34.43 -2.34
C ILE C 197 14.22 34.38 -3.81
N TRP C 198 13.79 33.21 -4.27
CA TRP C 198 13.44 32.96 -5.66
C TRP C 198 11.92 32.87 -5.74
N SER C 199 11.28 33.97 -6.09
CA SER C 199 9.82 34.02 -6.14
C SER C 199 9.32 33.48 -7.48
N ASP C 200 8.11 32.92 -7.45
CA ASP C 200 7.52 32.35 -8.65
C ASP C 200 6.00 32.36 -8.50
N GLY C 201 5.32 31.91 -9.55
CA GLY C 201 3.87 31.83 -9.53
C GLY C 201 3.18 33.18 -9.42
N GLU C 202 3.61 34.14 -10.24
CA GLU C 202 3.15 35.52 -10.11
C GLU C 202 2.45 36.05 -11.36
N TRP C 203 2.34 35.26 -12.43
CA TRP C 203 1.88 35.78 -13.70
C TRP C 203 0.38 36.04 -13.74
N GLU C 204 -0.38 35.62 -12.73
CA GLU C 204 -1.83 35.73 -12.77
C GLU C 204 -2.36 36.98 -12.06
N CYS C 205 -1.58 37.59 -11.17
CA CYS C 205 -2.08 38.67 -10.34
C CYS C 205 -1.11 39.83 -10.33
N PRO C 206 -1.60 41.05 -10.08
CA PRO C 206 -0.70 42.20 -9.92
C PRO C 206 0.05 42.13 -8.60
N ASP C 207 1.10 42.95 -8.52
CA ASP C 207 1.91 42.99 -7.30
C ASP C 207 1.12 43.58 -6.13
N THR C 208 0.11 44.41 -6.41
CA THR C 208 -0.71 44.95 -5.33
C THR C 208 -1.48 43.86 -4.61
N TYR C 209 -2.01 42.89 -5.37
CA TYR C 209 -2.70 41.76 -4.76
C TYR C 209 -1.75 40.94 -3.89
N TRP C 210 -0.55 40.69 -4.38
CA TRP C 210 0.41 39.84 -3.68
C TRP C 210 1.06 40.52 -2.48
N ASN C 211 0.85 41.82 -2.30
CA ASN C 211 1.47 42.57 -1.21
C ASN C 211 2.98 42.55 -1.29
N SER C 212 3.51 42.52 -2.51
CA SER C 212 4.96 42.32 -2.71
C SER C 212 5.77 43.50 -2.17
N THR C 213 5.29 44.73 -2.39
CA THR C 213 6.06 45.90 -1.97
C THR C 213 6.21 45.96 -0.47
N ASN C 214 5.13 45.68 0.27
CA ASN C 214 5.21 45.69 1.73
C ASN C 214 6.17 44.63 2.24
N PHE C 215 6.09 43.41 1.68
CA PHE C 215 6.98 42.35 2.12
C PHE C 215 8.43 42.69 1.81
N LEU C 216 8.69 43.26 0.63
CA LEU C 216 10.06 43.60 0.26
C LEU C 216 10.61 44.73 1.12
N SER C 217 9.77 45.71 1.45
CA SER C 217 10.20 46.78 2.35
C SER C 217 10.53 46.22 3.73
N TRP C 218 9.69 45.32 4.25
CA TRP C 218 9.99 44.70 5.53
C TRP C 218 11.27 43.89 5.46
N LEU C 219 11.47 43.16 4.36
CA LEU C 219 12.67 42.35 4.20
C LEU C 219 13.92 43.21 4.17
N TYR C 220 13.86 44.35 3.48
CA TYR C 220 15.01 45.23 3.38
C TYR C 220 15.24 46.06 4.64
N ASN C 221 14.22 46.23 5.48
CA ASN C 221 14.34 47.11 6.64
C ASN C 221 14.54 46.37 7.95
N ASP C 222 13.68 45.40 8.27
CA ASP C 222 13.66 44.81 9.61
C ASP C 222 13.86 43.30 9.62
N SER C 223 14.11 42.68 8.49
CA SER C 223 14.31 41.25 8.48
C SER C 223 15.71 40.89 8.97
N PRO C 224 15.89 39.68 9.50
CA PRO C 224 17.23 39.27 9.94
C PRO C 224 18.24 39.16 8.81
N VAL C 225 17.79 39.06 7.57
CA VAL C 225 18.68 38.91 6.42
C VAL C 225 18.76 40.19 5.59
N LYS C 226 18.38 41.32 6.18
CA LYS C 226 18.28 42.58 5.43
C LYS C 226 19.60 42.97 4.78
N ASP C 227 20.72 42.57 5.38
CA ASP C 227 22.01 43.06 4.90
C ASP C 227 22.43 42.40 3.58
N GLU C 228 22.22 41.10 3.45
CA GLU C 228 22.81 40.36 2.34
C GLU C 228 21.82 39.45 1.63
N VAL C 229 20.55 39.85 1.56
CA VAL C 229 19.54 39.06 0.87
C VAL C 229 19.33 39.63 -0.53
N VAL C 230 19.11 38.74 -1.49
CA VAL C 230 18.84 39.11 -2.88
C VAL C 230 17.55 38.41 -3.31
N VAL C 231 16.75 39.09 -4.13
CA VAL C 231 15.50 38.55 -4.63
C VAL C 231 15.47 38.68 -6.14
N ASN C 232 14.62 37.86 -6.77
CA ASN C 232 14.45 37.86 -8.21
C ASN C 232 13.32 38.83 -8.58
N ASP C 233 12.85 38.75 -9.82
CA ASP C 233 11.94 39.73 -10.38
C ASP C 233 10.51 39.23 -10.54
N ARG C 234 10.18 38.08 -9.94
CA ARG C 234 8.85 37.47 -10.12
C ARG C 234 7.98 37.84 -8.92
N TRP C 235 7.52 39.08 -8.90
CA TRP C 235 6.72 39.59 -7.79
C TRP C 235 5.35 40.08 -8.21
N GLY C 236 4.92 39.77 -9.42
CA GLY C 236 3.60 40.17 -9.88
C GLY C 236 3.56 40.20 -11.39
N GLN C 237 2.38 40.56 -11.90
CA GLN C 237 2.20 40.73 -13.34
C GLN C 237 3.07 41.88 -13.85
N ASN C 238 3.71 41.64 -15.00
CA ASN C 238 4.55 42.65 -15.65
C ASN C 238 5.66 43.15 -14.74
N CYS C 239 6.16 42.28 -13.87
CA CYS C 239 7.28 42.62 -13.00
C CYS C 239 8.60 42.02 -13.47
N SER C 240 8.57 41.01 -14.33
CA SER C 240 9.79 40.42 -14.85
C SER C 240 10.58 41.44 -15.65
N CYS C 241 11.89 41.48 -15.41
CA CYS C 241 12.83 42.40 -16.05
C CYS C 241 12.53 43.86 -15.77
N HIS C 242 11.67 44.14 -14.79
CA HIS C 242 11.35 45.53 -14.46
C HIS C 242 11.52 45.86 -12.99
N HIS C 243 11.16 44.93 -12.10
CA HIS C 243 11.17 45.17 -10.66
C HIS C 243 11.80 43.99 -9.94
N GLY C 244 12.65 44.29 -8.95
CA GLY C 244 13.29 43.27 -8.15
C GLY C 244 14.79 43.45 -8.11
N GLY C 245 15.43 42.61 -7.30
CA GLY C 245 16.87 42.67 -7.14
C GLY C 245 17.63 42.35 -8.41
N TYR C 246 17.55 41.10 -8.86
CA TYR C 246 18.10 40.71 -10.15
C TYR C 246 16.98 40.18 -11.03
N TYR C 247 17.22 40.17 -12.33
CA TYR C 247 16.21 39.84 -13.32
C TYR C 247 16.40 38.41 -13.78
N ASN C 248 15.42 37.55 -13.47
CA ASN C 248 15.38 36.23 -14.08
C ASN C 248 14.75 36.25 -15.47
N CYS C 249 13.91 37.25 -15.74
CA CYS C 249 13.21 37.42 -17.02
C CYS C 249 12.44 36.13 -17.30
N GLU C 250 12.61 35.50 -18.46
CA GLU C 250 11.94 34.24 -18.74
C GLU C 250 12.83 33.06 -18.36
N ASP C 251 12.21 31.90 -18.23
CA ASP C 251 12.96 30.67 -17.99
C ASP C 251 13.88 30.39 -19.18
N LYS C 252 15.10 29.95 -18.88
CA LYS C 252 16.12 29.67 -19.88
C LYS C 252 16.39 30.92 -20.73
N PHE C 253 16.66 32.03 -20.06
CA PHE C 253 16.86 33.30 -20.72
C PHE C 253 18.25 33.36 -21.36
N LYS C 254 18.31 33.68 -22.65
CA LYS C 254 19.55 33.74 -23.41
C LYS C 254 19.64 35.08 -24.14
N PRO C 255 20.10 36.12 -23.45
CA PRO C 255 20.25 37.42 -24.12
C PRO C 255 21.30 37.38 -25.21
N GLN C 256 21.09 38.20 -26.23
CA GLN C 256 22.03 38.30 -27.34
C GLN C 256 23.11 39.33 -27.10
N SER C 257 22.84 40.35 -26.28
CA SER C 257 23.79 41.38 -25.93
C SER C 257 23.89 41.49 -24.42
N LEU C 258 24.74 42.40 -23.97
CA LEU C 258 24.94 42.59 -22.53
C LEU C 258 23.73 43.30 -21.93
N PRO C 259 23.03 42.69 -20.97
CA PRO C 259 21.94 43.40 -20.30
C PRO C 259 22.48 44.51 -19.39
N ASP C 260 21.62 45.50 -19.15
CA ASP C 260 21.98 46.63 -18.31
C ASP C 260 21.70 46.40 -16.82
N HIS C 261 21.12 45.26 -16.47
CA HIS C 261 20.83 44.91 -15.09
C HIS C 261 21.33 43.50 -14.82
N LYS C 262 21.74 43.25 -13.58
CA LYS C 262 22.21 41.92 -13.21
C LYS C 262 21.10 40.91 -13.39
N TRP C 263 21.43 39.79 -14.04
CA TRP C 263 20.45 38.79 -14.43
C TRP C 263 20.96 37.40 -14.08
N GLU C 264 20.11 36.41 -14.30
CA GLU C 264 20.44 35.02 -14.01
C GLU C 264 19.68 34.12 -14.97
N MET C 265 20.40 33.18 -15.58
CA MET C 265 19.81 32.19 -16.47
C MET C 265 19.62 30.89 -15.70
N CYS C 266 18.37 30.46 -15.57
CA CYS C 266 18.05 29.19 -14.93
C CYS C 266 17.69 28.17 -16.00
N THR C 267 18.34 27.01 -15.94
CA THR C 267 18.13 25.96 -16.92
C THR C 267 18.19 24.61 -16.21
N SER C 268 17.56 23.61 -16.83
CA SER C 268 17.42 22.30 -16.23
C SER C 268 18.19 21.26 -17.03
N ILE C 269 18.87 20.36 -16.33
CA ILE C 269 19.59 19.27 -16.99
C ILE C 269 18.62 18.40 -17.79
N ASP C 270 17.46 18.11 -17.22
CA ASP C 270 16.37 17.50 -17.97
C ASP C 270 15.73 18.56 -18.86
N LYS C 271 15.67 18.30 -20.16
CA LYS C 271 15.16 19.28 -21.11
C LYS C 271 13.65 19.44 -21.09
N PHE C 272 12.92 18.52 -20.44
CA PHE C 272 11.47 18.52 -20.52
C PHE C 272 10.80 18.59 -19.15
N SER C 273 11.56 18.79 -18.08
CA SER C 273 10.97 18.88 -16.76
C SER C 273 11.98 19.47 -15.78
N TRP C 274 11.46 20.20 -14.81
CA TRP C 274 12.26 20.64 -13.67
C TRP C 274 12.26 19.62 -12.55
N GLY C 275 11.14 18.94 -12.34
CA GLY C 275 11.09 17.85 -11.40
C GLY C 275 11.63 16.56 -11.99
N TYR C 276 11.86 15.58 -11.12
CA TYR C 276 12.43 14.31 -11.53
C TYR C 276 11.41 13.51 -12.35
N ARG C 277 11.90 12.87 -13.41
CA ARG C 277 11.12 11.95 -14.22
C ARG C 277 11.80 10.59 -14.18
N ARG C 278 11.02 9.55 -13.86
CA ARG C 278 11.60 8.21 -13.75
C ARG C 278 11.85 7.58 -15.11
N ASP C 279 11.07 7.96 -16.14
CA ASP C 279 11.23 7.44 -17.48
C ASP C 279 12.02 8.39 -18.38
N MET C 280 12.84 9.25 -17.81
CA MET C 280 13.62 10.19 -18.60
C MET C 280 14.67 9.44 -19.41
N ALA C 281 14.75 9.76 -20.70
CA ALA C 281 15.68 9.10 -21.60
C ALA C 281 17.02 9.83 -21.60
N LEU C 282 18.05 9.14 -22.11
CA LEU C 282 19.37 9.74 -22.19
C LEU C 282 19.39 10.94 -23.11
N SER C 283 18.57 10.93 -24.17
CA SER C 283 18.48 12.08 -25.05
C SER C 283 17.88 13.29 -24.35
N ASP C 284 16.96 13.05 -23.41
CA ASP C 284 16.37 14.15 -22.65
C ASP C 284 17.37 14.84 -21.74
N VAL C 285 18.51 14.21 -21.46
CA VAL C 285 19.52 14.76 -20.56
C VAL C 285 20.41 15.70 -21.36
N THR C 286 20.60 16.91 -20.84
CA THR C 286 21.43 17.90 -21.52
C THR C 286 22.88 17.44 -21.56
N GLU C 287 23.51 17.58 -22.73
CA GLU C 287 24.90 17.20 -22.87
C GLU C 287 25.79 18.13 -22.05
N GLU C 288 26.94 17.61 -21.65
CA GLU C 288 27.82 18.35 -20.75
C GLU C 288 28.48 19.53 -21.48
N SER C 289 28.82 19.35 -22.76
CA SER C 289 29.35 20.46 -23.54
C SER C 289 28.34 21.59 -23.62
N GLU C 290 27.04 21.26 -23.77
CA GLU C 290 26.01 22.28 -23.77
C GLU C 290 25.94 23.02 -22.45
N ILE C 291 26.06 22.30 -21.33
CA ILE C 291 26.02 22.94 -20.02
C ILE C 291 27.18 23.89 -19.85
N ILE C 292 28.39 23.46 -20.22
CA ILE C 292 29.56 24.31 -20.05
C ILE C 292 29.50 25.51 -20.99
N SER C 293 29.00 25.30 -22.21
CA SER C 293 28.85 26.42 -23.14
C SER C 293 27.84 27.44 -22.61
N GLU C 294 26.72 26.97 -22.07
CA GLU C 294 25.72 27.88 -21.50
C GLU C 294 26.31 28.64 -20.33
N LEU C 295 27.06 27.97 -19.46
CA LEU C 295 27.69 28.65 -18.33
C LEU C 295 28.66 29.72 -18.81
N VAL C 296 29.47 29.41 -19.82
CA VAL C 296 30.47 30.36 -20.32
C VAL C 296 29.76 31.58 -20.93
N GLN C 297 28.74 31.33 -21.75
CA GLN C 297 28.02 32.43 -22.39
C GLN C 297 27.30 33.30 -21.36
N THR C 298 26.74 32.67 -20.32
CA THR C 298 26.04 33.44 -19.29
C THR C 298 27.02 34.30 -18.49
N VAL C 299 28.12 33.70 -18.04
CA VAL C 299 29.07 34.44 -17.22
C VAL C 299 29.73 35.55 -18.04
N SER C 300 29.99 35.29 -19.32
CA SER C 300 30.58 36.32 -20.18
C SER C 300 29.65 37.52 -20.33
N LEU C 301 28.34 37.28 -20.31
CA LEU C 301 27.35 38.36 -20.45
C LEU C 301 26.94 38.95 -19.11
N GLY C 302 27.65 38.64 -18.04
CA GLY C 302 27.39 39.25 -16.75
C GLY C 302 26.31 38.62 -15.91
N GLY C 303 25.80 37.45 -16.31
CA GLY C 303 24.74 36.79 -15.58
C GLY C 303 25.24 35.65 -14.72
N ASN C 304 24.36 35.20 -13.83
CA ASN C 304 24.59 34.02 -13.03
C ASN C 304 23.96 32.81 -13.70
N TYR C 305 24.46 31.63 -13.35
CA TYR C 305 24.02 30.38 -13.97
C TYR C 305 23.41 29.50 -12.90
N LEU C 306 22.17 29.07 -13.11
CA LEU C 306 21.42 28.27 -12.14
C LEU C 306 21.01 26.96 -12.80
N LEU C 307 21.72 25.88 -12.46
CA LEU C 307 21.48 24.57 -13.04
C LEU C 307 20.57 23.76 -12.13
N ASN C 308 19.53 23.17 -12.70
CA ASN C 308 18.48 22.51 -11.93
C ASN C 308 18.62 20.99 -12.01
N ILE C 309 18.39 20.34 -10.87
CA ILE C 309 18.31 18.89 -10.77
C ILE C 309 17.03 18.52 -10.05
N GLY C 310 16.54 17.33 -10.31
CA GLY C 310 15.34 16.84 -9.66
C GLY C 310 15.59 15.55 -8.90
N PRO C 311 15.53 15.61 -7.58
CA PRO C 311 15.69 14.39 -6.78
C PRO C 311 14.48 13.49 -6.87
N THR C 312 14.71 12.20 -6.62
CA THR C 312 13.64 11.22 -6.60
C THR C 312 12.83 11.34 -5.32
N LYS C 313 11.71 10.62 -5.27
CA LYS C 313 10.86 10.64 -4.09
C LYS C 313 11.54 10.04 -2.87
N ASP C 314 12.59 9.26 -3.05
CA ASP C 314 13.37 8.72 -1.94
C ASP C 314 14.46 9.66 -1.47
N GLY C 315 14.62 10.81 -2.10
CA GLY C 315 15.65 11.75 -1.70
C GLY C 315 17.02 11.50 -2.28
N LEU C 316 17.09 10.84 -3.43
CA LEU C 316 18.35 10.52 -4.07
C LEU C 316 18.53 11.32 -5.35
N ILE C 317 19.77 11.68 -5.64
CA ILE C 317 20.15 12.31 -6.89
C ILE C 317 20.72 11.23 -7.79
N VAL C 318 20.13 11.06 -8.97
CA VAL C 318 20.44 9.95 -9.86
C VAL C 318 21.86 10.07 -10.40
N PRO C 319 22.50 8.97 -10.78
CA PRO C 319 23.91 9.04 -11.20
C PRO C 319 24.17 9.94 -12.41
N ILE C 320 23.22 10.11 -13.32
CA ILE C 320 23.46 10.94 -14.50
C ILE C 320 23.56 12.42 -14.10
N PHE C 321 22.68 12.88 -13.21
CA PHE C 321 22.77 14.24 -12.70
C PHE C 321 24.08 14.45 -11.95
N GLN C 322 24.48 13.45 -11.15
CA GLN C 322 25.74 13.53 -10.43
C GLN C 322 26.92 13.64 -11.39
N GLU C 323 26.89 12.86 -12.48
CA GLU C 323 27.96 12.92 -13.46
C GLU C 323 28.03 14.29 -14.12
N ARG C 324 26.88 14.85 -14.50
CA ARG C 324 26.87 16.18 -15.11
C ARG C 324 27.43 17.23 -14.15
N LEU C 325 26.96 17.21 -12.90
CA LEU C 325 27.40 18.19 -11.93
C LEU C 325 28.89 18.04 -11.61
N LEU C 326 29.36 16.80 -11.48
CA LEU C 326 30.76 16.57 -11.15
C LEU C 326 31.68 16.95 -12.30
N ALA C 327 31.23 16.77 -13.55
CA ALA C 327 32.05 17.23 -14.66
C ALA C 327 32.06 18.74 -14.76
N VAL C 328 30.94 19.39 -14.44
CA VAL C 328 30.95 20.85 -14.32
C VAL C 328 31.98 21.29 -13.28
N GLY C 329 31.99 20.61 -12.13
CA GLY C 329 32.93 20.96 -11.08
C GLY C 329 34.36 20.70 -11.48
N LYS C 330 34.60 19.62 -12.22
CA LYS C 330 35.95 19.33 -12.71
C LYS C 330 36.44 20.41 -13.67
N TRP C 331 35.56 20.86 -14.58
CA TRP C 331 35.94 21.96 -15.47
C TRP C 331 36.19 23.23 -14.68
N LEU C 332 35.37 23.49 -13.65
CA LEU C 332 35.55 24.70 -12.86
C LEU C 332 36.86 24.66 -12.07
N SER C 333 37.25 23.47 -11.60
CA SER C 333 38.50 23.36 -10.85
C SER C 333 39.71 23.81 -11.66
N ILE C 334 39.59 23.83 -12.98
CA ILE C 334 40.67 24.31 -13.84
C ILE C 334 40.43 25.73 -14.33
N ASN C 335 39.18 26.07 -14.67
CA ASN C 335 38.88 27.34 -15.32
C ASN C 335 38.09 28.29 -14.42
N GLY C 336 38.19 28.17 -13.10
CA GLY C 336 37.45 29.05 -12.22
C GLY C 336 38.04 30.44 -12.06
N GLU C 337 39.32 30.61 -12.38
CA GLU C 337 39.91 31.95 -12.33
C GLU C 337 39.26 32.89 -13.34
N ALA C 338 38.67 32.35 -14.40
CA ALA C 338 37.97 33.12 -15.41
C ALA C 338 36.49 33.27 -15.13
N ILE C 339 35.97 32.64 -14.09
CA ILE C 339 34.53 32.62 -13.85
C ILE C 339 34.19 33.31 -12.53
N TYR C 340 34.71 32.79 -11.43
CA TYR C 340 34.37 33.30 -10.12
C TYR C 340 34.89 34.73 -9.95
N ALA C 341 34.03 35.61 -9.45
CA ALA C 341 34.38 37.01 -9.18
C ALA C 341 34.95 37.69 -10.42
N SER C 342 34.34 37.42 -11.57
CA SER C 342 34.76 38.00 -12.84
C SER C 342 33.74 39.04 -13.30
N LYS C 343 34.14 39.82 -14.30
CA LYS C 343 33.29 40.86 -14.86
C LYS C 343 33.26 40.76 -16.37
N PRO C 344 32.15 41.15 -17.00
CA PRO C 344 32.13 41.20 -18.46
C PRO C 344 33.13 42.21 -19.00
N TRP C 345 33.75 41.87 -20.12
CA TRP C 345 34.72 42.72 -20.78
C TRP C 345 33.99 43.73 -21.67
N ARG C 346 34.74 44.44 -22.50
CA ARG C 346 34.15 45.43 -23.40
C ARG C 346 33.64 44.83 -24.69
N VAL C 347 33.89 43.53 -24.94
CA VAL C 347 33.51 42.87 -26.19
C VAL C 347 32.65 41.64 -25.92
N GLN C 348 33.14 40.73 -25.07
CA GLN C 348 32.42 39.58 -24.54
C GLN C 348 32.22 38.45 -25.54
N TRP C 349 32.48 38.71 -26.82
CA TRP C 349 32.45 37.69 -27.86
C TRP C 349 32.93 38.31 -29.16
N GLU C 350 33.65 37.52 -29.96
CA GLU C 350 34.20 38.02 -31.21
C GLU C 350 33.19 37.80 -32.33
N LYS C 351 33.12 38.75 -33.26
CA LYS C 351 32.11 38.68 -34.32
C LYS C 351 32.39 37.52 -35.27
N ASN C 352 33.63 37.43 -35.76
CA ASN C 352 34.03 36.41 -36.73
C ASN C 352 35.09 35.54 -36.07
N THR C 353 34.66 34.46 -35.42
CA THR C 353 35.58 33.62 -34.66
C THR C 353 35.10 32.17 -34.63
N THR C 354 35.63 31.42 -33.67
CA THR C 354 35.18 30.06 -33.40
C THR C 354 34.48 30.03 -32.04
N SER C 355 33.62 31.01 -31.80
CA SER C 355 32.87 31.15 -30.55
C SER C 355 33.81 31.33 -29.36
N VAL C 356 34.52 32.45 -29.37
CA VAL C 356 35.36 32.88 -28.26
C VAL C 356 34.58 33.89 -27.43
N TRP C 357 34.60 33.72 -26.10
CA TRP C 357 33.89 34.59 -25.18
C TRP C 357 34.87 35.17 -24.18
N TYR C 358 34.60 36.41 -23.74
CA TYR C 358 35.56 37.17 -22.96
C TYR C 358 35.03 37.44 -21.56
N THR C 359 35.90 37.25 -20.57
CA THR C 359 35.67 37.69 -19.20
C THR C 359 36.88 38.50 -18.74
N SER C 360 36.70 39.24 -17.66
CA SER C 360 37.77 40.08 -17.13
C SER C 360 37.84 39.95 -15.63
N LYS C 361 39.06 40.10 -15.09
CA LYS C 361 39.26 40.14 -13.65
C LYS C 361 40.50 40.99 -13.39
N GLY C 362 40.30 42.17 -12.82
CA GLY C 362 41.42 43.07 -12.58
C GLY C 362 42.08 43.45 -13.89
N SER C 363 43.39 43.20 -13.98
CA SER C 363 44.15 43.48 -15.19
C SER C 363 44.24 42.27 -16.12
N ALA C 364 43.59 41.16 -15.77
CA ALA C 364 43.66 39.94 -16.56
C ALA C 364 42.39 39.79 -17.41
N VAL C 365 42.57 39.32 -18.64
CA VAL C 365 41.48 39.05 -19.56
C VAL C 365 41.50 37.57 -19.88
N TYR C 366 40.33 36.96 -19.96
CA TYR C 366 40.21 35.52 -20.20
C TYR C 366 39.35 35.29 -21.44
N ALA C 367 39.91 34.56 -22.40
CA ALA C 367 39.20 34.19 -23.62
C ALA C 367 38.92 32.69 -23.57
N ILE C 368 37.65 32.34 -23.43
CA ILE C 368 37.22 30.94 -23.39
C ILE C 368 36.73 30.58 -24.79
N PHE C 369 37.35 29.58 -25.39
CA PHE C 369 36.94 29.08 -26.69
C PHE C 369 36.45 27.65 -26.55
N LEU C 370 35.37 27.34 -27.26
CA LEU C 370 34.69 26.06 -27.16
C LEU C 370 35.00 25.15 -28.35
N HIS C 371 35.87 25.57 -29.25
CA HIS C 371 36.20 24.79 -30.44
C HIS C 371 37.67 24.96 -30.74
N TRP C 372 38.44 23.89 -30.64
CA TRP C 372 39.85 23.92 -30.97
C TRP C 372 40.01 24.23 -32.47
N PRO C 373 40.74 25.28 -32.83
CA PRO C 373 40.92 25.59 -34.26
C PRO C 373 41.66 24.48 -34.98
N GLU C 374 41.27 24.25 -36.24
CA GLU C 374 41.92 23.20 -37.03
C GLU C 374 43.37 23.55 -37.33
N ASN C 375 43.65 24.83 -37.62
CA ASN C 375 45.01 25.26 -37.92
C ASN C 375 45.92 25.22 -36.70
N GLY C 376 45.37 25.05 -35.50
CA GLY C 376 46.16 25.05 -34.29
C GLY C 376 46.51 26.43 -33.76
N VAL C 377 46.01 27.49 -34.38
CA VAL C 377 46.30 28.86 -33.98
C VAL C 377 44.98 29.55 -33.65
N LEU C 378 44.93 30.16 -32.47
CA LEU C 378 43.75 30.90 -32.02
C LEU C 378 43.88 32.36 -32.43
N ASN C 379 42.80 32.90 -33.00
CA ASN C 379 42.78 34.27 -33.48
C ASN C 379 41.93 35.12 -32.53
N LEU C 380 42.55 36.16 -31.97
CA LEU C 380 41.90 37.08 -31.05
C LEU C 380 42.07 38.49 -31.61
N GLU C 381 41.05 38.99 -32.30
CA GLU C 381 41.10 40.30 -32.95
C GLU C 381 40.66 41.44 -32.05
N SER C 382 40.11 41.14 -30.87
CA SER C 382 39.72 42.17 -29.92
C SER C 382 40.89 42.70 -29.08
N PRO C 383 41.72 41.85 -28.46
CA PRO C 383 42.71 42.38 -27.52
C PRO C 383 43.78 43.22 -28.21
N ILE C 384 44.37 44.13 -27.43
CA ILE C 384 45.47 44.98 -27.88
C ILE C 384 46.63 44.78 -26.93
N THR C 385 47.77 44.32 -27.48
CA THR C 385 48.97 44.09 -26.71
C THR C 385 49.94 45.26 -26.87
N THR C 386 50.57 45.65 -25.76
CA THR C 386 51.45 46.82 -25.86
C THR C 386 52.93 46.50 -25.61
N SER C 387 53.28 46.08 -24.40
CA SER C 387 54.68 45.79 -24.12
C SER C 387 54.91 44.50 -23.35
N THR C 388 54.06 44.22 -22.35
CA THR C 388 54.29 43.15 -21.40
C THR C 388 53.20 42.09 -21.43
N THR C 389 52.66 41.82 -22.61
CA THR C 389 51.59 40.82 -22.72
C THR C 389 52.14 39.42 -22.49
N LYS C 390 51.45 38.65 -21.66
CA LYS C 390 51.83 37.28 -21.38
C LYS C 390 50.59 36.39 -21.51
N ILE C 391 50.80 35.16 -21.96
CA ILE C 391 49.74 34.19 -22.18
C ILE C 391 49.93 33.03 -21.22
N THR C 392 48.83 32.57 -20.61
CA THR C 392 48.89 31.56 -19.58
C THR C 392 48.31 30.22 -20.01
N MET C 393 47.09 30.20 -20.55
CA MET C 393 46.38 28.96 -20.91
C MET C 393 46.24 28.07 -19.67
N LEU C 394 45.34 28.53 -18.79
CA LEU C 394 45.03 27.85 -17.53
C LEU C 394 45.00 26.34 -17.69
N GLY C 395 45.77 25.66 -16.84
CA GLY C 395 45.92 24.23 -16.88
C GLY C 395 47.16 23.75 -17.61
N ILE C 396 47.79 24.60 -18.42
CA ILE C 396 48.98 24.26 -19.18
C ILE C 396 50.10 25.20 -18.74
N GLN C 397 51.26 24.62 -18.39
CA GLN C 397 52.39 25.40 -17.94
C GLN C 397 53.13 26.03 -19.12
N GLY C 398 53.63 27.25 -18.90
CA GLY C 398 54.45 27.91 -19.90
C GLY C 398 53.70 28.92 -20.76
N ASP C 399 54.33 30.06 -21.01
CA ASP C 399 53.72 31.09 -21.83
C ASP C 399 53.72 30.67 -23.30
N LEU C 400 52.57 30.79 -23.95
CA LEU C 400 52.45 30.43 -25.35
C LEU C 400 53.06 31.51 -26.23
N LYS C 401 53.30 31.15 -27.49
CA LYS C 401 53.83 32.07 -28.49
C LYS C 401 52.70 32.83 -29.14
N TRP C 402 52.89 34.13 -29.36
CA TRP C 402 51.88 34.98 -29.94
C TRP C 402 52.51 35.98 -30.91
N SER C 403 51.73 36.37 -31.91
CA SER C 403 52.18 37.27 -32.97
C SER C 403 51.08 38.28 -33.27
N THR C 404 51.48 39.52 -33.56
CA THR C 404 50.55 40.57 -33.93
C THR C 404 50.53 40.78 -35.43
N ASP C 405 49.42 41.33 -35.92
CA ASP C 405 49.22 41.62 -37.32
C ASP C 405 48.70 43.04 -37.51
N PRO C 406 49.14 43.74 -38.57
CA PRO C 406 48.66 45.12 -38.78
C PRO C 406 47.21 45.19 -39.23
N ASP C 407 46.79 44.27 -40.09
CA ASP C 407 45.41 44.22 -40.54
C ASP C 407 44.56 43.21 -39.78
N LYS C 408 45.15 42.10 -39.33
CA LYS C 408 44.45 41.12 -38.52
C LYS C 408 44.67 41.46 -37.05
N GLY C 409 44.32 40.53 -36.16
CA GLY C 409 44.49 40.76 -34.74
C GLY C 409 45.69 40.06 -34.14
N LEU C 410 45.44 39.18 -33.16
CA LEU C 410 46.51 38.45 -32.48
C LEU C 410 46.37 36.97 -32.80
N PHE C 411 47.50 36.30 -33.03
CA PHE C 411 47.52 34.87 -33.28
C PHE C 411 48.34 34.19 -32.19
N ILE C 412 47.74 33.21 -31.53
CA ILE C 412 48.37 32.49 -30.43
C ILE C 412 48.51 31.02 -30.82
N SER C 413 49.71 30.48 -30.69
CA SER C 413 49.98 29.09 -31.02
C SER C 413 49.61 28.22 -29.82
N LEU C 414 48.51 27.49 -29.93
CA LEU C 414 48.07 26.63 -28.85
C LEU C 414 49.03 25.44 -28.69
N PRO C 415 49.21 24.96 -27.46
CA PRO C 415 50.12 23.82 -27.26
C PRO C 415 49.49 22.51 -27.73
N GLN C 416 50.01 21.97 -28.83
CA GLN C 416 49.49 20.71 -29.36
C GLN C 416 49.67 19.59 -28.33
N LEU C 417 48.61 18.82 -28.12
CA LEU C 417 48.60 17.79 -27.10
C LEU C 417 47.99 16.51 -27.63
N PRO C 418 48.41 15.36 -27.10
CA PRO C 418 47.83 14.08 -27.55
C PRO C 418 46.38 13.97 -27.12
N PRO C 419 45.59 13.13 -27.81
CA PRO C 419 44.20 12.94 -27.40
C PRO C 419 44.11 12.39 -25.99
N SER C 420 43.02 12.77 -25.30
CA SER C 420 42.76 12.37 -23.92
C SER C 420 43.90 12.79 -23.00
N ALA C 421 44.43 14.00 -23.26
CA ALA C 421 45.51 14.53 -22.43
C ALA C 421 45.33 16.01 -22.12
N VAL C 422 44.18 16.59 -22.41
CA VAL C 422 43.93 18.01 -22.14
C VAL C 422 43.16 18.11 -20.82
N PRO C 423 43.48 19.09 -19.97
CA PRO C 423 42.79 19.19 -18.66
C PRO C 423 41.29 19.33 -18.80
N ALA C 424 40.86 20.13 -19.77
CA ALA C 424 39.45 20.25 -20.10
C ALA C 424 39.17 19.57 -21.44
N GLU C 425 37.90 19.27 -21.70
CA GLU C 425 37.52 18.57 -22.91
C GLU C 425 36.46 19.28 -23.74
N PHE C 426 35.80 20.31 -23.19
CA PHE C 426 34.75 21.02 -23.91
C PHE C 426 35.01 22.51 -24.07
N ALA C 427 35.92 23.10 -23.30
CA ALA C 427 36.21 24.52 -23.40
C ALA C 427 37.59 24.77 -22.81
N TRP C 428 38.28 25.78 -23.35
CA TRP C 428 39.62 26.11 -22.89
C TRP C 428 39.75 27.61 -22.71
N THR C 429 40.54 28.01 -21.72
CA THR C 429 40.68 29.41 -21.33
C THR C 429 42.10 29.89 -21.59
N ILE C 430 42.23 31.03 -22.26
CA ILE C 430 43.49 31.71 -22.47
C ILE C 430 43.50 32.96 -21.59
N LYS C 431 44.55 33.09 -20.78
CA LYS C 431 44.68 34.24 -19.88
C LYS C 431 45.72 35.20 -20.43
N LEU C 432 45.30 36.44 -20.66
CA LEU C 432 46.18 37.50 -21.16
C LEU C 432 46.32 38.57 -20.10
N THR C 433 47.57 38.89 -19.76
CA THR C 433 47.89 39.99 -18.87
C THR C 433 48.56 41.10 -19.67
N GLY C 434 48.55 42.30 -19.12
CA GLY C 434 49.09 43.44 -19.83
C GLY C 434 48.39 43.71 -21.14
N VAL C 435 47.08 43.51 -21.19
CA VAL C 435 46.28 43.68 -22.39
C VAL C 435 45.15 44.66 -22.08
N LYS C 436 45.00 45.66 -22.93
CA LYS C 436 43.97 46.68 -22.73
C LYS C 436 42.70 46.36 -23.50
N ARG D 6 -6.33 -54.53 10.09
CA ARG D 6 -5.73 -54.15 8.81
C ARG D 6 -6.80 -53.97 7.73
N TYR D 7 -6.65 -52.90 6.95
CA TYR D 7 -7.58 -52.57 5.88
C TYR D 7 -6.83 -52.51 4.55
N THR D 8 -7.55 -52.74 3.47
CA THR D 8 -6.95 -52.77 2.15
C THR D 8 -7.49 -51.64 1.27
N PRO D 9 -6.72 -51.17 0.29
CA PRO D 9 -7.17 -50.02 -0.52
C PRO D 9 -8.33 -50.33 -1.42
N ASP D 10 -9.51 -50.52 -0.84
CA ASP D 10 -10.74 -50.73 -1.60
C ASP D 10 -11.92 -50.32 -0.75
N TRP D 11 -12.96 -49.79 -1.40
CA TRP D 11 -14.11 -49.28 -0.66
C TRP D 11 -14.83 -50.32 0.19
N PRO D 12 -15.07 -51.56 -0.27
CA PRO D 12 -15.71 -52.53 0.63
C PRO D 12 -14.92 -52.79 1.91
N SER D 13 -13.59 -52.76 1.84
CA SER D 13 -12.79 -52.92 3.05
C SER D 13 -12.80 -51.67 3.91
N LEU D 14 -12.71 -50.49 3.27
CA LEU D 14 -12.60 -49.24 4.02
C LEU D 14 -13.91 -48.90 4.72
N ASP D 15 -15.05 -49.18 4.08
CA ASP D 15 -16.35 -48.83 4.65
C ASP D 15 -16.73 -49.69 5.85
N SER D 16 -16.00 -50.77 6.12
CA SER D 16 -16.31 -51.64 7.24
C SER D 16 -15.70 -51.16 8.55
N ARG D 17 -14.92 -50.10 8.53
CA ARG D 17 -14.29 -49.59 9.75
C ARG D 17 -15.35 -48.94 10.65
N PRO D 18 -15.50 -49.39 11.90
CA PRO D 18 -16.47 -48.74 12.79
C PRO D 18 -15.99 -47.35 13.20
N LEU D 19 -16.95 -46.45 13.34
CA LEU D 19 -16.63 -45.07 13.70
C LEU D 19 -16.21 -44.99 15.16
N PRO D 20 -15.16 -44.22 15.46
CA PRO D 20 -14.86 -43.92 16.87
C PRO D 20 -16.03 -43.21 17.54
N ALA D 21 -16.26 -43.57 18.81
CA ALA D 21 -17.47 -43.13 19.50
C ALA D 21 -17.47 -41.64 19.83
N TRP D 22 -16.30 -40.99 19.83
CA TRP D 22 -16.25 -39.58 20.18
C TRP D 22 -17.05 -38.72 19.20
N PHE D 23 -16.98 -39.06 17.90
CA PHE D 23 -17.68 -38.25 16.91
C PHE D 23 -19.19 -38.30 17.12
N ASP D 24 -19.72 -39.49 17.40
CA ASP D 24 -21.15 -39.60 17.70
C ASP D 24 -21.49 -38.88 18.99
N GLU D 25 -20.63 -38.97 20.01
CA GLU D 25 -20.93 -38.34 21.28
C GLU D 25 -20.78 -36.82 21.24
N ALA D 26 -20.14 -36.27 20.21
CA ALA D 26 -19.90 -34.83 20.15
C ALA D 26 -21.18 -34.06 19.82
N LYS D 27 -21.76 -34.32 18.65
CA LYS D 27 -23.07 -33.82 18.22
C LYS D 27 -23.08 -32.34 17.85
N PHE D 28 -21.99 -31.62 18.07
CA PHE D 28 -21.93 -30.19 17.76
C PHE D 28 -20.49 -29.75 17.56
N GLY D 29 -20.17 -29.24 16.37
CA GLY D 29 -18.86 -28.73 16.07
C GLY D 29 -18.96 -27.34 15.43
N VAL D 30 -17.81 -26.68 15.35
CA VAL D 30 -17.71 -25.35 14.79
C VAL D 30 -16.82 -25.40 13.54
N PHE D 31 -17.35 -24.91 12.43
CA PHE D 31 -16.65 -24.86 11.15
C PHE D 31 -16.02 -23.49 10.97
N ILE D 32 -14.76 -23.46 10.55
CA ILE D 32 -14.03 -22.21 10.32
C ILE D 32 -13.54 -22.20 8.87
N HIS D 33 -14.04 -21.22 8.11
CA HIS D 33 -13.58 -20.96 6.75
C HIS D 33 -12.71 -19.72 6.78
N TRP D 34 -11.40 -19.91 6.60
CA TRP D 34 -10.44 -18.83 6.75
C TRP D 34 -9.33 -19.00 5.72
N GLY D 35 -9.08 -17.94 4.96
CA GLY D 35 -8.05 -18.00 3.94
C GLY D 35 -7.89 -16.68 3.23
N VAL D 36 -7.25 -16.73 2.07
CA VAL D 36 -7.01 -15.52 1.27
C VAL D 36 -8.32 -14.90 0.82
N PHE D 37 -9.37 -15.71 0.65
CA PHE D 37 -10.67 -15.18 0.24
C PHE D 37 -11.24 -14.22 1.27
N SER D 38 -10.73 -14.25 2.50
CA SER D 38 -11.16 -13.30 3.52
C SER D 38 -10.64 -11.89 3.28
N VAL D 39 -9.67 -11.71 2.39
CA VAL D 39 -9.12 -10.39 2.11
C VAL D 39 -10.09 -9.59 1.25
N PRO D 40 -10.54 -10.08 0.09
CA PRO D 40 -11.63 -9.36 -0.59
C PRO D 40 -12.89 -9.29 0.24
N ALA D 41 -13.23 -10.37 0.94
CA ALA D 41 -14.39 -10.43 1.83
C ALA D 41 -15.65 -9.92 1.15
N TRP D 42 -15.89 -10.40 -0.07
CA TRP D 42 -16.99 -9.94 -0.88
C TRP D 42 -17.51 -11.07 -1.75
N GLY D 43 -18.84 -11.19 -1.81
CA GLY D 43 -19.46 -12.22 -2.62
C GLY D 43 -19.54 -13.56 -1.91
N SER D 44 -18.42 -14.28 -1.87
CA SER D 44 -18.32 -15.56 -1.20
C SER D 44 -16.86 -15.98 -1.18
N GLU D 45 -16.60 -17.18 -0.65
CA GLU D 45 -15.27 -17.77 -0.71
C GLU D 45 -14.92 -18.26 -2.10
N TRP D 46 -15.88 -18.27 -3.03
CA TRP D 46 -15.64 -18.59 -4.43
C TRP D 46 -15.29 -17.35 -5.25
N PHE D 47 -14.71 -16.33 -4.61
CA PHE D 47 -14.43 -15.08 -5.29
C PHE D 47 -13.54 -15.28 -6.51
N TRP D 48 -12.49 -16.08 -6.38
CA TRP D 48 -11.55 -16.26 -7.48
C TRP D 48 -12.22 -16.91 -8.68
N TRP D 49 -13.04 -17.93 -8.45
CA TRP D 49 -13.71 -18.59 -9.56
C TRP D 49 -14.74 -17.69 -10.22
N HIS D 50 -15.56 -17.00 -9.41
CA HIS D 50 -16.56 -16.11 -9.97
C HIS D 50 -15.92 -14.97 -10.74
N TRP D 51 -14.75 -14.51 -10.32
CA TRP D 51 -14.10 -13.37 -10.95
C TRP D 51 -13.36 -13.79 -12.22
N GLN D 52 -12.53 -14.82 -12.12
CA GLN D 52 -11.68 -15.22 -13.25
C GLN D 52 -12.17 -16.47 -13.97
N GLY D 53 -12.67 -17.47 -13.25
CA GLY D 53 -13.13 -18.68 -13.90
C GLY D 53 -14.48 -18.56 -14.58
N GLU D 54 -15.29 -17.57 -14.19
CA GLU D 54 -16.57 -17.33 -14.80
C GLU D 54 -16.71 -15.94 -15.41
N GLY D 55 -15.96 -14.95 -14.93
CA GLY D 55 -16.05 -13.61 -15.46
C GLY D 55 -17.37 -12.92 -15.20
N ARG D 56 -17.93 -13.09 -14.01
CA ARG D 56 -19.18 -12.41 -13.67
C ARG D 56 -18.95 -10.90 -13.62
N PRO D 57 -19.82 -10.10 -14.24
CA PRO D 57 -19.56 -8.65 -14.32
C PRO D 57 -19.49 -7.97 -12.97
N GLN D 58 -20.21 -8.44 -11.96
CA GLN D 58 -20.18 -7.80 -10.64
C GLN D 58 -18.80 -7.91 -10.00
N TYR D 59 -18.16 -9.08 -10.11
CA TYR D 59 -16.84 -9.26 -9.52
C TYR D 59 -15.78 -8.45 -10.27
N GLN D 60 -15.90 -8.40 -11.60
CA GLN D 60 -14.99 -7.56 -12.39
C GLN D 60 -15.16 -6.10 -12.03
N ARG D 61 -16.41 -5.66 -11.81
CA ARG D 61 -16.66 -4.29 -11.39
C ARG D 61 -16.07 -4.01 -10.02
N PHE D 62 -16.21 -4.96 -9.09
CA PHE D 62 -15.63 -4.80 -7.76
C PHE D 62 -14.11 -4.65 -7.84
N MET D 63 -13.46 -5.50 -8.63
CA MET D 63 -12.01 -5.42 -8.77
C MET D 63 -11.59 -4.14 -9.47
N ARG D 64 -12.39 -3.68 -10.44
CA ARG D 64 -12.10 -2.41 -11.11
C ARG D 64 -12.17 -1.24 -10.14
N ASP D 65 -13.21 -1.21 -9.30
CA ASP D 65 -13.43 -0.07 -8.42
C ASP D 65 -12.56 -0.08 -7.18
N ASN D 66 -12.06 -1.25 -6.75
CA ASN D 66 -11.36 -1.32 -5.48
C ASN D 66 -9.87 -1.56 -5.58
N TYR D 67 -9.35 -1.89 -6.75
CA TYR D 67 -7.94 -2.24 -6.89
C TYR D 67 -7.40 -1.71 -8.21
N PRO D 68 -6.09 -1.50 -8.30
CA PRO D 68 -5.50 -1.00 -9.55
C PRO D 68 -5.67 -2.01 -10.67
N PRO D 69 -5.63 -1.55 -11.93
CA PRO D 69 -5.77 -2.48 -13.05
C PRO D 69 -4.67 -3.53 -13.06
N GLY D 70 -5.02 -4.73 -13.49
CA GLY D 70 -4.09 -5.84 -13.51
C GLY D 70 -3.89 -6.52 -12.17
N PHE D 71 -4.59 -6.09 -11.12
CA PHE D 71 -4.49 -6.75 -9.83
C PHE D 71 -4.92 -8.21 -9.96
N SER D 72 -4.11 -9.10 -9.43
CA SER D 72 -4.36 -10.53 -9.50
C SER D 72 -4.71 -11.07 -8.11
N TYR D 73 -5.22 -12.30 -8.09
CA TYR D 73 -5.64 -12.90 -6.83
C TYR D 73 -4.45 -13.18 -5.91
N ALA D 74 -3.29 -13.51 -6.50
CA ALA D 74 -2.11 -13.75 -5.69
C ALA D 74 -1.67 -12.50 -4.93
N ASP D 75 -1.93 -11.32 -5.48
CA ASP D 75 -1.60 -10.08 -4.80
C ASP D 75 -2.39 -9.90 -3.51
N PHE D 76 -3.50 -10.61 -3.35
CA PHE D 76 -4.22 -10.60 -2.07
C PHE D 76 -3.40 -11.23 -0.95
N GLY D 77 -2.36 -12.01 -1.29
CA GLY D 77 -1.61 -12.76 -0.32
C GLY D 77 -1.01 -11.94 0.81
N PRO D 78 -0.20 -10.93 0.47
CA PRO D 78 0.38 -10.08 1.52
C PRO D 78 -0.65 -9.36 2.37
N GLN D 79 -1.83 -9.07 1.81
CA GLN D 79 -2.86 -8.35 2.56
C GLN D 79 -3.53 -9.21 3.63
N PHE D 80 -3.30 -10.51 3.63
CA PHE D 80 -3.86 -11.41 4.64
C PHE D 80 -2.99 -11.34 5.90
N THR D 81 -3.07 -10.19 6.56
CA THR D 81 -2.16 -9.91 7.66
C THR D 81 -2.45 -10.76 8.89
N ALA D 82 -3.73 -10.85 9.27
CA ALA D 82 -4.17 -11.63 10.44
C ALA D 82 -3.40 -11.24 11.70
N ARG D 83 -3.28 -9.92 11.91
CA ARG D 83 -2.47 -9.41 13.00
C ARG D 83 -3.21 -9.34 14.33
N PHE D 84 -4.51 -9.61 14.34
CA PHE D 84 -5.30 -9.65 15.57
C PHE D 84 -5.76 -11.07 15.90
N PHE D 85 -5.14 -12.07 15.27
CA PHE D 85 -5.51 -13.46 15.51
C PHE D 85 -4.98 -13.90 16.88
N HIS D 86 -5.90 -14.32 17.74
CA HIS D 86 -5.56 -14.81 19.09
C HIS D 86 -6.24 -16.16 19.27
N PRO D 87 -5.54 -17.26 18.98
CA PRO D 87 -6.19 -18.58 19.03
C PRO D 87 -6.74 -18.95 20.39
N GLU D 88 -6.16 -18.45 21.48
CA GLU D 88 -6.70 -18.75 22.80
C GLU D 88 -8.09 -18.16 22.97
N GLU D 89 -8.31 -16.94 22.48
CA GLU D 89 -9.64 -16.35 22.52
C GLU D 89 -10.63 -17.13 21.67
N TRP D 90 -10.18 -17.59 20.49
CA TRP D 90 -11.03 -18.44 19.65
C TRP D 90 -11.43 -19.71 20.38
N ALA D 91 -10.46 -20.37 21.01
CA ALA D 91 -10.74 -21.61 21.72
C ALA D 91 -11.66 -21.38 22.90
N ASP D 92 -11.47 -20.27 23.62
CA ASP D 92 -12.37 -19.95 24.73
C ASP D 92 -13.79 -19.71 24.23
N LEU D 93 -13.94 -19.01 23.11
CA LEU D 93 -15.27 -18.79 22.56
C LEU D 93 -15.92 -20.10 22.12
N PHE D 94 -15.14 -20.97 21.47
CA PHE D 94 -15.68 -22.26 21.03
C PHE D 94 -16.08 -23.13 22.23
N GLN D 95 -15.29 -23.09 23.29
CA GLN D 95 -15.66 -23.79 24.51
C GLN D 95 -16.95 -23.23 25.11
N ALA D 96 -17.06 -21.90 25.16
CA ALA D 96 -18.26 -21.27 25.68
C ALA D 96 -19.48 -21.48 24.78
N ALA D 97 -19.26 -21.87 23.53
CA ALA D 97 -20.36 -22.18 22.62
C ALA D 97 -20.85 -23.61 22.74
N GLY D 98 -20.21 -24.42 23.59
CA GLY D 98 -20.58 -25.82 23.73
C GLY D 98 -20.05 -26.72 22.64
N ALA D 99 -19.18 -26.22 21.77
CA ALA D 99 -18.64 -27.03 20.69
C ALA D 99 -17.71 -28.12 21.23
N LYS D 100 -17.88 -29.33 20.71
CA LYS D 100 -17.03 -30.45 21.09
C LYS D 100 -15.89 -30.70 20.10
N TYR D 101 -16.01 -30.19 18.88
CA TYR D 101 -14.92 -30.30 17.91
C TYR D 101 -14.94 -29.09 17.01
N VAL D 102 -13.77 -28.75 16.47
CA VAL D 102 -13.60 -27.58 15.62
C VAL D 102 -12.88 -28.00 14.36
N VAL D 103 -13.48 -27.70 13.20
CA VAL D 103 -12.92 -28.04 11.89
C VAL D 103 -12.49 -26.76 11.21
N LEU D 104 -11.19 -26.61 10.96
CA LEU D 104 -10.64 -25.44 10.33
C LEU D 104 -10.19 -25.77 8.91
N THR D 105 -10.45 -24.87 7.97
CA THR D 105 -10.00 -25.08 6.59
C THR D 105 -8.49 -24.85 6.51
N THR D 106 -7.73 -25.94 6.30
CA THR D 106 -6.30 -25.79 6.09
C THR D 106 -5.97 -25.31 4.69
N LYS D 107 -6.75 -25.72 3.70
CA LYS D 107 -6.55 -25.29 2.32
C LYS D 107 -7.89 -25.39 1.59
N HIS D 108 -8.24 -24.33 0.86
CA HIS D 108 -9.46 -24.28 0.08
C HIS D 108 -9.12 -24.36 -1.40
N HIS D 109 -10.13 -24.16 -2.25
CA HIS D 109 -9.94 -24.28 -3.70
C HIS D 109 -8.93 -23.27 -4.24
N GLU D 110 -8.68 -22.19 -3.51
CA GLU D 110 -7.66 -21.23 -3.94
C GLU D 110 -6.25 -21.82 -3.88
N GLY D 111 -6.06 -22.93 -3.18
CA GLY D 111 -4.77 -23.58 -3.09
C GLY D 111 -3.82 -22.99 -2.06
N PHE D 112 -4.28 -22.02 -1.28
CA PHE D 112 -3.46 -21.37 -0.27
C PHE D 112 -3.54 -22.17 1.03
N THR D 113 -2.41 -22.74 1.43
CA THR D 113 -2.38 -23.58 2.63
C THR D 113 -2.14 -22.74 3.87
N ASN D 114 -2.89 -23.02 4.92
CA ASN D 114 -2.80 -22.30 6.18
C ASN D 114 -1.67 -22.80 7.07
N TRP D 115 -0.79 -23.64 6.55
CA TRP D 115 0.36 -24.15 7.27
C TRP D 115 1.55 -24.15 6.32
N PRO D 116 2.78 -24.21 6.84
CA PRO D 116 3.96 -24.17 5.95
C PRO D 116 4.11 -25.44 5.12
N SER D 117 3.35 -25.53 4.03
CA SER D 117 3.41 -26.69 3.16
C SER D 117 4.67 -26.63 2.29
N PRO D 118 5.48 -27.68 2.26
CA PRO D 118 6.64 -27.69 1.37
C PRO D 118 6.28 -27.63 -0.11
N VAL D 119 5.08 -28.07 -0.49
CA VAL D 119 4.67 -28.11 -1.89
C VAL D 119 3.79 -26.92 -2.26
N SER D 120 3.68 -25.93 -1.37
CA SER D 120 2.95 -24.70 -1.64
C SER D 120 3.82 -23.49 -1.31
N TRP D 121 5.06 -23.52 -1.82
CA TRP D 121 6.04 -22.50 -1.48
C TRP D 121 5.58 -21.13 -1.93
N ASN D 122 5.74 -20.15 -1.03
CA ASN D 122 5.37 -18.74 -1.24
C ASN D 122 3.88 -18.56 -1.50
N TRP D 123 3.08 -19.58 -1.27
CA TRP D 123 1.63 -19.52 -1.35
C TRP D 123 1.01 -20.20 -0.13
N ASN D 124 1.57 -19.89 1.05
CA ASN D 124 1.13 -20.46 2.30
C ASN D 124 1.14 -19.37 3.37
N SER D 125 0.48 -19.65 4.49
CA SER D 125 0.32 -18.65 5.54
C SER D 125 1.64 -18.29 6.21
N LYS D 126 2.66 -19.13 6.08
CA LYS D 126 3.96 -18.84 6.69
C LYS D 126 4.84 -17.96 5.81
N ASP D 127 4.90 -18.24 4.52
CA ASP D 127 5.79 -17.48 3.64
C ASP D 127 5.23 -16.09 3.36
N VAL D 128 3.92 -15.98 3.17
CA VAL D 128 3.27 -14.72 2.86
C VAL D 128 2.06 -14.56 3.75
N GLY D 129 1.60 -13.30 3.88
CA GLY D 129 0.41 -13.00 4.62
C GLY D 129 0.63 -13.00 6.12
N PRO D 130 -0.01 -13.94 6.83
CA PRO D 130 0.08 -13.95 8.29
C PRO D 130 1.48 -14.18 8.82
N HIS D 131 2.36 -14.81 8.06
CA HIS D 131 3.69 -15.20 8.51
C HIS D 131 3.61 -16.08 9.75
N ARG D 132 2.63 -16.96 9.79
CA ARG D 132 2.40 -17.85 10.93
C ARG D 132 1.92 -19.20 10.43
N ASP D 133 2.03 -20.19 11.30
CA ASP D 133 1.38 -21.49 11.10
C ASP D 133 0.04 -21.44 11.81
N LEU D 134 -1.00 -21.05 11.08
CA LEU D 134 -2.32 -20.90 11.67
C LEU D 134 -2.86 -22.23 12.18
N VAL D 135 -2.69 -23.29 11.39
CA VAL D 135 -3.21 -24.61 11.77
C VAL D 135 -2.58 -25.06 13.08
N GLY D 136 -1.25 -24.92 13.20
CA GLY D 136 -0.58 -25.35 14.41
C GLY D 136 -0.99 -24.57 15.63
N GLU D 137 -1.10 -23.24 15.50
CA GLU D 137 -1.47 -22.41 16.65
C GLU D 137 -2.89 -22.73 17.12
N LEU D 138 -3.83 -22.81 16.17
CA LEU D 138 -5.20 -23.16 16.55
C LEU D 138 -5.27 -24.55 17.15
N GLY D 139 -4.50 -25.49 16.60
CA GLY D 139 -4.49 -26.84 17.15
C GLY D 139 -3.97 -26.88 18.57
N THR D 140 -2.90 -26.14 18.86
CA THR D 140 -2.39 -26.07 20.22
C THR D 140 -3.43 -25.48 21.16
N ALA D 141 -4.07 -24.38 20.73
CA ALA D 141 -5.07 -23.74 21.59
C ALA D 141 -6.24 -24.68 21.86
N LEU D 142 -6.70 -25.42 20.84
CA LEU D 142 -7.84 -26.31 21.03
C LEU D 142 -7.46 -27.53 21.86
N ARG D 143 -6.27 -28.09 21.63
CA ARG D 143 -5.84 -29.25 22.41
C ARG D 143 -5.65 -28.90 23.86
N LYS D 144 -5.30 -27.65 24.17
CA LYS D 144 -5.20 -27.25 25.57
C LYS D 144 -6.55 -27.28 26.28
N ARG D 145 -7.66 -27.22 25.53
CA ARG D 145 -8.99 -27.18 26.11
C ARG D 145 -9.80 -28.45 25.82
N ASN D 146 -9.13 -29.55 25.46
CA ASN D 146 -9.78 -30.84 25.24
C ASN D 146 -10.85 -30.77 24.14
N ILE D 147 -10.62 -29.96 23.12
CA ILE D 147 -11.52 -29.85 21.98
C ILE D 147 -10.90 -30.60 20.81
N ARG D 148 -11.68 -31.45 20.17
CA ARG D 148 -11.20 -32.23 19.04
C ARG D 148 -10.93 -31.34 17.84
N TYR D 149 -9.93 -31.73 17.05
CA TYR D 149 -9.46 -30.95 15.92
C TYR D 149 -9.77 -31.66 14.61
N GLY D 150 -10.28 -30.89 13.66
CA GLY D 150 -10.56 -31.41 12.33
C GLY D 150 -9.97 -30.49 11.28
N LEU D 151 -9.35 -31.09 10.27
CA LEU D 151 -8.70 -30.36 9.19
C LEU D 151 -9.53 -30.52 7.93
N TYR D 152 -9.96 -29.39 7.37
CA TYR D 152 -10.65 -29.36 6.09
C TYR D 152 -9.62 -29.23 4.99
N HIS D 153 -9.65 -30.16 4.03
CA HIS D 153 -8.74 -30.14 2.91
C HIS D 153 -9.53 -30.25 1.62
N SER D 154 -9.31 -29.30 0.71
CA SER D 154 -9.92 -29.34 -0.61
C SER D 154 -8.99 -30.08 -1.56
N LEU D 155 -9.53 -31.09 -2.26
CA LEU D 155 -8.71 -31.88 -3.16
C LEU D 155 -8.32 -31.06 -4.40
N LEU D 156 -9.26 -30.34 -4.98
CA LEU D 156 -9.01 -29.62 -6.22
C LEU D 156 -8.55 -28.19 -5.93
N GLU D 157 -7.89 -27.61 -6.93
CA GLU D 157 -7.58 -26.19 -6.95
C GLU D 157 -7.99 -25.65 -8.31
N TRP D 158 -8.65 -24.48 -8.32
CA TRP D 158 -9.27 -23.98 -9.54
C TRP D 158 -8.25 -23.75 -10.64
N PHE D 159 -7.19 -23.03 -10.35
CA PHE D 159 -6.29 -22.50 -11.37
C PHE D 159 -4.87 -23.04 -11.26
N HIS D 160 -4.65 -24.09 -10.48
CA HIS D 160 -3.32 -24.67 -10.42
C HIS D 160 -2.96 -25.28 -11.77
N PRO D 161 -1.80 -24.94 -12.34
CA PRO D 161 -1.50 -25.42 -13.70
C PRO D 161 -1.44 -26.94 -13.82
N LEU D 162 -0.98 -27.64 -12.80
CA LEU D 162 -0.91 -29.09 -12.88
C LEU D 162 -2.29 -29.73 -12.87
N TYR D 163 -3.20 -29.18 -12.06
CA TYR D 163 -4.57 -29.67 -12.07
C TYR D 163 -5.25 -29.40 -13.41
N LEU D 164 -5.01 -28.22 -13.98
CA LEU D 164 -5.56 -27.91 -15.29
C LEU D 164 -5.01 -28.84 -16.35
N LEU D 165 -3.72 -29.17 -16.26
CA LEU D 165 -3.11 -30.11 -17.20
C LEU D 165 -3.73 -31.50 -17.06
N ASP D 166 -3.95 -31.95 -15.82
CA ASP D 166 -4.60 -33.24 -15.62
C ASP D 166 -6.02 -33.24 -16.17
N LYS D 167 -6.75 -32.14 -15.97
CA LYS D 167 -8.10 -32.04 -16.50
C LYS D 167 -8.10 -32.05 -18.02
N LYS D 168 -7.12 -31.38 -18.64
CA LYS D 168 -7.01 -31.38 -20.10
C LYS D 168 -6.75 -32.77 -20.63
N ASN D 169 -6.02 -33.60 -19.89
CA ASN D 169 -5.71 -34.96 -20.29
C ASN D 169 -6.81 -35.95 -19.93
N GLY D 170 -7.96 -35.48 -19.44
CA GLY D 170 -9.01 -36.39 -19.03
C GLY D 170 -8.72 -37.12 -17.74
N PHE D 171 -7.83 -36.58 -16.90
CA PHE D 171 -7.44 -37.18 -15.62
C PHE D 171 -6.81 -38.55 -15.81
N LYS D 172 -6.17 -38.77 -16.97
CA LYS D 172 -5.35 -39.94 -17.18
C LYS D 172 -3.93 -39.76 -16.66
N THR D 173 -3.54 -38.52 -16.35
CA THR D 173 -2.29 -38.23 -15.67
C THR D 173 -2.59 -37.78 -14.24
N GLN D 174 -1.60 -37.89 -13.38
CA GLN D 174 -1.77 -37.60 -11.96
C GLN D 174 -0.68 -36.69 -11.45
N HIS D 175 -0.32 -35.67 -12.25
CA HIS D 175 0.72 -34.73 -11.84
C HIS D 175 0.29 -33.94 -10.60
N PHE D 176 -0.95 -33.45 -10.60
CA PHE D 176 -1.42 -32.63 -9.49
C PHE D 176 -1.50 -33.43 -8.19
N VAL D 177 -1.97 -34.68 -8.27
CA VAL D 177 -2.13 -35.48 -7.07
C VAL D 177 -0.78 -35.81 -6.45
N SER D 178 0.19 -36.21 -7.28
CA SER D 178 1.50 -36.57 -6.77
C SER D 178 2.28 -35.35 -6.32
N ALA D 179 2.03 -34.18 -6.93
CA ALA D 179 2.80 -33.00 -6.60
C ALA D 179 2.30 -32.32 -5.33
N LYS D 180 0.99 -32.06 -5.25
CA LYS D 180 0.46 -31.21 -4.20
C LYS D 180 -0.50 -31.92 -3.25
N THR D 181 -1.53 -32.58 -3.77
CA THR D 181 -2.66 -32.98 -2.93
C THR D 181 -2.26 -34.05 -1.92
N MET D 182 -1.78 -35.20 -2.40
CA MET D 182 -1.41 -36.28 -1.49
C MET D 182 -0.29 -35.90 -0.54
N PRO D 183 0.80 -35.25 -0.96
CA PRO D 183 1.80 -34.81 0.02
C PRO D 183 1.23 -33.89 1.08
N GLU D 184 0.31 -33.00 0.69
CA GLU D 184 -0.31 -32.11 1.67
C GLU D 184 -1.16 -32.90 2.67
N LEU D 185 -1.90 -33.89 2.20
CA LEU D 185 -2.68 -34.71 3.12
C LEU D 185 -1.77 -35.47 4.09
N TYR D 186 -0.68 -36.03 3.57
CA TYR D 186 0.24 -36.77 4.43
C TYR D 186 0.89 -35.85 5.47
N ASP D 187 1.27 -34.64 5.06
CA ASP D 187 1.84 -33.69 6.00
C ASP D 187 0.81 -33.24 7.04
N LEU D 188 -0.43 -33.04 6.61
CA LEU D 188 -1.50 -32.66 7.54
C LEU D 188 -1.80 -33.76 8.54
N VAL D 189 -1.60 -35.01 8.15
CA VAL D 189 -1.87 -36.10 9.09
C VAL D 189 -0.69 -36.33 10.03
N ASN D 190 0.54 -36.31 9.49
CA ASN D 190 1.70 -36.62 10.31
C ASN D 190 2.01 -35.51 11.31
N SER D 191 1.61 -34.28 11.02
CA SER D 191 1.71 -33.18 11.96
C SER D 191 0.32 -32.68 12.28
N TYR D 192 0.17 -32.11 13.49
CA TYR D 192 -1.10 -31.57 14.00
C TYR D 192 -2.07 -32.68 14.38
N LYS D 193 -1.73 -33.94 14.06
CA LYS D 193 -2.43 -35.16 14.46
C LYS D 193 -3.95 -34.99 14.50
N PRO D 194 -4.59 -34.80 13.34
CA PRO D 194 -6.01 -34.45 13.34
C PRO D 194 -6.90 -35.57 13.87
N ASP D 195 -8.00 -35.17 14.50
CA ASP D 195 -9.04 -36.10 14.88
C ASP D 195 -10.07 -36.29 13.77
N LEU D 196 -10.26 -35.29 12.92
CA LEU D 196 -11.21 -35.35 11.83
C LEU D 196 -10.56 -34.86 10.54
N ILE D 197 -10.94 -35.47 9.43
CA ILE D 197 -10.53 -35.02 8.10
C ILE D 197 -11.78 -34.73 7.30
N TRP D 198 -11.95 -33.47 6.90
CA TRP D 198 -13.10 -33.01 6.15
C TRP D 198 -12.63 -32.77 4.72
N SER D 199 -12.85 -33.75 3.84
CA SER D 199 -12.41 -33.64 2.47
C SER D 199 -13.42 -32.88 1.63
N ASP D 200 -12.93 -32.21 0.59
CA ASP D 200 -13.78 -31.43 -0.29
C ASP D 200 -13.12 -31.32 -1.66
N GLY D 201 -13.81 -30.66 -2.59
CA GLY D 201 -13.28 -30.45 -3.92
C GLY D 201 -13.07 -31.72 -4.71
N GLU D 202 -14.07 -32.60 -4.71
CA GLU D 202 -13.93 -33.93 -5.29
C GLU D 202 -14.91 -34.22 -6.42
N TRP D 203 -15.78 -33.28 -6.78
CA TRP D 203 -16.86 -33.58 -7.71
C TRP D 203 -16.40 -33.69 -9.16
N GLU D 204 -15.16 -33.34 -9.47
CA GLU D 204 -14.70 -33.31 -10.85
C GLU D 204 -13.97 -34.58 -11.28
N CYS D 205 -13.47 -35.38 -10.34
CA CYS D 205 -12.63 -36.51 -10.68
C CYS D 205 -13.06 -37.75 -9.93
N PRO D 206 -12.78 -38.94 -10.47
CA PRO D 206 -13.05 -40.18 -9.73
C PRO D 206 -12.08 -40.37 -8.58
N ASP D 207 -12.44 -41.29 -7.68
CA ASP D 207 -11.59 -41.58 -6.54
C ASP D 207 -10.28 -42.24 -6.96
N THR D 208 -10.27 -42.92 -8.11
CA THR D 208 -9.03 -43.53 -8.59
C THR D 208 -7.99 -42.47 -8.92
N TYR D 209 -8.42 -41.36 -9.53
CA TYR D 209 -7.50 -40.27 -9.82
C TYR D 209 -6.93 -39.67 -8.53
N TRP D 210 -7.80 -39.46 -7.53
CA TRP D 210 -7.39 -38.81 -6.29
C TRP D 210 -6.56 -39.71 -5.38
N ASN D 211 -6.44 -41.00 -5.69
CA ASN D 211 -5.71 -41.96 -4.86
C ASN D 211 -6.31 -42.06 -3.47
N SER D 212 -7.64 -41.92 -3.37
CA SER D 212 -8.30 -41.84 -2.07
C SER D 212 -8.19 -43.15 -1.30
N THR D 213 -8.35 -44.28 -1.98
CA THR D 213 -8.35 -45.56 -1.28
C THR D 213 -6.99 -45.85 -0.65
N ASN D 214 -5.90 -45.57 -1.37
CA ASN D 214 -4.57 -45.78 -0.81
C ASN D 214 -4.33 -44.90 0.40
N PHE D 215 -4.70 -43.61 0.30
CA PHE D 215 -4.50 -42.72 1.43
C PHE D 215 -5.33 -43.15 2.63
N LEU D 216 -6.57 -43.57 2.40
CA LEU D 216 -7.42 -43.98 3.51
C LEU D 216 -6.92 -45.27 4.15
N SER D 217 -6.42 -46.21 3.34
CA SER D 217 -5.83 -47.41 3.90
C SER D 217 -4.60 -47.09 4.74
N TRP D 218 -3.74 -46.19 4.25
CA TRP D 218 -2.59 -45.78 5.05
C TRP D 218 -3.02 -45.10 6.33
N LEU D 219 -4.05 -44.24 6.25
CA LEU D 219 -4.54 -43.54 7.42
C LEU D 219 -5.08 -44.50 8.46
N TYR D 220 -5.81 -45.53 8.03
CA TYR D 220 -6.39 -46.49 8.94
C TYR D 220 -5.37 -47.51 9.46
N ASN D 221 -4.24 -47.69 8.76
CA ASN D 221 -3.29 -48.72 9.14
C ASN D 221 -2.06 -48.19 9.87
N ASP D 222 -1.38 -47.21 9.31
CA ASP D 222 -0.06 -46.81 9.81
C ASP D 222 0.02 -45.33 10.21
N SER D 223 -1.07 -44.59 10.15
CA SER D 223 -1.00 -43.20 10.53
C SER D 223 -0.99 -43.05 12.05
N PRO D 224 -0.45 -41.94 12.56
CA PRO D 224 -0.46 -41.73 14.02
C PRO D 224 -1.86 -41.57 14.59
N VAL D 225 -2.85 -41.26 13.78
CA VAL D 225 -4.21 -41.02 14.24
C VAL D 225 -5.14 -42.19 13.86
N LYS D 226 -4.56 -43.35 13.55
CA LYS D 226 -5.35 -44.47 13.03
C LYS D 226 -6.45 -44.90 14.00
N ASP D 227 -6.25 -44.69 15.30
CA ASP D 227 -7.19 -45.23 16.27
C ASP D 227 -8.50 -44.44 16.31
N GLU D 228 -8.43 -43.12 16.25
CA GLU D 228 -9.60 -42.30 16.54
C GLU D 228 -9.83 -41.21 15.51
N VAL D 229 -9.49 -41.47 14.24
CA VAL D 229 -9.71 -40.50 13.17
C VAL D 229 -11.00 -40.85 12.44
N VAL D 230 -11.73 -39.82 12.03
CA VAL D 230 -12.97 -39.97 11.26
C VAL D 230 -12.86 -39.10 10.01
N VAL D 231 -13.41 -39.58 8.90
CA VAL D 231 -13.39 -38.86 7.64
C VAL D 231 -14.80 -38.78 7.10
N ASN D 232 -15.01 -37.80 6.20
CA ASN D 232 -16.30 -37.59 5.57
C ASN D 232 -16.35 -38.38 4.25
N ASP D 233 -17.34 -38.10 3.42
CA ASP D 233 -17.64 -38.91 2.25
C ASP D 233 -17.23 -38.24 0.93
N ARG D 234 -16.45 -37.16 0.97
CA ARG D 234 -16.11 -36.42 -0.24
C ARG D 234 -14.71 -36.85 -0.71
N TRP D 235 -14.65 -38.04 -1.30
CA TRP D 235 -13.39 -38.61 -1.74
C TRP D 235 -13.35 -38.91 -3.23
N GLY D 236 -14.30 -38.39 -3.99
CA GLY D 236 -14.31 -38.60 -5.43
C GLY D 236 -15.71 -38.43 -5.98
N GLN D 237 -15.81 -38.60 -7.29
CA GLN D 237 -17.11 -38.54 -7.96
C GLN D 237 -17.99 -39.68 -7.48
N ASN D 238 -19.27 -39.36 -7.23
CA ASN D 238 -20.26 -40.34 -6.80
C ASN D 238 -19.85 -41.07 -5.53
N CYS D 239 -19.13 -40.38 -4.65
CA CYS D 239 -18.74 -40.93 -3.37
C CYS D 239 -19.58 -40.42 -2.21
N SER D 240 -20.28 -39.30 -2.39
CA SER D 240 -21.12 -38.76 -1.34
C SER D 240 -22.24 -39.73 -1.01
N CYS D 241 -22.48 -39.92 0.29
CA CYS D 241 -23.49 -40.83 0.83
C CYS D 241 -23.26 -42.28 0.43
N HIS D 242 -22.08 -42.62 -0.07
CA HIS D 242 -21.79 -44.00 -0.45
C HIS D 242 -20.50 -44.54 0.14
N HIS D 243 -19.46 -43.71 0.24
CA HIS D 243 -18.15 -44.15 0.69
C HIS D 243 -17.58 -43.14 1.68
N GLY D 244 -16.98 -43.65 2.76
CA GLY D 244 -16.35 -42.81 3.76
C GLY D 244 -16.86 -43.14 5.15
N GLY D 245 -16.25 -42.49 6.14
CA GLY D 245 -16.60 -42.71 7.53
C GLY D 245 -18.02 -42.30 7.85
N TYR D 246 -18.30 -41.00 7.80
CA TYR D 246 -19.65 -40.49 7.94
C TYR D 246 -20.03 -39.73 6.67
N TYR D 247 -21.34 -39.57 6.47
CA TYR D 247 -21.87 -39.02 5.23
C TYR D 247 -22.23 -37.55 5.45
N ASN D 248 -21.51 -36.65 4.76
CA ASN D 248 -21.94 -35.27 4.70
C ASN D 248 -23.02 -35.05 3.65
N CYS D 249 -23.09 -35.91 2.64
CA CYS D 249 -24.05 -35.83 1.54
C CYS D 249 -23.92 -34.45 0.90
N GLU D 250 -24.99 -33.69 0.76
CA GLU D 250 -24.90 -32.34 0.21
C GLU D 250 -24.74 -31.31 1.34
N ASP D 251 -24.30 -30.12 0.95
CA ASP D 251 -24.22 -29.02 1.91
C ASP D 251 -25.62 -28.66 2.40
N LYS D 252 -25.72 -28.39 3.70
CA LYS D 252 -26.98 -28.08 4.36
C LYS D 252 -27.99 -29.21 4.15
N PHE D 253 -27.56 -30.43 4.48
CA PHE D 253 -28.37 -31.61 4.27
C PHE D 253 -29.45 -31.71 5.35
N LYS D 254 -30.71 -31.86 4.93
CA LYS D 254 -31.86 -31.93 5.83
C LYS D 254 -32.69 -33.16 5.48
N PRO D 255 -32.31 -34.33 6.00
CA PRO D 255 -33.11 -35.53 5.74
C PRO D 255 -34.49 -35.45 6.36
N GLN D 256 -35.45 -36.10 5.72
CA GLN D 256 -36.82 -36.13 6.20
C GLN D 256 -37.07 -37.28 7.16
N SER D 257 -36.30 -38.37 7.03
CA SER D 257 -36.42 -39.54 7.90
C SER D 257 -35.05 -39.86 8.48
N LEU D 258 -35.01 -40.89 9.30
CA LEU D 258 -33.75 -41.30 9.93
C LEU D 258 -32.84 -41.96 8.91
N PRO D 259 -31.65 -41.43 8.66
CA PRO D 259 -30.71 -42.12 7.77
C PRO D 259 -30.15 -43.38 8.43
N ASP D 260 -29.73 -44.32 7.57
CA ASP D 260 -29.18 -45.57 8.03
C ASP D 260 -27.68 -45.53 8.30
N HIS D 261 -27.04 -44.39 8.03
CA HIS D 261 -25.61 -44.22 8.27
C HIS D 261 -25.40 -42.90 9.02
N LYS D 262 -24.35 -42.87 9.84
CA LYS D 262 -24.05 -41.65 10.59
C LYS D 262 -23.74 -40.52 9.63
N TRP D 263 -24.35 -39.36 9.88
CA TRP D 263 -24.27 -38.23 8.97
C TRP D 263 -24.00 -36.95 9.75
N GLU D 264 -23.80 -35.86 9.02
CA GLU D 264 -23.52 -34.57 9.61
C GLU D 264 -24.07 -33.48 8.71
N MET D 265 -24.79 -32.54 9.30
CA MET D 265 -25.32 -31.38 8.59
C MET D 265 -24.41 -30.19 8.85
N CYS D 266 -23.82 -29.66 7.79
CA CYS D 266 -22.99 -28.47 7.87
C CYS D 266 -23.76 -27.28 7.32
N THR D 267 -23.82 -26.21 8.11
CA THR D 267 -24.56 -25.02 7.73
C THR D 267 -23.79 -23.79 8.20
N SER D 268 -24.05 -22.66 7.55
CA SER D 268 -23.32 -21.43 7.79
C SER D 268 -24.24 -20.37 8.39
N ILE D 269 -23.73 -19.64 9.38
CA ILE D 269 -24.50 -18.55 9.98
C ILE D 269 -24.82 -17.50 8.93
N ASP D 270 -23.86 -17.17 8.07
CA ASP D 270 -24.12 -16.37 6.89
C ASP D 270 -24.83 -17.23 5.86
N LYS D 271 -25.99 -16.78 5.40
CA LYS D 271 -26.81 -17.58 4.48
C LYS D 271 -26.27 -17.59 3.05
N PHE D 272 -25.33 -16.70 2.72
CA PHE D 272 -24.90 -16.55 1.33
C PHE D 272 -23.40 -16.76 1.15
N SER D 273 -22.68 -17.16 2.19
CA SER D 273 -21.24 -17.37 2.07
C SER D 273 -20.74 -18.18 3.25
N TRP D 274 -19.72 -18.99 2.99
CA TRP D 274 -18.99 -19.66 4.07
C TRP D 274 -17.84 -18.80 4.57
N GLY D 275 -17.19 -18.05 3.69
CA GLY D 275 -16.19 -17.10 4.11
C GLY D 275 -16.81 -15.79 4.59
N TYR D 276 -15.97 -14.99 5.23
CA TYR D 276 -16.44 -13.73 5.79
C TYR D 276 -16.77 -12.72 4.68
N ARG D 277 -17.87 -12.00 4.88
CA ARG D 277 -18.27 -10.90 4.00
C ARG D 277 -18.34 -9.63 4.83
N ARG D 278 -17.66 -8.57 4.36
CA ARG D 278 -17.64 -7.33 5.12
C ARG D 278 -18.94 -6.54 4.98
N ASP D 279 -19.66 -6.71 3.87
CA ASP D 279 -20.92 -6.02 3.65
C ASP D 279 -22.12 -6.91 3.94
N MET D 280 -21.95 -7.93 4.78
CA MET D 280 -23.05 -8.81 5.12
C MET D 280 -24.10 -8.06 5.93
N ALA D 281 -25.37 -8.20 5.53
CA ALA D 281 -26.46 -7.52 6.19
C ALA D 281 -27.00 -8.37 7.34
N LEU D 282 -27.76 -7.72 8.22
CA LEU D 282 -28.36 -8.42 9.35
C LEU D 282 -29.34 -9.49 8.89
N SER D 283 -30.04 -9.25 7.78
CA SER D 283 -30.94 -10.25 7.25
C SER D 283 -30.19 -11.48 6.75
N ASP D 284 -28.97 -11.29 6.24
CA ASP D 284 -28.16 -12.42 5.79
C ASP D 284 -27.73 -13.33 6.93
N VAL D 285 -27.80 -12.85 8.18
CA VAL D 285 -27.37 -13.62 9.34
C VAL D 285 -28.52 -14.51 9.78
N THR D 286 -28.21 -15.80 9.96
CA THR D 286 -29.22 -16.75 10.37
C THR D 286 -29.73 -16.43 11.78
N GLU D 287 -31.04 -16.47 11.96
CA GLU D 287 -31.62 -16.21 13.26
C GLU D 287 -31.25 -17.33 14.24
N GLU D 288 -31.23 -16.97 15.52
CA GLU D 288 -30.78 -17.93 16.54
C GLU D 288 -31.79 -19.04 16.75
N SER D 289 -33.08 -18.72 16.66
CA SER D 289 -34.11 -19.76 16.74
C SER D 289 -33.94 -20.77 15.61
N GLU D 290 -33.60 -20.30 14.41
CA GLU D 290 -33.34 -21.21 13.30
C GLU D 290 -32.15 -22.12 13.57
N ILE D 291 -31.08 -21.56 14.16
CA ILE D 291 -29.90 -22.37 14.46
C ILE D 291 -30.24 -23.45 15.48
N ILE D 292 -30.96 -23.08 16.54
CA ILE D 292 -31.29 -24.06 17.58
C ILE D 292 -32.26 -25.10 17.04
N SER D 293 -33.22 -24.69 16.20
CA SER D 293 -34.13 -25.65 15.59
C SER D 293 -33.39 -26.62 14.69
N GLU D 294 -32.44 -26.13 13.88
CA GLU D 294 -31.66 -27.01 13.02
C GLU D 294 -30.83 -27.98 13.85
N LEU D 295 -30.23 -27.50 14.95
CA LEU D 295 -29.46 -28.39 15.81
C LEU D 295 -30.34 -29.47 16.41
N VAL D 296 -31.53 -29.10 16.87
CA VAL D 296 -32.43 -30.07 17.50
C VAL D 296 -32.88 -31.12 16.47
N GLN D 297 -33.27 -30.66 15.28
CA GLN D 297 -33.72 -31.59 14.25
C GLN D 297 -32.59 -32.52 13.80
N THR D 298 -31.37 -31.99 13.70
CA THR D 298 -30.24 -32.82 13.29
C THR D 298 -29.91 -33.87 14.35
N VAL D 299 -29.81 -33.45 15.61
CA VAL D 299 -29.46 -34.38 16.68
C VAL D 299 -30.55 -35.43 16.87
N SER D 300 -31.82 -35.03 16.72
CA SER D 300 -32.91 -35.98 16.84
C SER D 300 -32.85 -37.05 15.75
N LEU D 301 -32.35 -36.70 14.57
CA LEU D 301 -32.25 -37.64 13.46
C LEU D 301 -30.90 -38.37 13.44
N GLY D 302 -30.12 -38.27 14.50
CA GLY D 302 -28.90 -39.04 14.61
C GLY D 302 -27.68 -38.42 13.97
N GLY D 303 -27.76 -37.16 13.51
CA GLY D 303 -26.64 -36.51 12.86
C GLY D 303 -25.90 -35.56 13.76
N ASN D 304 -24.72 -35.16 13.30
CA ASN D 304 -23.94 -34.11 13.95
C ASN D 304 -24.24 -32.77 13.30
N TYR D 305 -23.97 -31.70 14.04
CA TYR D 305 -24.28 -30.34 13.60
C TYR D 305 -22.98 -29.57 13.51
N LEU D 306 -22.71 -28.99 12.34
CA LEU D 306 -21.46 -28.26 12.08
C LEU D 306 -21.81 -26.84 11.65
N LEU D 307 -21.64 -25.90 12.57
CA LEU D 307 -21.97 -24.49 12.33
C LEU D 307 -20.73 -23.73 11.91
N ASN D 308 -20.84 -22.98 10.82
CA ASN D 308 -19.70 -22.33 10.19
C ASN D 308 -19.67 -20.84 10.49
N ILE D 309 -18.47 -20.33 10.75
CA ILE D 309 -18.22 -18.91 10.92
C ILE D 309 -17.06 -18.52 10.01
N GLY D 310 -17.02 -17.25 9.62
CA GLY D 310 -15.96 -16.75 8.79
C GLY D 310 -15.21 -15.60 9.45
N PRO D 311 -13.96 -15.84 9.83
CA PRO D 311 -13.15 -14.77 10.42
C PRO D 311 -12.72 -13.75 9.37
N THR D 312 -12.45 -12.54 9.85
CA THR D 312 -11.96 -11.46 8.99
C THR D 312 -10.50 -11.69 8.64
N LYS D 313 -10.00 -10.86 7.71
CA LYS D 313 -8.60 -10.97 7.31
C LYS D 313 -7.64 -10.61 8.43
N ASP D 314 -8.11 -9.92 9.47
CA ASP D 314 -7.28 -9.61 10.64
C ASP D 314 -7.32 -10.71 11.69
N GLY D 315 -8.07 -11.78 11.47
CA GLY D 315 -8.14 -12.85 12.42
C GLY D 315 -9.14 -12.65 13.54
N LEU D 316 -10.17 -11.86 13.32
CA LEU D 316 -11.18 -11.57 14.33
C LEU D 316 -12.51 -12.20 13.95
N ILE D 317 -13.24 -12.64 14.97
CA ILE D 317 -14.60 -13.13 14.82
C ILE D 317 -15.54 -11.99 15.20
N VAL D 318 -16.42 -11.61 14.28
CA VAL D 318 -17.25 -10.41 14.43
C VAL D 318 -18.26 -10.60 15.55
N PRO D 319 -18.73 -9.52 16.18
CA PRO D 319 -19.62 -9.68 17.34
C PRO D 319 -20.91 -10.43 17.05
N ILE D 320 -21.45 -10.38 15.84
CA ILE D 320 -22.71 -11.05 15.56
C ILE D 320 -22.52 -12.57 15.58
N PHE D 321 -21.43 -13.06 15.00
CA PHE D 321 -21.12 -14.48 15.07
C PHE D 321 -20.88 -14.92 16.51
N GLN D 322 -20.18 -14.08 17.28
CA GLN D 322 -19.97 -14.39 18.69
C GLN D 322 -21.27 -14.46 19.45
N GLU D 323 -22.21 -13.54 19.17
CA GLU D 323 -23.50 -13.58 19.84
C GLU D 323 -24.27 -14.84 19.50
N ARG D 324 -24.28 -15.23 18.22
CA ARG D 324 -24.98 -16.45 17.82
C ARG D 324 -24.37 -17.68 18.52
N LEU D 325 -23.04 -17.78 18.50
CA LEU D 325 -22.38 -18.94 19.11
C LEU D 325 -22.59 -18.96 20.62
N LEU D 326 -22.50 -17.80 21.27
CA LEU D 326 -22.66 -17.75 22.72
C LEU D 326 -24.09 -18.06 23.14
N ALA D 327 -25.09 -17.67 22.33
CA ALA D 327 -26.46 -18.05 22.67
C ALA D 327 -26.69 -19.54 22.43
N VAL D 328 -26.07 -20.11 21.40
CA VAL D 328 -26.10 -21.56 21.25
C VAL D 328 -25.53 -22.23 22.50
N GLY D 329 -24.39 -21.73 22.98
CA GLY D 329 -23.77 -22.31 24.16
C GLY D 329 -24.62 -22.13 25.40
N LYS D 330 -25.30 -20.98 25.53
CA LYS D 330 -26.18 -20.76 26.66
C LYS D 330 -27.35 -21.74 26.65
N TRP D 331 -27.94 -21.97 25.46
CA TRP D 331 -29.01 -22.97 25.37
C TRP D 331 -28.48 -24.36 25.70
N LEU D 332 -27.27 -24.68 25.25
CA LEU D 332 -26.70 -25.99 25.51
C LEU D 332 -26.41 -26.19 26.99
N SER D 333 -26.00 -25.13 27.68
CA SER D 333 -25.72 -25.23 29.11
C SER D 333 -26.93 -25.69 29.90
N ILE D 334 -28.14 -25.52 29.36
CA ILE D 334 -29.36 -25.97 30.00
C ILE D 334 -29.86 -27.29 29.42
N ASN D 335 -29.77 -27.44 28.10
CA ASN D 335 -30.40 -28.59 27.42
C ASN D 335 -29.39 -29.58 26.86
N GLY D 336 -28.18 -29.64 27.42
CA GLY D 336 -27.18 -30.56 26.89
C GLY D 336 -27.37 -32.00 27.31
N GLU D 337 -28.12 -32.25 28.37
CA GLU D 337 -28.42 -33.63 28.75
C GLU D 337 -29.22 -34.36 27.68
N ALA D 338 -29.95 -33.62 26.85
CA ALA D 338 -30.74 -34.19 25.76
C ALA D 338 -29.97 -34.23 24.45
N ILE D 339 -28.75 -33.70 24.40
CA ILE D 339 -28.03 -33.57 23.13
C ILE D 339 -26.74 -34.40 23.17
N TYR D 340 -25.85 -34.08 24.09
CA TYR D 340 -24.55 -34.75 24.13
C TYR D 340 -24.71 -36.22 24.49
N ALA D 341 -24.03 -37.08 23.73
CA ALA D 341 -24.04 -38.53 23.95
C ALA D 341 -25.46 -39.07 23.98
N SER D 342 -26.29 -38.61 23.06
CA SER D 342 -27.67 -39.05 22.95
C SER D 342 -27.85 -39.90 21.70
N LYS D 343 -29.00 -40.57 21.64
CA LYS D 343 -29.33 -41.44 20.52
C LYS D 343 -30.72 -41.13 20.00
N PRO D 344 -30.96 -41.32 18.71
CA PRO D 344 -32.32 -41.17 18.19
C PRO D 344 -33.26 -42.18 18.81
N TRP D 345 -34.49 -41.76 19.05
CA TRP D 345 -35.52 -42.60 19.63
C TRP D 345 -36.20 -43.40 18.51
N ARG D 346 -37.31 -44.08 18.84
CA ARG D 346 -38.03 -44.86 17.85
C ARG D 346 -39.01 -44.04 17.03
N VAL D 347 -39.19 -42.75 17.35
CA VAL D 347 -40.16 -41.90 16.67
C VAL D 347 -39.50 -40.63 16.13
N GLN D 348 -38.79 -39.90 17.00
CA GLN D 348 -37.93 -38.77 16.66
C GLN D 348 -38.69 -37.50 16.29
N TRP D 349 -40.00 -37.61 16.07
CA TRP D 349 -40.86 -36.45 15.84
C TRP D 349 -42.30 -36.93 15.77
N GLU D 350 -43.23 -36.12 16.29
CA GLU D 350 -44.63 -36.50 16.31
C GLU D 350 -45.31 -36.02 15.03
N LYS D 351 -46.23 -36.83 14.52
CA LYS D 351 -46.87 -36.52 13.24
C LYS D 351 -47.75 -35.27 13.34
N ASN D 352 -48.62 -35.23 14.35
CA ASN D 352 -49.56 -34.13 14.53
C ASN D 352 -49.23 -33.46 15.87
N THR D 353 -48.37 -32.45 15.82
CA THR D 353 -47.90 -31.81 17.05
C THR D 353 -47.57 -30.34 16.81
N THR D 354 -46.78 -29.78 17.73
CA THR D 354 -46.25 -28.43 17.59
C THR D 354 -44.74 -28.52 17.39
N SER D 355 -44.31 -29.45 16.53
CA SER D 355 -42.90 -29.69 16.23
C SER D 355 -42.12 -30.12 17.48
N VAL D 356 -42.49 -31.29 17.98
CA VAL D 356 -41.79 -31.94 19.08
C VAL D 356 -40.84 -32.98 18.49
N TRP D 357 -39.59 -32.99 18.98
CA TRP D 357 -38.56 -33.90 18.50
C TRP D 357 -38.03 -34.72 19.67
N TYR D 358 -37.65 -35.96 19.40
CA TYR D 358 -37.32 -36.92 20.44
C TYR D 358 -35.85 -37.32 20.37
N THR D 359 -35.22 -37.35 21.54
CA THR D 359 -33.90 -37.95 21.73
C THR D 359 -33.97 -38.92 22.90
N SER D 360 -32.97 -39.79 22.99
CA SER D 360 -32.93 -40.79 24.05
C SER D 360 -31.53 -40.88 24.63
N LYS D 361 -31.47 -41.21 25.92
CA LYS D 361 -30.20 -41.47 26.59
C LYS D 361 -30.47 -42.47 27.72
N GLY D 362 -29.99 -43.68 27.56
CA GLY D 362 -30.23 -44.71 28.56
C GLY D 362 -31.73 -44.97 28.69
N SER D 363 -32.24 -44.84 29.91
CA SER D 363 -33.66 -45.02 30.18
C SER D 363 -34.43 -43.71 30.12
N ALA D 364 -33.78 -42.60 29.79
CA ALA D 364 -34.43 -41.29 29.75
C ALA D 364 -34.76 -40.91 28.31
N VAL D 365 -35.92 -40.30 28.13
CA VAL D 365 -36.39 -39.79 26.84
C VAL D 365 -36.55 -38.29 26.96
N TYR D 366 -36.16 -37.57 25.92
CA TYR D 366 -36.21 -36.11 25.93
C TYR D 366 -37.04 -35.64 24.75
N ALA D 367 -38.06 -34.83 25.04
CA ALA D 367 -38.92 -34.23 24.03
C ALA D 367 -38.62 -32.74 23.99
N ILE D 368 -38.02 -32.28 22.90
CA ILE D 368 -37.71 -30.87 22.70
C ILE D 368 -38.80 -30.28 21.82
N PHE D 369 -39.48 -29.26 22.35
CA PHE D 369 -40.51 -28.55 21.60
C PHE D 369 -40.07 -27.11 21.38
N LEU D 370 -40.32 -26.61 20.18
CA LEU D 370 -39.87 -25.30 19.75
C LEU D 370 -41.00 -24.27 19.77
N HIS D 371 -42.19 -24.65 20.23
CA HIS D 371 -43.33 -23.75 20.24
C HIS D 371 -44.15 -24.02 21.49
N TRP D 372 -44.21 -23.04 22.39
CA TRP D 372 -45.02 -23.17 23.59
C TRP D 372 -46.49 -23.28 23.20
N PRO D 373 -47.19 -24.34 23.62
CA PRO D 373 -48.61 -24.46 23.26
C PRO D 373 -49.44 -23.34 23.87
N GLU D 374 -50.45 -22.90 23.12
CA GLU D 374 -51.32 -21.82 23.60
C GLU D 374 -52.14 -22.27 24.81
N ASN D 375 -52.63 -23.52 24.80
CA ASN D 375 -53.41 -24.02 25.91
C ASN D 375 -52.58 -24.25 27.17
N GLY D 376 -51.26 -24.18 27.08
CA GLY D 376 -50.41 -24.43 28.22
C GLY D 376 -50.17 -25.89 28.53
N VAL D 377 -50.68 -26.81 27.71
CA VAL D 377 -50.53 -28.24 27.93
C VAL D 377 -49.83 -28.84 26.71
N LEU D 378 -48.77 -29.59 26.98
CA LEU D 378 -48.01 -30.27 25.92
C LEU D 378 -48.58 -31.67 25.71
N ASN D 379 -48.79 -32.02 24.44
CA ASN D 379 -49.37 -33.32 24.07
C ASN D 379 -48.27 -34.19 23.48
N LEU D 380 -48.06 -35.35 24.10
CA LEU D 380 -47.06 -36.32 23.68
C LEU D 380 -47.78 -37.65 23.46
N GLU D 381 -48.11 -37.96 22.20
CA GLU D 381 -48.87 -39.16 21.86
C GLU D 381 -47.98 -40.36 21.59
N SER D 382 -46.67 -40.18 21.51
CA SER D 382 -45.74 -41.29 21.33
C SER D 382 -45.40 -42.04 22.62
N PRO D 383 -45.03 -41.37 23.71
CA PRO D 383 -44.56 -42.10 24.88
C PRO D 383 -45.65 -42.94 25.54
N ILE D 384 -45.22 -44.00 26.22
CA ILE D 384 -46.10 -44.89 26.98
C ILE D 384 -45.61 -44.93 28.42
N THR D 385 -46.46 -44.50 29.35
CA THR D 385 -46.13 -44.50 30.76
C THR D 385 -46.73 -45.73 31.45
N THR D 386 -45.95 -46.34 32.35
CA THR D 386 -46.47 -47.55 32.99
C THR D 386 -46.72 -47.40 34.49
N SER D 387 -45.66 -47.20 35.28
CA SER D 387 -45.87 -47.08 36.72
C SER D 387 -45.10 -45.93 37.37
N THR D 388 -43.85 -45.72 36.94
CA THR D 388 -42.94 -44.82 37.62
C THR D 388 -42.49 -43.66 36.74
N THR D 389 -43.37 -43.18 35.88
CA THR D 389 -43.02 -42.08 34.98
C THR D 389 -42.86 -40.79 35.76
N LYS D 390 -41.77 -40.07 35.50
CA LYS D 390 -41.50 -38.79 36.13
C LYS D 390 -41.11 -37.78 35.05
N ILE D 391 -41.49 -36.52 35.28
CA ILE D 391 -41.23 -35.44 34.34
C ILE D 391 -40.28 -34.45 34.99
N THR D 392 -39.29 -33.98 34.23
CA THR D 392 -38.25 -33.12 34.77
C THR D 392 -38.32 -31.68 34.27
N MET D 393 -38.41 -31.47 32.95
CA MET D 393 -38.38 -30.13 32.35
C MET D 393 -37.09 -29.41 32.74
N LEU D 394 -35.99 -29.90 32.14
CA LEU D 394 -34.64 -29.38 32.36
C LEU D 394 -34.64 -27.86 32.49
N GLY D 395 -34.05 -27.38 33.58
CA GLY D 395 -34.01 -25.97 33.91
C GLY D 395 -35.07 -25.52 34.88
N ILE D 396 -36.12 -26.31 35.08
CA ILE D 396 -37.21 -25.99 35.99
C ILE D 396 -37.28 -27.07 37.05
N GLN D 397 -37.30 -26.67 38.32
CA GLN D 397 -37.35 -27.61 39.42
C GLN D 397 -38.77 -28.14 39.64
N GLY D 398 -38.86 -29.41 40.01
CA GLY D 398 -40.13 -30.01 40.35
C GLY D 398 -40.77 -30.81 39.23
N ASP D 399 -41.34 -31.96 39.58
CA ASP D 399 -41.98 -32.80 38.59
C ASP D 399 -43.31 -32.20 38.16
N LEU D 400 -43.53 -32.12 36.85
CA LEU D 400 -44.76 -31.55 36.33
C LEU D 400 -45.90 -32.55 36.46
N LYS D 401 -47.13 -32.05 36.30
CA LYS D 401 -48.33 -32.88 36.35
C LYS D 401 -48.62 -33.43 34.97
N TRP D 402 -49.01 -34.69 34.90
CA TRP D 402 -49.29 -35.37 33.64
C TRP D 402 -50.50 -36.27 33.77
N SER D 403 -51.21 -36.44 32.66
CA SER D 403 -52.44 -37.24 32.60
C SER D 403 -52.43 -38.09 31.34
N THR D 404 -52.96 -39.30 31.45
CA THR D 404 -53.08 -40.20 30.31
C THR D 404 -54.50 -40.19 29.76
N ASP D 405 -54.62 -40.58 28.48
CA ASP D 405 -55.90 -40.65 27.80
C ASP D 405 -56.03 -41.97 27.06
N PRO D 406 -57.22 -42.55 27.02
CA PRO D 406 -57.39 -43.84 26.31
C PRO D 406 -57.31 -43.71 24.80
N ASP D 407 -57.88 -42.64 24.24
CA ASP D 407 -57.81 -42.40 22.81
C ASP D 407 -56.71 -41.42 22.41
N LYS D 408 -56.40 -40.45 23.26
CA LYS D 408 -55.31 -39.53 23.02
C LYS D 408 -54.03 -40.09 23.66
N GLY D 409 -53.00 -39.26 23.76
CA GLY D 409 -51.75 -39.70 24.36
C GLY D 409 -51.55 -39.19 25.78
N LEU D 410 -50.47 -38.45 25.99
CA LEU D 410 -50.12 -37.92 27.31
C LEU D 410 -50.24 -36.41 27.28
N PHE D 411 -50.77 -35.82 28.35
CA PHE D 411 -50.88 -34.37 28.48
C PHE D 411 -50.08 -33.93 29.70
N ILE D 412 -49.16 -33.00 29.49
CA ILE D 412 -48.29 -32.50 30.55
C ILE D 412 -48.56 -31.01 30.75
N SER D 413 -48.81 -30.62 31.99
CA SER D 413 -49.07 -29.22 32.32
C SER D 413 -47.75 -28.49 32.50
N LEU D 414 -47.40 -27.66 31.53
CA LEU D 414 -46.15 -26.91 31.59
C LEU D 414 -46.22 -25.85 32.70
N PRO D 415 -45.10 -25.57 33.36
CA PRO D 415 -45.11 -24.56 34.42
C PRO D 415 -45.20 -23.14 33.86
N GLN D 416 -46.36 -22.50 34.05
CA GLN D 416 -46.54 -21.14 33.56
C GLN D 416 -45.55 -20.20 34.23
N LEU D 417 -44.92 -19.36 33.41
CA LEU D 417 -43.85 -18.49 33.88
C LEU D 417 -44.01 -17.09 33.31
N PRO D 418 -43.56 -16.06 34.04
CA PRO D 418 -43.65 -14.69 33.52
C PRO D 418 -42.74 -14.50 32.32
N PRO D 419 -43.02 -13.51 31.47
CA PRO D 419 -42.14 -13.24 30.34
C PRO D 419 -40.74 -12.88 30.80
N SER D 420 -39.76 -13.24 29.96
CA SER D 420 -38.34 -13.02 30.24
C SER D 420 -37.92 -13.67 31.55
N ALA D 421 -38.46 -14.87 31.79
CA ALA D 421 -38.11 -15.61 33.00
C ALA D 421 -37.91 -17.10 32.74
N VAL D 422 -37.83 -17.52 31.48
CA VAL D 422 -37.62 -18.93 31.14
C VAL D 422 -36.13 -19.14 30.85
N PRO D 423 -35.55 -20.25 31.31
CA PRO D 423 -34.11 -20.48 31.09
C PRO D 423 -33.72 -20.44 29.62
N ALA D 424 -34.55 -21.07 28.78
CA ALA D 424 -34.38 -20.99 27.34
C ALA D 424 -35.47 -20.11 26.73
N GLU D 425 -35.25 -19.67 25.50
CA GLU D 425 -36.18 -18.77 24.83
C GLU D 425 -36.65 -19.26 23.47
N PHE D 426 -36.00 -20.28 22.89
CA PHE D 426 -36.38 -20.78 21.58
C PHE D 426 -36.76 -22.25 21.56
N ALA D 427 -36.42 -23.02 22.59
CA ALA D 427 -36.76 -24.44 22.63
C ALA D 427 -36.71 -24.91 24.08
N TRP D 428 -37.54 -25.89 24.41
CA TRP D 428 -37.60 -26.41 25.77
C TRP D 428 -37.63 -27.92 25.74
N THR D 429 -37.01 -28.53 26.76
CA THR D 429 -36.83 -29.98 26.82
C THR D 429 -37.62 -30.54 28.00
N ILE D 430 -38.39 -31.60 27.74
CA ILE D 430 -39.10 -32.36 28.75
C ILE D 430 -38.40 -33.70 28.89
N LYS D 431 -38.01 -34.06 30.11
CA LYS D 431 -37.33 -35.32 30.37
C LYS D 431 -38.30 -36.29 31.04
N LEU D 432 -38.49 -37.44 30.40
CA LEU D 432 -39.36 -38.50 30.90
C LEU D 432 -38.53 -39.72 31.25
N THR D 433 -38.67 -40.19 32.48
CA THR D 433 -38.05 -41.43 32.92
C THR D 433 -39.14 -42.48 33.13
N GLY D 434 -38.73 -43.75 33.13
CA GLY D 434 -39.70 -44.82 33.25
C GLY D 434 -40.71 -44.84 32.13
N VAL D 435 -40.27 -44.52 30.91
CA VAL D 435 -41.13 -44.44 29.74
C VAL D 435 -40.54 -45.33 28.65
N LYS D 436 -41.38 -46.20 28.10
CA LYS D 436 -40.94 -47.13 27.07
C LYS D 436 -41.19 -46.58 25.67
#